data_5W0J
# 
_entry.id   5W0J 
# 
_audit_conform.dict_name       mmcif_pdbx.dic 
_audit_conform.dict_version    5.362 
_audit_conform.dict_location   http://mmcif.pdb.org/dictionaries/ascii/mmcif_pdbx.dic 
# 
loop_
_database_2.database_id 
_database_2.database_code 
_database_2.pdbx_database_accession 
_database_2.pdbx_DOI 
PDB   5W0J         pdb_00005w0j 10.2210/pdb5w0j/pdb 
WWPDB D_1000228064 ?            ?                   
# 
_pdbx_database_status.status_code                     REL 
_pdbx_database_status.status_code_sf                  REL 
_pdbx_database_status.status_code_mr                  ? 
_pdbx_database_status.entry_id                        5W0J 
_pdbx_database_status.recvd_initial_deposition_date   2017-05-30 
_pdbx_database_status.SG_entry                        N 
_pdbx_database_status.deposit_site                    RCSB 
_pdbx_database_status.process_site                    RCSB 
_pdbx_database_status.status_code_cs                  ? 
_pdbx_database_status.methods_development_category    ? 
_pdbx_database_status.pdb_format_compatible           Y 
_pdbx_database_status.status_code_nmr_data            ? 
# 
loop_
_audit_author.name 
_audit_author.pdbx_ordinal 
_audit_author.identifier_ORCID 
'Spencer, R.K.'  1 0000-0002-1043-3913 
'Hochbaum, A.I.' 2 ?                   
# 
_citation.abstract                  ? 
_citation.abstract_id_CAS           ? 
_citation.book_id_ISBN              ? 
_citation.book_publisher            ? 
_citation.book_publisher_city       ? 
_citation.book_title                ? 
_citation.coordinate_linkage        ? 
_citation.country                   US 
_citation.database_id_Medline       ? 
_citation.details                   ? 
_citation.id                        primary 
_citation.journal_abbrev            Biochemistry 
_citation.journal_id_ASTM           BICHAW 
_citation.journal_id_CSD            0033 
_citation.journal_id_ISSN           1520-4995 
_citation.journal_full              ? 
_citation.journal_issue             ? 
_citation.journal_volume            56 
_citation.language                  ? 
_citation.page_first                5300 
_citation.page_last                 5308 
_citation.title                     
'The Phe-Ile Zipper: A Specific Interaction Motif Drives Antiparallel Coiled-Coil Hexamer Formation.' 
_citation.year                      2017 
_citation.database_id_CSD           ? 
_citation.pdbx_database_id_DOI      10.1021/acs.biochem.7b00756 
_citation.pdbx_database_id_PubMed   28876052 
_citation.unpublished_flag          ? 
# 
loop_
_citation_author.citation_id 
_citation_author.name 
_citation_author.ordinal 
_citation_author.identifier_ORCID 
primary 'Spencer, R.K.'  1 ? 
primary 'Hochbaum, A.I.' 2 ? 
# 
_cell.angle_alpha                  90.00 
_cell.angle_alpha_esd              ? 
_cell.angle_beta                   90.00 
_cell.angle_beta_esd               ? 
_cell.angle_gamma                  120.00 
_cell.angle_gamma_esd              ? 
_cell.entry_id                     5W0J 
_cell.details                      ? 
_cell.formula_units_Z              ? 
_cell.length_a                     52.560 
_cell.length_a_esd                 ? 
_cell.length_b                     52.560 
_cell.length_b_esd                 ? 
_cell.length_c                     93.040 
_cell.length_c_esd                 ? 
_cell.volume                       ? 
_cell.volume_esd                   ? 
_cell.Z_PDB                        36 
_cell.reciprocal_angle_alpha       ? 
_cell.reciprocal_angle_beta        ? 
_cell.reciprocal_angle_gamma       ? 
_cell.reciprocal_angle_alpha_esd   ? 
_cell.reciprocal_angle_beta_esd    ? 
_cell.reciprocal_angle_gamma_esd   ? 
_cell.reciprocal_length_a          ? 
_cell.reciprocal_length_b          ? 
_cell.reciprocal_length_c          ? 
_cell.reciprocal_length_a_esd      ? 
_cell.reciprocal_length_b_esd      ? 
_cell.reciprocal_length_c_esd      ? 
_cell.pdbx_unique_axis             ? 
# 
_symmetry.entry_id                         5W0J 
_symmetry.cell_setting                     ? 
_symmetry.Int_Tables_number                155 
_symmetry.space_group_name_Hall            ? 
_symmetry.space_group_name_H-M             'H 3 2' 
_symmetry.pdbx_full_space_group_name_H-M   ? 
# 
loop_
_entity.id 
_entity.type 
_entity.src_method 
_entity.pdbx_description 
_entity.formula_weight 
_entity.pdbx_number_of_molecules 
_entity.pdbx_ec 
_entity.pdbx_mutation 
_entity.pdbx_fragment 
_entity.details 
1 polymer     syn 'peptide 1'    3438.790 2  ? ? ? ? 
2 non-polymer syn 'CHLORIDE ION' 35.453   1  ? ? ? ? 
3 water       nat water          18.015   11 ? ? ? ? 
# 
_entity_poly.entity_id                      1 
_entity_poly.type                           'polypeptide(L)' 
_entity_poly.nstd_linkage                   no 
_entity_poly.nstd_monomer                   yes 
_entity_poly.pdbx_seq_one_letter_code       '(ACE)ELAQAFKEIAKAFKEIAKAFE(PHI)IAQAIEK(NH2)' 
_entity_poly.pdbx_seq_one_letter_code_can   XELAQAFKEIAKAFKEIAKAFEFIAQAIEKX 
_entity_poly.pdbx_strand_id                 A,B 
_entity_poly.pdbx_target_identifier         ? 
# 
loop_
_entity_poly_seq.entity_id 
_entity_poly_seq.num 
_entity_poly_seq.mon_id 
_entity_poly_seq.hetero 
1 1  ACE n 
1 2  GLU n 
1 3  LEU n 
1 4  ALA n 
1 5  GLN n 
1 6  ALA n 
1 7  PHE n 
1 8  LYS n 
1 9  GLU n 
1 10 ILE n 
1 11 ALA n 
1 12 LYS n 
1 13 ALA n 
1 14 PHE n 
1 15 LYS n 
1 16 GLU n 
1 17 ILE n 
1 18 ALA n 
1 19 LYS n 
1 20 ALA n 
1 21 PHE n 
1 22 GLU n 
1 23 PHI n 
1 24 ILE n 
1 25 ALA n 
1 26 GLN n 
1 27 ALA n 
1 28 ILE n 
1 29 GLU n 
1 30 LYS n 
1 31 NH2 n 
# 
_pdbx_entity_src_syn.entity_id              1 
_pdbx_entity_src_syn.pdbx_src_id            1 
_pdbx_entity_src_syn.pdbx_alt_source_flag   sample 
_pdbx_entity_src_syn.pdbx_beg_seq_num       1 
_pdbx_entity_src_syn.pdbx_end_seq_num       31 
_pdbx_entity_src_syn.organism_scientific    'synthetic construct' 
_pdbx_entity_src_syn.organism_common_name   ? 
_pdbx_entity_src_syn.ncbi_taxonomy_id       32630 
_pdbx_entity_src_syn.details                ? 
# 
_struct_ref.id                         1 
_struct_ref.db_name                    PDB 
_struct_ref.db_code                    5W0J 
_struct_ref.pdbx_db_accession          5W0J 
_struct_ref.pdbx_db_isoform            ? 
_struct_ref.entity_id                  1 
_struct_ref.pdbx_seq_one_letter_code   ? 
_struct_ref.pdbx_align_begin           1 
# 
loop_
_struct_ref_seq.align_id 
_struct_ref_seq.ref_id 
_struct_ref_seq.pdbx_PDB_id_code 
_struct_ref_seq.pdbx_strand_id 
_struct_ref_seq.seq_align_beg 
_struct_ref_seq.pdbx_seq_align_beg_ins_code 
_struct_ref_seq.seq_align_end 
_struct_ref_seq.pdbx_seq_align_end_ins_code 
_struct_ref_seq.pdbx_db_accession 
_struct_ref_seq.db_align_beg 
_struct_ref_seq.pdbx_db_align_beg_ins_code 
_struct_ref_seq.db_align_end 
_struct_ref_seq.pdbx_db_align_end_ins_code 
_struct_ref_seq.pdbx_auth_seq_align_beg 
_struct_ref_seq.pdbx_auth_seq_align_end 
1 1 5W0J A 1 ? 31 ? 5W0J 1 ? 31 ? 1 31 
2 1 5W0J B 1 ? 31 ? 5W0J 1 ? 31 ? 1 31 
# 
loop_
_chem_comp.id 
_chem_comp.type 
_chem_comp.mon_nstd_flag 
_chem_comp.name 
_chem_comp.pdbx_synonyms 
_chem_comp.formula 
_chem_comp.formula_weight 
ACE non-polymer         . 'ACETYL GROUP'     ? 'C2 H4 O'        44.053  
ALA 'L-peptide linking' y ALANINE            ? 'C3 H7 N O2'     89.093  
CL  non-polymer         . 'CHLORIDE ION'     ? 'Cl -1'          35.453  
GLN 'L-peptide linking' y GLUTAMINE          ? 'C5 H10 N2 O3'   146.144 
GLU 'L-peptide linking' y 'GLUTAMIC ACID'    ? 'C5 H9 N O4'     147.129 
HOH non-polymer         . WATER              ? 'H2 O'           18.015  
ILE 'L-peptide linking' y ISOLEUCINE         ? 'C6 H13 N O2'    131.173 
LEU 'L-peptide linking' y LEUCINE            ? 'C6 H13 N O2'    131.173 
LYS 'L-peptide linking' y LYSINE             ? 'C6 H15 N2 O2 1' 147.195 
NH2 non-polymer         . 'AMINO GROUP'      ? 'H2 N'           16.023  
PHE 'L-peptide linking' y PHENYLALANINE      ? 'C9 H11 N O2'    165.189 
PHI 'L-peptide linking' n IODO-PHENYLALANINE ? 'C9 H10 I N O2'  291.086 
# 
_exptl.absorpt_coefficient_mu     ? 
_exptl.absorpt_correction_T_max   ? 
_exptl.absorpt_correction_T_min   ? 
_exptl.absorpt_correction_type    ? 
_exptl.absorpt_process_details    ? 
_exptl.entry_id                   5W0J 
_exptl.crystals_number            1 
_exptl.details                    ? 
_exptl.method                     'X-RAY DIFFRACTION' 
_exptl.method_details             ? 
# 
_exptl_crystal.colour                      ? 
_exptl_crystal.density_diffrn              ? 
_exptl_crystal.density_Matthews            1.87 
_exptl_crystal.density_method              ? 
_exptl_crystal.density_percent_sol         34.12 
_exptl_crystal.description                 ? 
_exptl_crystal.F_000                       ? 
_exptl_crystal.id                          1 
_exptl_crystal.preparation                 ? 
_exptl_crystal.size_max                    ? 
_exptl_crystal.size_mid                    ? 
_exptl_crystal.size_min                    ? 
_exptl_crystal.size_rad                    ? 
_exptl_crystal.colour_lustre               ? 
_exptl_crystal.colour_modifier             ? 
_exptl_crystal.colour_primary              ? 
_exptl_crystal.density_meas                ? 
_exptl_crystal.density_meas_esd            ? 
_exptl_crystal.density_meas_gt             ? 
_exptl_crystal.density_meas_lt             ? 
_exptl_crystal.density_meas_temp           ? 
_exptl_crystal.density_meas_temp_esd       ? 
_exptl_crystal.density_meas_temp_gt        ? 
_exptl_crystal.density_meas_temp_lt        ? 
_exptl_crystal.pdbx_crystal_image_url      ? 
_exptl_crystal.pdbx_crystal_image_format   ? 
_exptl_crystal.pdbx_mosaicity              ? 
_exptl_crystal.pdbx_mosaicity_esd          ? 
# 
_exptl_crystal_grow.apparatus       ? 
_exptl_crystal_grow.atmosphere      ? 
_exptl_crystal_grow.crystal_id      1 
_exptl_crystal_grow.details         ? 
_exptl_crystal_grow.method          'VAPOR DIFFUSION, HANGING DROP' 
_exptl_crystal_grow.method_ref      ? 
_exptl_crystal_grow.pH              6.5 
_exptl_crystal_grow.pressure        ? 
_exptl_crystal_grow.pressure_esd    ? 
_exptl_crystal_grow.seeding         ? 
_exptl_crystal_grow.seeding_ref     ? 
_exptl_crystal_grow.temp            298 
_exptl_crystal_grow.temp_details    ? 
_exptl_crystal_grow.temp_esd        ? 
_exptl_crystal_grow.time            ? 
_exptl_crystal_grow.pdbx_details    '0.1 M sodium formate pH 6.5, 35% PEG 3350' 
_exptl_crystal_grow.pdbx_pH_range   ? 
# 
_diffrn.ambient_environment    ? 
_diffrn.ambient_temp           100 
_diffrn.ambient_temp_details   ? 
_diffrn.ambient_temp_esd       ? 
_diffrn.crystal_id             1 
_diffrn.crystal_support        ? 
_diffrn.crystal_treatment      ? 
_diffrn.details                ? 
_diffrn.id                     1 
_diffrn.ambient_pressure       ? 
_diffrn.ambient_pressure_esd   ? 
_diffrn.ambient_pressure_gt    ? 
_diffrn.ambient_pressure_lt    ? 
_diffrn.ambient_temp_gt        ? 
_diffrn.ambient_temp_lt        ? 
# 
_diffrn_detector.details                      ? 
_diffrn_detector.detector                     CCD 
_diffrn_detector.diffrn_id                    1 
_diffrn_detector.type                         'ADSC QUANTUM 315r' 
_diffrn_detector.area_resol_mean              ? 
_diffrn_detector.dtime                        ? 
_diffrn_detector.pdbx_frames_total            ? 
_diffrn_detector.pdbx_collection_time_total   ? 
_diffrn_detector.pdbx_collection_date         2016-06-30 
# 
_diffrn_radiation.collimation                      ? 
_diffrn_radiation.diffrn_id                        1 
_diffrn_radiation.filter_edge                      ? 
_diffrn_radiation.inhomogeneity                    ? 
_diffrn_radiation.monochromator                    'Double-crystal Si(111) and multilayer' 
_diffrn_radiation.polarisn_norm                    ? 
_diffrn_radiation.polarisn_ratio                   ? 
_diffrn_radiation.probe                            ? 
_diffrn_radiation.type                             ? 
_diffrn_radiation.xray_symbol                      ? 
_diffrn_radiation.wavelength_id                    1 
_diffrn_radiation.pdbx_monochromatic_or_laue_m_l   M 
_diffrn_radiation.pdbx_wavelength_list             ? 
_diffrn_radiation.pdbx_wavelength                  ? 
_diffrn_radiation.pdbx_diffrn_protocol             'SINGLE WAVELENGTH' 
_diffrn_radiation.pdbx_analyzer                    ? 
_diffrn_radiation.pdbx_scattering_type             x-ray 
# 
_diffrn_radiation_wavelength.id           1 
_diffrn_radiation_wavelength.wavelength   1.0 
_diffrn_radiation_wavelength.wt           1.0 
# 
_diffrn_source.current                     ? 
_diffrn_source.details                     ? 
_diffrn_source.diffrn_id                   1 
_diffrn_source.power                       ? 
_diffrn_source.size                        ? 
_diffrn_source.source                      SYNCHROTRON 
_diffrn_source.target                      ? 
_diffrn_source.type                        'ALS BEAMLINE 8.2.1' 
_diffrn_source.voltage                     ? 
_diffrn_source.take-off_angle              ? 
_diffrn_source.pdbx_wavelength_list        1.0 
_diffrn_source.pdbx_wavelength             ? 
_diffrn_source.pdbx_synchrotron_beamline   8.2.1 
_diffrn_source.pdbx_synchrotron_site       ALS 
# 
_reflns.B_iso_Wilson_estimate            ? 
_reflns.entry_id                         5W0J 
_reflns.data_reduction_details           ? 
_reflns.data_reduction_method            ? 
_reflns.d_resolution_high                2.201 
_reflns.d_resolution_low                 40.89 
_reflns.details                          ? 
_reflns.limit_h_max                      ? 
_reflns.limit_h_min                      ? 
_reflns.limit_k_max                      ? 
_reflns.limit_k_min                      ? 
_reflns.limit_l_max                      ? 
_reflns.limit_l_min                      ? 
_reflns.number_all                       ? 
_reflns.number_obs                       5328 
_reflns.observed_criterion               ? 
_reflns.observed_criterion_F_max         ? 
_reflns.observed_criterion_F_min         ? 
_reflns.observed_criterion_I_max         ? 
_reflns.observed_criterion_I_min         ? 
_reflns.observed_criterion_sigma_F       ? 
_reflns.observed_criterion_sigma_I       ? 
_reflns.percent_possible_obs             99.51 
_reflns.R_free_details                   ? 
_reflns.Rmerge_F_all                     ? 
_reflns.Rmerge_F_obs                     ? 
_reflns.Friedel_coverage                 ? 
_reflns.number_gt                        ? 
_reflns.threshold_expression             ? 
_reflns.pdbx_redundancy                  2 
_reflns.pdbx_Rmerge_I_obs                0.070 
_reflns.pdbx_Rmerge_I_all                ? 
_reflns.pdbx_Rsym_value                  ? 
_reflns.pdbx_netI_over_av_sigmaI         ? 
_reflns.pdbx_netI_over_sigmaI            13.9 
_reflns.pdbx_res_netI_over_av_sigmaI_2   ? 
_reflns.pdbx_res_netI_over_sigmaI_2      ? 
_reflns.pdbx_chi_squared                 ? 
_reflns.pdbx_scaling_rejects             ? 
_reflns.pdbx_d_res_high_opt              ? 
_reflns.pdbx_d_res_low_opt               ? 
_reflns.pdbx_d_res_opt_method            ? 
_reflns.phase_calculation_details        ? 
_reflns.pdbx_Rrim_I_all                  ? 
_reflns.pdbx_Rpim_I_all                  0.040 
_reflns.pdbx_d_opt                       ? 
_reflns.pdbx_number_measured_all         ? 
_reflns.pdbx_diffrn_id                   1 
_reflns.pdbx_ordinal                     1 
_reflns.pdbx_CC_half                     0.999 
_reflns.pdbx_R_split                     ? 
# 
_reflns_shell.d_res_high                  2.201 
_reflns_shell.d_res_low                   2.29 
_reflns_shell.meanI_over_sigI_all         ? 
_reflns_shell.meanI_over_sigI_obs         5.5 
_reflns_shell.number_measured_all         ? 
_reflns_shell.number_measured_obs         ? 
_reflns_shell.number_possible             ? 
_reflns_shell.number_unique_all           ? 
_reflns_shell.number_unique_obs           300 
_reflns_shell.percent_possible_all        100 
_reflns_shell.percent_possible_obs        ? 
_reflns_shell.Rmerge_F_all                ? 
_reflns_shell.Rmerge_F_obs                ? 
_reflns_shell.Rmerge_I_all                ? 
_reflns_shell.Rmerge_I_obs                0.270 
_reflns_shell.meanI_over_sigI_gt          ? 
_reflns_shell.meanI_over_uI_all           ? 
_reflns_shell.meanI_over_uI_gt            ? 
_reflns_shell.number_measured_gt          ? 
_reflns_shell.number_unique_gt            ? 
_reflns_shell.percent_possible_gt         ? 
_reflns_shell.Rmerge_F_gt                 ? 
_reflns_shell.Rmerge_I_gt                 ? 
_reflns_shell.pdbx_redundancy             6.9 
_reflns_shell.pdbx_Rsym_value             ? 
_reflns_shell.pdbx_chi_squared            ? 
_reflns_shell.pdbx_netI_over_sigmaI_all   ? 
_reflns_shell.pdbx_netI_over_sigmaI_obs   ? 
_reflns_shell.pdbx_Rrim_I_all             ? 
_reflns_shell.pdbx_Rpim_I_all             0.110 
_reflns_shell.pdbx_rejects                ? 
_reflns_shell.pdbx_ordinal                1 
_reflns_shell.pdbx_diffrn_id              1 
_reflns_shell.pdbx_CC_half                0.96 
_reflns_shell.pdbx_R_split                ? 
# 
_refine.aniso_B[1][1]                            ? 
_refine.aniso_B[1][2]                            ? 
_refine.aniso_B[1][3]                            ? 
_refine.aniso_B[2][2]                            ? 
_refine.aniso_B[2][3]                            ? 
_refine.aniso_B[3][3]                            ? 
_refine.B_iso_max                                ? 
_refine.B_iso_mean                               47.94 
_refine.B_iso_min                                ? 
_refine.correlation_coeff_Fo_to_Fc               ? 
_refine.correlation_coeff_Fo_to_Fc_free          ? 
_refine.details                                  ? 
_refine.diff_density_max                         ? 
_refine.diff_density_max_esd                     ? 
_refine.diff_density_min                         ? 
_refine.diff_density_min_esd                     ? 
_refine.diff_density_rms                         ? 
_refine.diff_density_rms_esd                     ? 
_refine.entry_id                                 5W0J 
_refine.pdbx_refine_id                           'X-RAY DIFFRACTION' 
_refine.ls_abs_structure_details                 ? 
_refine.ls_abs_structure_Flack                   ? 
_refine.ls_abs_structure_Flack_esd               ? 
_refine.ls_abs_structure_Rogers                  ? 
_refine.ls_abs_structure_Rogers_esd              ? 
_refine.ls_d_res_high                            2.201 
_refine.ls_d_res_low                             40.887 
_refine.ls_extinction_coef                       ? 
_refine.ls_extinction_coef_esd                   ? 
_refine.ls_extinction_expression                 ? 
_refine.ls_extinction_method                     ? 
_refine.ls_goodness_of_fit_all                   ? 
_refine.ls_goodness_of_fit_all_esd               ? 
_refine.ls_goodness_of_fit_obs                   ? 
_refine.ls_goodness_of_fit_obs_esd               ? 
_refine.ls_hydrogen_treatment                    ? 
_refine.ls_matrix_type                           ? 
_refine.ls_number_constraints                    ? 
_refine.ls_number_parameters                     ? 
_refine.ls_number_reflns_all                     ? 
_refine.ls_number_reflns_obs                     4864 
_refine.ls_number_reflns_R_free                  475 
_refine.ls_number_reflns_R_work                  ? 
_refine.ls_number_restraints                     ? 
_refine.ls_percent_reflns_obs                    99.59 
_refine.ls_percent_reflns_R_free                 9.77 
_refine.ls_R_factor_all                          ? 
_refine.ls_R_factor_obs                          0.2253 
_refine.ls_R_factor_R_free                       0.2769 
_refine.ls_R_factor_R_free_error                 ? 
_refine.ls_R_factor_R_free_error_details         ? 
_refine.ls_R_factor_R_work                       0.2195 
_refine.ls_R_Fsqd_factor_obs                     ? 
_refine.ls_R_I_factor_obs                        ? 
_refine.ls_redundancy_reflns_all                 ? 
_refine.ls_redundancy_reflns_obs                 ? 
_refine.ls_restrained_S_all                      ? 
_refine.ls_restrained_S_obs                      ? 
_refine.ls_shift_over_esd_max                    ? 
_refine.ls_shift_over_esd_mean                   ? 
_refine.ls_structure_factor_coef                 ? 
_refine.ls_weighting_details                     ? 
_refine.ls_weighting_scheme                      ? 
_refine.ls_wR_factor_all                         ? 
_refine.ls_wR_factor_obs                         ? 
_refine.ls_wR_factor_R_free                      ? 
_refine.ls_wR_factor_R_work                      ? 
_refine.occupancy_max                            ? 
_refine.occupancy_min                            ? 
_refine.solvent_model_details                    ? 
_refine.solvent_model_param_bsol                 ? 
_refine.solvent_model_param_ksol                 ? 
_refine.ls_R_factor_gt                           ? 
_refine.ls_goodness_of_fit_gt                    ? 
_refine.ls_goodness_of_fit_ref                   ? 
_refine.ls_shift_over_su_max                     ? 
_refine.ls_shift_over_su_max_lt                  ? 
_refine.ls_shift_over_su_mean                    ? 
_refine.ls_shift_over_su_mean_lt                 ? 
_refine.pdbx_ls_sigma_I                          ? 
_refine.pdbx_ls_sigma_F                          1.36 
_refine.pdbx_ls_sigma_Fsqd                       ? 
_refine.pdbx_data_cutoff_high_absF               ? 
_refine.pdbx_data_cutoff_high_rms_absF           ? 
_refine.pdbx_data_cutoff_low_absF                ? 
_refine.pdbx_isotropic_thermal_model             ? 
_refine.pdbx_ls_cross_valid_method               'FREE R-VALUE' 
_refine.pdbx_method_to_determine_struct          SAD 
_refine.pdbx_starting_model                      ? 
_refine.pdbx_stereochemistry_target_values       ? 
_refine.pdbx_R_Free_selection_details            ? 
_refine.pdbx_stereochem_target_val_spec_case     ? 
_refine.pdbx_overall_ESU_R                       ? 
_refine.pdbx_overall_ESU_R_Free                  ? 
_refine.pdbx_solvent_vdw_probe_radii             1.11 
_refine.pdbx_solvent_ion_probe_radii             ? 
_refine.pdbx_solvent_shrinkage_radii             0.90 
_refine.pdbx_real_space_R                        ? 
_refine.pdbx_density_correlation                 ? 
_refine.pdbx_pd_number_of_powder_patterns        ? 
_refine.pdbx_pd_number_of_points                 ? 
_refine.pdbx_pd_meas_number_of_points            ? 
_refine.pdbx_pd_proc_ls_prof_R_factor            ? 
_refine.pdbx_pd_proc_ls_prof_wR_factor           ? 
_refine.pdbx_pd_Marquardt_correlation_coeff      ? 
_refine.pdbx_pd_Fsqrd_R_factor                   ? 
_refine.pdbx_pd_ls_matrix_band_width             ? 
_refine.pdbx_overall_phase_error                 31.63 
_refine.pdbx_overall_SU_R_free_Cruickshank_DPI   ? 
_refine.pdbx_overall_SU_R_free_Blow_DPI          ? 
_refine.pdbx_overall_SU_R_Blow_DPI               ? 
_refine.pdbx_TLS_residual_ADP_flag               ? 
_refine.pdbx_diffrn_id                           1 
_refine.overall_SU_B                             ? 
_refine.overall_SU_ML                            0.24 
_refine.overall_SU_R_Cruickshank_DPI             ? 
_refine.overall_SU_R_free                        ? 
_refine.overall_FOM_free_R_set                   ? 
_refine.overall_FOM_work_R_set                   ? 
_refine.pdbx_average_fsc_overall                 ? 
_refine.pdbx_average_fsc_work                    ? 
_refine.pdbx_average_fsc_free                    ? 
# 
_refine_hist.pdbx_refine_id                   'X-RAY DIFFRACTION' 
_refine_hist.cycle_id                         LAST 
_refine_hist.pdbx_number_atoms_protein        454 
_refine_hist.pdbx_number_atoms_nucleic_acid   0 
_refine_hist.pdbx_number_atoms_ligand         21 
_refine_hist.number_atoms_solvent             11 
_refine_hist.number_atoms_total               486 
_refine_hist.d_res_high                       2.201 
_refine_hist.d_res_low                        40.887 
# 
loop_
_refine_ls_restr.pdbx_refine_id 
_refine_ls_restr.criterion 
_refine_ls_restr.dev_ideal 
_refine_ls_restr.dev_ideal_target 
_refine_ls_restr.number 
_refine_ls_restr.rejects 
_refine_ls_restr.type 
_refine_ls_restr.weight 
_refine_ls_restr.pdbx_restraint_function 
'X-RAY DIFFRACTION' ? 0.003  ? 509 ? f_bond_d           ? ? 
'X-RAY DIFFRACTION' ? 0.761  ? 678 ? f_angle_d          ? ? 
'X-RAY DIFFRACTION' ? 16.802 ? 316 ? f_dihedral_angle_d ? ? 
'X-RAY DIFFRACTION' ? 0.131  ? 71  ? f_chiral_restr     ? ? 
'X-RAY DIFFRACTION' ? 0.001  ? 88  ? f_plane_restr      ? ? 
# 
loop_
_refine_ls_shell.pdbx_refine_id 
_refine_ls_shell.d_res_high 
_refine_ls_shell.d_res_low 
_refine_ls_shell.number_reflns_all 
_refine_ls_shell.number_reflns_obs 
_refine_ls_shell.number_reflns_R_free 
_refine_ls_shell.number_reflns_R_work 
_refine_ls_shell.percent_reflns_obs 
_refine_ls_shell.percent_reflns_R_free 
_refine_ls_shell.R_factor_all 
_refine_ls_shell.R_factor_obs 
_refine_ls_shell.R_factor_R_free 
_refine_ls_shell.R_factor_R_free_error 
_refine_ls_shell.R_factor_R_work 
_refine_ls_shell.redundancy_reflns_all 
_refine_ls_shell.redundancy_reflns_obs 
_refine_ls_shell.wR_factor_all 
_refine_ls_shell.wR_factor_obs 
_refine_ls_shell.wR_factor_R_free 
_refine_ls_shell.wR_factor_R_work 
_refine_ls_shell.pdbx_total_number_of_bins_used 
_refine_ls_shell.pdbx_phase_error 
_refine_ls_shell.pdbx_fsc_work 
_refine_ls_shell.pdbx_fsc_free 
'X-RAY DIFFRACTION' 2.2010 2.5195  . . 157 1479 100.00 . . . 0.2598 . 0.2206 . . . . . . . . . . 
'X-RAY DIFFRACTION' 2.5195 3.1741  . . 157 1446 100.00 . . . 0.2706 . 0.2452 . . . . . . . . . . 
'X-RAY DIFFRACTION' 3.1741 40.8944 . . 161 1464 99.00  . . . 0.2851 . 0.2071 . . . . . . . . . . 
# 
_struct.entry_id                     5W0J 
_struct.title                        'Antiparallel coiled coil hexamer formed by de novo peptides (ACC-Hex2).' 
_struct.pdbx_model_details           ? 
_struct.pdbx_formula_weight          ? 
_struct.pdbx_formula_weight_method   ? 
_struct.pdbx_model_type_details      ? 
_struct.pdbx_CASP_flag               N 
# 
_struct_keywords.entry_id        5W0J 
_struct_keywords.text            'antiparallel, hexamer, de novo, phe-ile zipper, DE NOVO PROTEIN' 
_struct_keywords.pdbx_keywords   'DE NOVO PROTEIN' 
# 
loop_
_struct_asym.id 
_struct_asym.pdbx_blank_PDB_chainid_flag 
_struct_asym.pdbx_modified 
_struct_asym.entity_id 
_struct_asym.details 
A N N 1 ? 
B N N 1 ? 
C N N 2 ? 
D N N 3 ? 
E N N 3 ? 
# 
loop_
_struct_conf.conf_type_id 
_struct_conf.id 
_struct_conf.pdbx_PDB_helix_id 
_struct_conf.beg_label_comp_id 
_struct_conf.beg_label_asym_id 
_struct_conf.beg_label_seq_id 
_struct_conf.pdbx_beg_PDB_ins_code 
_struct_conf.end_label_comp_id 
_struct_conf.end_label_asym_id 
_struct_conf.end_label_seq_id 
_struct_conf.pdbx_end_PDB_ins_code 
_struct_conf.beg_auth_comp_id 
_struct_conf.beg_auth_asym_id 
_struct_conf.beg_auth_seq_id 
_struct_conf.end_auth_comp_id 
_struct_conf.end_auth_asym_id 
_struct_conf.end_auth_seq_id 
_struct_conf.pdbx_PDB_helix_class 
_struct_conf.details 
_struct_conf.pdbx_PDB_helix_length 
HELX_P HELX_P1 AA1 GLU A 2 ? LYS A 30 ? GLU A 2 LYS A 30 1 ? 29 
HELX_P HELX_P2 AA2 GLU B 2 ? LYS B 30 ? GLU B 2 LYS B 30 1 ? 29 
# 
_struct_conf_type.id          HELX_P 
_struct_conf_type.criteria    ? 
_struct_conf_type.reference   ? 
# 
loop_
_struct_conn.id 
_struct_conn.conn_type_id 
_struct_conn.pdbx_leaving_atom_flag 
_struct_conn.pdbx_PDB_id 
_struct_conn.ptnr1_label_asym_id 
_struct_conn.ptnr1_label_comp_id 
_struct_conn.ptnr1_label_seq_id 
_struct_conn.ptnr1_label_atom_id 
_struct_conn.pdbx_ptnr1_label_alt_id 
_struct_conn.pdbx_ptnr1_PDB_ins_code 
_struct_conn.pdbx_ptnr1_standard_comp_id 
_struct_conn.ptnr1_symmetry 
_struct_conn.ptnr2_label_asym_id 
_struct_conn.ptnr2_label_comp_id 
_struct_conn.ptnr2_label_seq_id 
_struct_conn.ptnr2_label_atom_id 
_struct_conn.pdbx_ptnr2_label_alt_id 
_struct_conn.pdbx_ptnr2_PDB_ins_code 
_struct_conn.ptnr1_auth_asym_id 
_struct_conn.ptnr1_auth_comp_id 
_struct_conn.ptnr1_auth_seq_id 
_struct_conn.ptnr2_auth_asym_id 
_struct_conn.ptnr2_auth_comp_id 
_struct_conn.ptnr2_auth_seq_id 
_struct_conn.ptnr2_symmetry 
_struct_conn.pdbx_ptnr3_label_atom_id 
_struct_conn.pdbx_ptnr3_label_seq_id 
_struct_conn.pdbx_ptnr3_label_comp_id 
_struct_conn.pdbx_ptnr3_label_asym_id 
_struct_conn.pdbx_ptnr3_label_alt_id 
_struct_conn.pdbx_ptnr3_PDB_ins_code 
_struct_conn.details 
_struct_conn.pdbx_dist_value 
_struct_conn.pdbx_value_order 
_struct_conn.pdbx_role 
covale1 covale both ? A ACE 1  C ? ? ? 1_555 A GLU 2  N ? ? A ACE 1  A GLU 2  1_555 ? ? ? ? ? ? ? 1.329 ? ? 
covale2 covale both ? A GLU 22 C ? ? ? 1_555 A PHI 23 N ? ? A GLU 22 A PHI 23 1_555 ? ? ? ? ? ? ? 1.328 ? ? 
covale3 covale both ? A PHI 23 C ? ? ? 1_555 A ILE 24 N ? ? A PHI 23 A ILE 24 1_555 ? ? ? ? ? ? ? 1.330 ? ? 
covale4 covale both ? A LYS 30 C ? ? ? 1_555 A NH2 31 N ? ? A LYS 30 A NH2 31 1_555 ? ? ? ? ? ? ? 1.448 ? ? 
covale5 covale both ? B ACE 1  C ? ? ? 1_555 B GLU 2  N ? ? B ACE 1  B GLU 2  1_555 ? ? ? ? ? ? ? 1.327 ? ? 
covale6 covale both ? B GLU 22 C ? ? ? 1_555 B PHI 23 N ? ? B GLU 22 B PHI 23 1_555 ? ? ? ? ? ? ? 1.329 ? ? 
covale7 covale both ? B PHI 23 C ? ? ? 1_555 B ILE 24 N ? ? B PHI 23 B ILE 24 1_555 ? ? ? ? ? ? ? 1.332 ? ? 
covale8 covale both ? B LYS 30 C ? ? ? 1_555 B NH2 31 N ? ? B LYS 30 B NH2 31 1_555 ? ? ? ? ? ? ? 1.447 ? ? 
# 
_struct_conn_type.id          covale 
_struct_conn_type.criteria    ? 
_struct_conn_type.reference   ? 
# 
_atom_sites.entry_id                    5W0J 
_atom_sites.fract_transf_matrix[1][1]   -0.01281469 
_atom_sites.fract_transf_matrix[1][2]   0.01109495 
_atom_sites.fract_transf_matrix[1][3]   0.01397658 
_atom_sites.fract_transf_matrix[2][1]   -0.01474698 
_atom_sites.fract_transf_matrix[2][2]   0.01436918 
_atom_sites.fract_transf_matrix[2][3]   -0.00766095 
_atom_sites.fract_transf_matrix[3][1]   -0.00734983 
_atom_sites.fract_transf_matrix[3][2]   -0.00782439 
_atom_sites.fract_transf_matrix[3][3]   -0.00052764 
_atom_sites.fract_transf_vector[1]      0.164388 
_atom_sites.fract_transf_vector[2]      0.331144 
_atom_sites.fract_transf_vector[3]      0.100604 
# 
loop_
_atom_type.symbol 
C  
CL 
H  
I  
N  
O  
# 
loop_
_atom_site.group_PDB 
_atom_site.id 
_atom_site.type_symbol 
_atom_site.label_atom_id 
_atom_site.label_alt_id 
_atom_site.label_comp_id 
_atom_site.label_asym_id 
_atom_site.label_entity_id 
_atom_site.label_seq_id 
_atom_site.pdbx_PDB_ins_code 
_atom_site.Cartn_x 
_atom_site.Cartn_y 
_atom_site.Cartn_z 
_atom_site.occupancy 
_atom_site.B_iso_or_equiv 
_atom_site.pdbx_formal_charge 
_atom_site.auth_seq_id 
_atom_site.auth_comp_id 
_atom_site.auth_asym_id 
_atom_site.auth_atom_id 
_atom_site.pdbx_PDB_model_num 
HETATM 1    C  C    . ACE A 1 1  ? 4.428   13.366  3.077   1.00 59.52  ? 1   ACE A C    1 
HETATM 2    O  O    . ACE A 1 1  ? 3.839   12.286  3.043   1.00 53.43  ? 1   ACE A O    1 
HETATM 3    C  CH3  . ACE A 1 1  ? 5.804   13.547  2.506   1.00 55.60  ? 1   ACE A CH3  1 
ATOM   4    N  N    . GLU A 1 2  ? 3.890   14.456  3.615   1.00 67.34  ? 2   GLU A N    1 
ATOM   5    C  CA   . GLU A 1 2  ? 2.562   14.462  4.220   1.00 68.86  ? 2   GLU A CA   1 
ATOM   6    C  C    . GLU A 1 2  ? 1.475   14.084  3.213   1.00 60.76  ? 2   GLU A C    1 
ATOM   7    O  O    . GLU A 1 2  ? 0.706   13.151  3.441   1.00 57.58  ? 2   GLU A O    1 
ATOM   8    C  CB   . GLU A 1 2  ? 2.265   15.841  4.816   1.00 73.78  ? 2   GLU A CB   1 
ATOM   9    C  CG   . GLU A 1 2  ? 1.688   15.809  6.220   1.00 79.00  ? 2   GLU A CG   1 
ATOM   10   C  CD   . GLU A 1 2  ? 2.150   16.983  7.067   1.00 85.55  ? 2   GLU A CD   1 
ATOM   11   O  OE1  . GLU A 1 2  ? 3.360   17.294  7.052   1.00 89.17  ? 2   GLU A OE1  1 
ATOM   12   O  OE2  . GLU A 1 2  ? 1.300   17.601  7.743   1.00 87.29  ? 2   GLU A OE2  1 
ATOM   13   H  H    . GLU A 1 2  ? 4.287   15.218  3.649   1.00 80.83  ? 2   GLU A H    1 
ATOM   14   H  HA   . GLU A 1 2  ? 2.540   13.813  4.941   1.00 82.66  ? 2   GLU A HA   1 
ATOM   15   H  HB2  . GLU A 1 2  ? 3.090   16.350  4.849   1.00 88.56  ? 2   GLU A HB2  1 
ATOM   16   H  HB3  . GLU A 1 2  ? 1.624   16.295  4.246   1.00 88.56  ? 2   GLU A HB3  1 
ATOM   17   H  HG2  . GLU A 1 2  ? 0.720   15.840  6.165   1.00 94.82  ? 2   GLU A HG2  1 
ATOM   18   H  HG3  . GLU A 1 2  ? 1.970   14.992  6.660   1.00 94.82  ? 2   GLU A HG3  1 
ATOM   19   N  N    . LEU A 1 3  ? 1.416   14.818  2.099   1.00 54.25  ? 3   LEU A N    1 
ATOM   20   C  CA   . LEU A 1 3  ? 0.412   14.534  1.077   1.00 47.87  ? 3   LEU A CA   1 
ATOM   21   C  C    . LEU A 1 3  ? 0.677   13.200  0.391   1.00 43.12  ? 3   LEU A C    1 
ATOM   22   O  O    . LEU A 1 3  ? -0.262  12.448  0.103   1.00 40.12  ? 3   LEU A O    1 
ATOM   23   C  CB   . LEU A 1 3  ? 0.379   15.661  0.045   1.00 47.36  ? 3   LEU A CB   1 
ATOM   24   C  CG   . LEU A 1 3  ? -0.260  16.981  0.477   1.00 52.18  ? 3   LEU A CG   1 
ATOM   25   C  CD1  . LEU A 1 3  ? -0.073  18.036  -0.603  1.00 51.68  ? 3   LEU A CD1  1 
ATOM   26   C  CD2  . LEU A 1 3  ? -1.736  16.794  0.787   1.00 52.82  ? 3   LEU A CD2  1 
ATOM   27   H  H    . LEU A 1 3  ? 1.938   15.476  1.914   1.00 65.13  ? 3   LEU A H    1 
ATOM   28   H  HA   . LEU A 1 3  ? -0.461  14.487  1.497   1.00 57.47  ? 3   LEU A HA   1 
ATOM   29   H  HB2  . LEU A 1 3  ? 1.293   15.857  -0.215  1.00 56.85  ? 3   LEU A HB2  1 
ATOM   30   H  HB3  . LEU A 1 3  ? -0.112  15.346  -0.730  1.00 56.85  ? 3   LEU A HB3  1 
ATOM   31   H  HG   . LEU A 1 3  ? 0.179   17.296  1.284   1.00 62.64  ? 3   LEU A HG   1 
ATOM   32   H  HD11 . LEU A 1 3  ? -0.485  18.864  -0.310  1.00 62.04  ? 3   LEU A HD11 1 
ATOM   33   H  HD12 . LEU A 1 3  ? 0.875   18.172  -0.751  1.00 62.04  ? 3   LEU A HD12 1 
ATOM   34   H  HD13 . LEU A 1 3  ? -0.495  17.728  -1.420  1.00 62.04  ? 3   LEU A HD13 1 
ATOM   35   H  HD21 . LEU A 1 3  ? -2.113  17.647  1.058   1.00 63.41  ? 3   LEU A HD21 1 
ATOM   36   H  HD22 . LEU A 1 3  ? -2.188  16.473  -0.009  1.00 63.41  ? 3   LEU A HD22 1 
ATOM   37   H  HD23 . LEU A 1 3  ? -1.829  16.149  1.505   1.00 63.41  ? 3   LEU A HD23 1 
ATOM   38   N  N    . ALA A 1 4  ? 1.944   12.889  0.113   1.00 43.34  ? 4   ALA A N    1 
ATOM   39   C  CA   . ALA A 1 4  ? 2.273   11.655  -0.595  1.00 45.86  ? 4   ALA A CA   1 
ATOM   40   C  C    . ALA A 1 4  ? 1.673   10.438  0.098   1.00 43.91  ? 4   ALA A C    1 
ATOM   41   O  O    . ALA A 1 4  ? 0.999   9.617   -0.534  1.00 42.39  ? 4   ALA A O    1 
ATOM   42   C  CB   . ALA A 1 4  ? 3.791   11.511  -0.711  1.00 49.44  ? 4   ALA A CB   1 
ATOM   43   H  H    . ALA A 1 4  ? 2.625   13.372  0.323   1.00 51.88  ? 4   ALA A H    1 
ATOM   44   H  HA   . ALA A 1 4  ? 1.907   11.700  -1.492  1.00 55.05  ? 4   ALA A HA   1 
ATOM   45   H  HB1  . ALA A 1 4  ? 3.994   10.687  -1.183  1.00 59.35  ? 4   ALA A HB1  1 
ATOM   46   H  HB2  . ALA A 1 4  ? 4.143   12.269  -1.202  1.00 59.35  ? 4   ALA A HB2  1 
ATOM   47   H  HB3  . ALA A 1 4  ? 4.174   11.484  0.180   1.00 59.35  ? 4   ALA A HB3  1 
ATOM   48   N  N    . GLN A 1 5  ? 1.908   10.305  1.407   1.00 45.77  ? 5   GLN A N    1 
ATOM   49   C  CA   . GLN A 1 5  ? 1.438   9.125   2.125   1.00 46.56  ? 5   GLN A CA   1 
ATOM   50   C  C    . GLN A 1 5  ? -0.082  9.044   2.111   1.00 44.35  ? 5   GLN A C    1 
ATOM   51   O  O    . GLN A 1 5  ? -0.652  7.952   2.003   1.00 44.71  ? 5   GLN A O    1 
ATOM   52   C  CB   . GLN A 1 5  ? 1.962   9.137   3.564   1.00 54.52  ? 5   GLN A CB   1 
ATOM   53   C  CG   . GLN A 1 5  ? 1.150   9.997   4.526   1.00 59.06  ? 5   GLN A CG   1 
ATOM   54   C  CD   . GLN A 1 5  ? 1.800   10.137  5.888   1.00 67.67  ? 5   GLN A CD   1 
ATOM   55   O  OE1  . GLN A 1 5  ? 2.656   9.338   6.271   1.00 71.10  ? 5   GLN A OE1  1 
ATOM   56   N  NE2  . GLN A 1 5  ? 1.398   11.165  6.629   1.00 69.45  ? 5   GLN A NE2  1 
ATOM   57   H  H    . GLN A 1 5  ? 2.331   10.875  1.891   1.00 54.80  ? 5   GLN A H    1 
ATOM   58   H  HA   . GLN A 1 5  ? 1.783   8.331   1.688   1.00 55.74  ? 5   GLN A HA   1 
ATOM   59   H  HB2  . GLN A 1 5  ? 1.955   8.229   3.904   1.00 65.45  ? 5   GLN A HB2  1 
ATOM   60   H  HB3  . GLN A 1 5  ? 2.870   9.478   3.560   1.00 65.45  ? 5   GLN A HB3  1 
ATOM   61   H  HG2  . GLN A 1 5  ? 1.051   10.885  4.148   1.00 70.90  ? 5   GLN A HG2  1 
ATOM   62   H  HG3  . GLN A 1 5  ? 0.277   9.592   4.651   1.00 70.90  ? 5   GLN A HG3  1 
ATOM   63   H  HE21 . GLN A 1 5  ? 0.799   11.705  6.327   1.00 83.37  ? 5   GLN A HE21 1 
ATOM   64   H  HE22 . GLN A 1 5  ? 1.735   11.290  7.410   1.00 83.37  ? 5   GLN A HE22 1 
ATOM   65   N  N    . ALA A 1 6  ? -0.758  10.190  2.212   1.00 44.54  ? 6   ALA A N    1 
ATOM   66   C  CA   . ALA A 1 6  ? -2.217  10.190  2.187   1.00 40.69  ? 6   ALA A CA   1 
ATOM   67   C  C    . ALA A 1 6  ? -2.737  9.618   0.872   1.00 37.73  ? 6   ALA A C    1 
ATOM   68   O  O    . ALA A 1 6  ? -3.630  8.763   0.861   1.00 36.84  ? 6   ALA A O    1 
ATOM   69   C  CB   . ALA A 1 6  ? -2.745  11.607  2.411   1.00 40.30  ? 6   ALA A CB   1 
ATOM   70   H  H    . ALA A 1 6  ? -0.401  10.968  2.296   1.00 53.47  ? 6   ALA A H    1 
ATOM   71   H  HA   . ALA A 1 6  ? -2.546  9.630   2.907   1.00 48.70  ? 6   ALA A HA   1 
ATOM   72   H  HB1  . ALA A 1 6  ? -3.715  11.590  2.391   1.00 48.24  ? 6   ALA A HB1  1 
ATOM   73   H  HB2  . ALA A 1 6  ? -2.437  11.926  3.274   1.00 48.24  ? 6   ALA A HB2  1 
ATOM   74   H  HB3  . ALA A 1 6  ? -2.410  12.185  1.707   1.00 48.24  ? 6   ALA A HB3  1 
ATOM   75   N  N    . PHE A 1 7  ? -2.183  10.078  -0.252  1.00 36.48  ? 7   PHE A N    1 
ATOM   76   C  CA   . PHE A 1 7  ? -2.598  9.541   -1.544  1.00 34.11  ? 7   PHE A CA   1 
ATOM   77   C  C    . PHE A 1 7  ? -2.215  8.074   -1.686  1.00 35.58  ? 7   PHE A C    1 
ATOM   78   O  O    . PHE A 1 7  ? -2.915  7.315   -2.365  1.00 33.24  ? 7   PHE A O    1 
ATOM   79   C  CB   . PHE A 1 7  ? -1.990  10.365  -2.681  1.00 38.90  ? 7   PHE A CB   1 
ATOM   80   C  CG   . PHE A 1 7  ? -2.629  11.715  -2.866  1.00 38.50  ? 7   PHE A CG   1 
ATOM   81   C  CD1  . PHE A 1 7  ? -3.942  11.820  -3.291  1.00 36.91  ? 7   PHE A CD1  1 
ATOM   82   C  CD2  . PHE A 1 7  ? -1.915  12.877  -2.627  1.00 40.02  ? 7   PHE A CD2  1 
ATOM   83   C  CE1  . PHE A 1 7  ? -4.531  13.057  -3.470  1.00 33.55  ? 7   PHE A CE1  1 
ATOM   84   C  CE2  . PHE A 1 7  ? -2.501  14.116  -2.804  1.00 37.81  ? 7   PHE A CE2  1 
ATOM   85   C  CZ   . PHE A 1 7  ? -3.811  14.205  -3.225  1.00 34.35  ? 7   PHE A CZ   1 
ATOM   86   H  H    . PHE A 1 7  ? -1.578  10.688  -0.293  1.00 43.65  ? 7   PHE A H    1 
ATOM   87   H  HA   . PHE A 1 7  ? -3.563  9.605   -1.615  1.00 40.80  ? 7   PHE A HA   1 
ATOM   88   H  HB2  . PHE A 1 7  ? -1.048  10.506  -2.495  1.00 46.70  ? 7   PHE A HB2  1 
ATOM   89   H  HB3  . PHE A 1 7  ? -2.090  9.873   -3.511  1.00 46.70  ? 7   PHE A HB3  1 
ATOM   90   H  HD1  . PHE A 1 7  ? -4.433  11.048  -3.458  1.00 44.31  ? 7   PHE A HD1  1 
ATOM   91   H  HD2  . PHE A 1 7  ? -1.032  12.821  -2.343  1.00 48.05  ? 7   PHE A HD2  1 
ATOM   92   H  HE1  . PHE A 1 7  ? -5.416  13.114  -3.754  1.00 40.28  ? 7   PHE A HE1  1 
ATOM   93   H  HE2  . PHE A 1 7  ? -2.011  14.889  -2.638  1.00 45.40  ? 7   PHE A HE2  1 
ATOM   94   H  HZ   . PHE A 1 7  ? -4.207  15.038  -3.344  1.00 41.24  ? 7   PHE A HZ   1 
ATOM   95   N  N    . LYS A 1 8  ? -1.117  7.655   -1.057  1.00 43.83  ? 8   LYS A N    1 
ATOM   96   C  CA   . LYS A 1 8  ? -0.773  6.238   -1.047  1.00 45.70  ? 8   LYS A CA   1 
ATOM   97   C  C    . LYS A 1 8  ? -1.801  5.434   -0.263  1.00 45.39  ? 8   LYS A C    1 
ATOM   98   O  O    . LYS A 1 8  ? -2.245  4.373   -0.717  1.00 44.87  ? 8   LYS A O    1 
ATOM   99   C  CB   . LYS A 1 8  ? 0.625   6.041   -0.466  1.00 49.78  ? 8   LYS A CB   1 
ATOM   100  C  CG   . LYS A 1 8  ? 1.736   6.567   -1.358  1.00 51.17  ? 8   LYS A CG   1 
ATOM   101  C  CD   . LYS A 1 8  ? 3.092   6.444   -0.691  1.00 55.81  ? 8   LYS A CD   1 
ATOM   102  C  CE   . LYS A 1 8  ? 4.190   7.011   -1.573  1.00 58.19  ? 8   LYS A CE   1 
ATOM   103  N  NZ   . LYS A 1 8  ? 5.518   6.975   -0.905  1.00 63.12  ? 8   LYS A NZ   1 
ATOM   104  H  H    . LYS A 1 8  ? -0.564  8.162   -0.635  1.00 52.62  ? 8   LYS A H    1 
ATOM   105  H  HA   . LYS A 1 8  ? -0.768  5.909   -1.960  1.00 54.87  ? 8   LYS A HA   1 
ATOM   106  H  HB2  . LYS A 1 8  ? 0.680   6.506   0.382   1.00 59.76  ? 8   LYS A HB2  1 
ATOM   107  H  HB3  . LYS A 1 8  ? 0.777   5.092   -0.332  1.00 59.76  ? 8   LYS A HB3  1 
ATOM   108  H  HG2  . LYS A 1 8  ? 1.755   6.056   -2.182  1.00 61.43  ? 8   LYS A HG2  1 
ATOM   109  H  HG3  . LYS A 1 8  ? 1.575   7.505   -1.550  1.00 61.43  ? 8   LYS A HG3  1 
ATOM   110  H  HD2  . LYS A 1 8  ? 3.085   6.938   0.143   1.00 67.00  ? 8   LYS A HD2  1 
ATOM   111  H  HD3  . LYS A 1 8  ? 3.286   5.508   -0.527  1.00 67.00  ? 8   LYS A HD3  1 
ATOM   112  H  HE2  . LYS A 1 8  ? 4.247   6.487   -2.387  1.00 69.86  ? 8   LYS A HE2  1 
ATOM   113  H  HE3  . LYS A 1 8  ? 3.984   7.935   -1.784  1.00 69.86  ? 8   LYS A HE3  1 
ATOM   114  H  HZ1  . LYS A 1 8  ? 6.140   7.313   -1.445  1.00 75.77  ? 8   LYS A HZ1  1 
ATOM   115  H  HZ2  . LYS A 1 8  ? 5.494   7.455   -0.155  1.00 75.77  ? 8   LYS A HZ2  1 
ATOM   116  H  HZ3  . LYS A 1 8  ? 5.735   6.135   -0.704  1.00 75.77  ? 8   LYS A HZ3  1 
ATOM   117  N  N    . GLU A 1 9  ? -2.196  5.924   0.915   1.00 41.46  ? 9   GLU A N    1 
ATOM   118  C  CA   . GLU A 1 9  ? -3.262  5.267   1.662   1.00 42.66  ? 9   GLU A CA   1 
ATOM   119  C  C    . GLU A 1 9  ? -4.550  5.213   0.852   1.00 37.26  ? 9   GLU A C    1 
ATOM   120  O  O    . GLU A 1 9  ? -5.334  4.268   0.993   1.00 37.26  ? 9   GLU A O    1 
ATOM   121  C  CB   . GLU A 1 9  ? -3.498  5.989   2.988   1.00 55.75  ? 9   GLU A CB   1 
ATOM   122  C  CG   . GLU A 1 9  ? -2.312  5.937   3.935   1.00 71.96  ? 9   GLU A CG   1 
ATOM   123  C  CD   . GLU A 1 9  ? -2.517  6.784   5.173   1.00 84.30  ? 9   GLU A CD   1 
ATOM   124  O  OE1  . GLU A 1 9  ? -3.580  7.433   5.280   1.00 86.42  ? 9   GLU A OE1  1 
ATOM   125  O  OE2  . GLU A 1 9  ? -1.617  6.801   6.039   1.00 90.74  ? 9   GLU A OE2  1 
ATOM   126  H  H    . GLU A 1 9  ? -1.868  6.623   1.295   1.00 49.78  ? 9   GLU A H    1 
ATOM   127  H  HA   . GLU A 1 9  ? -2.994  4.356   1.861   1.00 51.22  ? 9   GLU A HA   1 
ATOM   128  H  HB2  . GLU A 1 9  ? -3.691  6.922   2.805   1.00 66.93  ? 9   GLU A HB2  1 
ATOM   129  H  HB3  . GLU A 1 9  ? -4.254  5.579   3.437   1.00 66.93  ? 9   GLU A HB3  1 
ATOM   130  H  HG2  . GLU A 1 9  ? -2.172  5.020   4.217   1.00 86.38  ? 9   GLU A HG2  1 
ATOM   131  H  HG3  . GLU A 1 9  ? -1.524  6.267   3.472   1.00 86.38  ? 9   GLU A HG3  1 
ATOM   132  N  N    . ILE A 1 10 ? -4.780  6.208   -0.006  1.00 35.05  ? 10  ILE A N    1 
ATOM   133  C  CA   . ILE A 1 10 ? -5.973  6.211   -0.845  1.00 32.57  ? 10  ILE A CA   1 
ATOM   134  C  C    . ILE A 1 10 ? -5.855  5.163   -1.943  1.00 31.56  ? 10  ILE A C    1 
ATOM   135  O  O    . ILE A 1 10 ? -6.802  4.412   -2.209  1.00 30.79  ? 10  ILE A O    1 
ATOM   136  C  CB   . ILE A 1 10 ? -6.210  7.623   -1.415  1.00 30.99  ? 10  ILE A CB   1 
ATOM   137  C  CG1  . ILE A 1 10 ? -6.631  8.569   -0.289  1.00 32.13  ? 10  ILE A CG1  1 
ATOM   138  C  CG2  . ILE A 1 10 ? -7.273  7.604   -2.515  1.00 28.79  ? 10  ILE A CG2  1 
ATOM   139  C  CD1  . ILE A 1 10 ? -6.604  10.030  -0.661  1.00 31.32  ? 10  ILE A CD1  1 
ATOM   140  H  H    . ILE A 1 10 ? -4.263  6.885   -0.119  1.00 41.93  ? 10  ILE A H    1 
ATOM   141  H  HA   . ILE A 1 10 ? -6.741  5.981   -0.298  1.00 38.95  ? 10  ILE A HA   1 
ATOM   142  H  HB   . ILE A 1 10 ? -5.378  7.945   -1.795  1.00 37.06  ? 10  ILE A HB   1 
ATOM   143  H  HG12 . ILE A 1 10 ? -7.538  8.349   -0.022  1.00 38.43  ? 10  ILE A HG12 1 
ATOM   144  H  HG13 . ILE A 1 10 ? -6.030  8.444   0.462   1.00 38.43  ? 10  ILE A HG13 1 
ATOM   145  H  HG21 . ILE A 1 10 ? -7.395  8.506   -2.850  1.00 34.57  ? 10  ILE A HG21 1 
ATOM   146  H  HG22 . ILE A 1 10 ? -6.975  7.022   -3.232  1.00 34.57  ? 10  ILE A HG22 1 
ATOM   147  H  HG23 . ILE A 1 10 ? -8.105  7.272   -2.144  1.00 34.57  ? 10  ILE A HG23 1 
ATOM   148  H  HD11 . ILE A 1 10 ? -6.883  10.555  0.105   1.00 37.46  ? 10  ILE A HD11 1 
ATOM   149  H  HD12 . ILE A 1 10 ? -5.700  10.273  -0.918  1.00 37.46  ? 10  ILE A HD12 1 
ATOM   150  H  HD13 . ILE A 1 10 ? -7.211  10.178  -1.403  1.00 37.46  ? 10  ILE A HD13 1 
ATOM   151  N  N    . ALA A 1 11 ? -4.692  5.084   -2.594  1.00 31.88  ? 11  ALA A N    1 
ATOM   152  C  CA   . ALA A 1 11 ? -4.491  4.063   -3.617  1.00 33.07  ? 11  ALA A CA   1 
ATOM   153  C  C    . ALA A 1 11 ? -4.661  2.664   -3.036  1.00 34.19  ? 11  ALA A C    1 
ATOM   154  O  O    . ALA A 1 11 ? -5.199  1.769   -3.698  1.00 33.19  ? 11  ALA A O    1 
ATOM   155  C  CB   . ALA A 1 11 ? -3.108  4.215   -4.248  1.00 32.43  ? 11  ALA A CB   1 
ATOM   156  H  H    . ALA A 1 11 ? -4.018  5.603   -2.465  1.00 38.13  ? 11  ALA A H    1 
ATOM   157  H  HA   . ALA A 1 11 ? -5.154  4.181   -4.315  1.00 39.71  ? 11  ALA A HA   1 
ATOM   158  H  HB1  . ALA A 1 11 ? -2.993  3.529   -4.924  1.00 38.94  ? 11  ALA A HB1  1 
ATOM   159  H  HB2  . ALA A 1 11 ? -3.042  5.094   -4.653  1.00 38.94  ? 11  ALA A HB2  1 
ATOM   160  H  HB3  . ALA A 1 11 ? -2.435  4.117   -3.558  1.00 38.94  ? 11  ALA A HB3  1 
ATOM   161  N  N    . LYS A 1 12 ? -4.209  2.456   -1.798  1.00 35.23  ? 12  LYS A N    1 
ATOM   162  C  CA   . LYS A 1 12 ? -4.377  1.151   -1.166  1.00 38.71  ? 12  LYS A CA   1 
ATOM   163  C  C    . LYS A 1 12 ? -5.849  0.853   -0.905  1.00 38.68  ? 12  LYS A C    1 
ATOM   164  O  O    . LYS A 1 12 ? -6.298  -0.286  -1.080  1.00 37.00  ? 12  LYS A O    1 
ATOM   165  C  CB   . LYS A 1 12 ? -3.577  1.087   0.136   1.00 48.66  ? 12  LYS A CB   1 
ATOM   166  C  CG   . LYS A 1 12 ? -3.759  -0.205  0.930   1.00 57.34  ? 12  LYS A CG   1 
ATOM   167  C  CD   . LYS A 1 12 ? -3.234  -1.421  0.177   1.00 62.91  ? 12  LYS A CD   1 
ATOM   168  C  CE   . LYS A 1 12 ? -3.772  -2.714  0.763   1.00 68.95  ? 12  LYS A CE   1 
ATOM   169  N  NZ   . LYS A 1 12 ? -3.505  -2.825  2.221   1.00 74.04  ? 12  LYS A NZ   1 
ATOM   170  H  H    . LYS A 1 12 ? -3.810  3.043   -1.313  1.00 42.15  ? 12  LYS A H    1 
ATOM   171  H  HA   . LYS A 1 12 ? -4.035  0.466   -1.762  1.00 46.47  ? 12  LYS A HA   1 
ATOM   172  H  HB2  . LYS A 1 12 ? -2.635  1.173   -0.076  1.00 58.42  ? 12  LYS A HB2  1 
ATOM   173  H  HB3  . LYS A 1 12 ? -3.851  1.823   0.705   1.00 58.42  ? 12  LYS A HB3  1 
ATOM   174  H  HG2  . LYS A 1 12 ? -3.273  -0.136  1.767   1.00 68.84  ? 12  LYS A HG2  1 
ATOM   175  H  HG3  . LYS A 1 12 ? -4.704  -0.343  1.103   1.00 68.84  ? 12  LYS A HG3  1 
ATOM   176  H  HD2  . LYS A 1 12 ? -3.512  -1.367  -0.751  1.00 75.52  ? 12  LYS A HD2  1 
ATOM   177  H  HD3  . LYS A 1 12 ? -2.265  -1.440  0.236   1.00 75.52  ? 12  LYS A HD3  1 
ATOM   178  H  HE2  . LYS A 1 12 ? -4.732  -2.748  0.628   1.00 82.76  ? 12  LYS A HE2  1 
ATOM   179  H  HE3  . LYS A 1 12 ? -3.346  -3.465  0.319   1.00 82.76  ? 12  LYS A HE3  1 
ATOM   180  H  HZ1  . LYS A 1 12 ? -3.891  -2.150  2.653   1.00 88.88  ? 12  LYS A HZ1  1 
ATOM   181  H  HZ2  . LYS A 1 12 ? -3.832  -3.593  2.532   1.00 88.88  ? 12  LYS A HZ2  1 
ATOM   182  H  HZ3  . LYS A 1 12 ? -2.628  -2.802  2.372   1.00 88.88  ? 12  LYS A HZ3  1 
ATOM   183  N  N    . ALA A 1 13 ? -6.618  1.859   -0.486  1.00 42.31  ? 13  ALA A N    1 
ATOM   184  C  CA   . ALA A 1 13 ? -8.034  1.635   -0.219  1.00 41.81  ? 13  ALA A CA   1 
ATOM   185  C  C    . ALA A 1 13 ? -8.786  1.275   -1.494  1.00 35.28  ? 13  ALA A C    1 
ATOM   186  O  O    . ALA A 1 13 ? -9.677  0.418   -1.473  1.00 34.88  ? 13  ALA A O    1 
ATOM   187  C  CB   . ALA A 1 13 ? -8.648  2.872   0.434   1.00 44.97  ? 13  ALA A CB   1 
ATOM   188  H  H    . ALA A 1 13 ? -6.349  2.664   -0.352  1.00 50.80  ? 13  ALA A H    1 
ATOM   189  H  HA   . ALA A 1 13 ? -8.125  0.894   0.400   1.00 50.20  ? 13  ALA A HA   1 
ATOM   190  H  HB1  . ALA A 1 13 ? -9.588  2.705   0.604   1.00 53.98  ? 13  ALA A HB1  1 
ATOM   191  H  HB2  . ALA A 1 13 ? -8.187  3.049   1.269   1.00 53.98  ? 13  ALA A HB2  1 
ATOM   192  H  HB3  . ALA A 1 13 ? -8.548  3.628   -0.166  1.00 53.98  ? 13  ALA A HB3  1 
ATOM   193  N  N    . PHE A 1 14 ? -8.446  1.914   -2.616  1.00 34.69  ? 14  PHE A N    1 
ATOM   194  C  CA   . PHE A 1 14 ? -9.129  1.596   -3.866  1.00 32.09  ? 14  PHE A CA   1 
ATOM   195  C  C    . PHE A 1 14 ? -8.758  0.206   -4.368  1.00 32.64  ? 14  PHE A C    1 
ATOM   196  O  O    . PHE A 1 14 ? -9.569  -0.444  -5.038  1.00 32.11  ? 14  PHE A O    1 
ATOM   197  C  CB   . PHE A 1 14 ? -8.820  2.652   -4.929  1.00 30.53  ? 14  PHE A CB   1 
ATOM   198  C  CG   . PHE A 1 14 ? -9.610  3.926   -4.768  1.00 29.25  ? 14  PHE A CG   1 
ATOM   199  C  CD1  . PHE A 1 14 ? -10.989 3.920   -4.879  1.00 32.96  ? 14  PHE A CD1  1 
ATOM   200  C  CD2  . PHE A 1 14 ? -8.972  5.127   -4.513  1.00 28.02  ? 14  PHE A CD2  1 
ATOM   201  C  CE1  . PHE A 1 14 ? -11.719 5.089   -4.731  1.00 31.46  ? 14  PHE A CE1  1 
ATOM   202  C  CE2  . PHE A 1 14 ? -9.694  6.296   -4.365  1.00 28.15  ? 14  PHE A CE2  1 
ATOM   203  C  CZ   . PHE A 1 14 ? -11.067 6.279   -4.475  1.00 28.80  ? 14  PHE A CZ   1 
ATOM   204  H  H    . PHE A 1 14 ? -7.841  2.521   -2.677  1.00 41.65  ? 14  PHE A H    1 
ATOM   205  H  HA   . PHE A 1 14 ? -10.086 1.606   -3.708  1.00 38.53  ? 14  PHE A HA   1 
ATOM   206  H  HB2  . PHE A 1 14 ? -7.879  2.878   -4.879  1.00 36.66  ? 14  PHE A HB2  1 
ATOM   207  H  HB3  . PHE A 1 14 ? -9.025  2.284   -5.803  1.00 36.66  ? 14  PHE A HB3  1 
ATOM   208  H  HD1  . PHE A 1 14 ? -11.433 3.120   -5.051  1.00 39.58  ? 14  PHE A HD1  1 
ATOM   209  H  HD2  . PHE A 1 14 ? -8.045  5.147   -4.437  1.00 33.65  ? 14  PHE A HD2  1 
ATOM   210  H  HE1  . PHE A 1 14 ? -12.646 5.072   -4.807  1.00 37.78  ? 14  PHE A HE1  1 
ATOM   211  H  HE2  . PHE A 1 14 ? -9.253  7.097   -4.192  1.00 33.80  ? 14  PHE A HE2  1 
ATOM   212  H  HZ   . PHE A 1 14 ? -11.553 7.066   -4.377  1.00 34.58  ? 14  PHE A HZ   1 
ATOM   213  N  N    . LYS A 1 15 ? -7.552  -0.274  -4.057  1.00 35.84  ? 15  LYS A N    1 
ATOM   214  C  CA   . LYS A 1 15 ? -7.198  -1.639  -4.429  1.00 38.20  ? 15  LYS A CA   1 
ATOM   215  C  C    . LYS A 1 15 ? -7.996  -2.652  -3.619  1.00 37.25  ? 15  LYS A C    1 
ATOM   216  O  O    . LYS A 1 15 ? -8.438  -3.674  -4.155  1.00 36.78  ? 15  LYS A O    1 
ATOM   217  C  CB   . LYS A 1 15 ? -5.698  -1.868  -4.249  1.00 50.55  ? 15  LYS A CB   1 
ATOM   218  C  CG   . LYS A 1 15 ? -4.851  -1.274  -5.365  1.00 59.67  ? 15  LYS A CG   1 
ATOM   219  C  CD   . LYS A 1 15 ? -3.429  -1.820  -5.353  1.00 72.42  ? 15  LYS A CD   1 
ATOM   220  C  CE   . LYS A 1 15 ? -2.635  -1.313  -4.161  1.00 82.35  ? 15  LYS A CE   1 
ATOM   221  N  NZ   . LYS A 1 15 ? -2.426  0.162   -4.212  1.00 85.75  ? 15  LYS A NZ   1 
ATOM   222  H  H    . LYS A 1 15 ? -6.937  0.161   -3.642  1.00 43.04  ? 15  LYS A H    1 
ATOM   223  H  HA   . LYS A 1 15 ? -7.409  -1.774  -5.365  1.00 45.86  ? 15  LYS A HA   1 
ATOM   224  H  HB2  . LYS A 1 15 ? -5.417  -1.460  -3.415  1.00 60.68  ? 15  LYS A HB2  1 
ATOM   225  H  HB3  . LYS A 1 15 ? -5.527  -2.822  -4.222  1.00 60.68  ? 15  LYS A HB3  1 
ATOM   226  H  HG2  . LYS A 1 15 ? -5.251  -1.495  -6.221  1.00 71.63  ? 15  LYS A HG2  1 
ATOM   227  H  HG3  . LYS A 1 15 ? -4.806  -0.312  -5.255  1.00 71.63  ? 15  LYS A HG3  1 
ATOM   228  H  HD2  . LYS A 1 15 ? -3.460  -2.789  -5.306  1.00 86.93  ? 15  LYS A HD2  1 
ATOM   229  H  HD3  . LYS A 1 15 ? -2.973  -1.540  -6.162  1.00 86.93  ? 15  LYS A HD3  1 
ATOM   230  H  HE2  . LYS A 1 15 ? -3.117  -1.521  -3.345  1.00 98.84  ? 15  LYS A HE2  1 
ATOM   231  H  HE3  . LYS A 1 15 ? -1.764  -1.741  -4.153  1.00 98.84  ? 15  LYS A HE3  1 
ATOM   232  H  HZ1  . LYS A 1 15 ? -1.958  0.426   -3.502  1.00 102.92 ? 15  LYS A HZ1  1 
ATOM   233  H  HZ2  . LYS A 1 15 ? -1.979  0.379   -4.950  1.00 102.92 ? 15  LYS A HZ2  1 
ATOM   234  H  HZ3  . LYS A 1 15 ? -3.211  0.579   -4.215  1.00 102.92 ? 15  LYS A HZ3  1 
ATOM   235  N  N    . GLU A 1 16 ? -8.194  -2.388  -2.326  1.00 35.29  ? 16  GLU A N    1 
ATOM   236  C  CA   . GLU A 1 16 ? -9.070  -3.240  -1.530  1.00 36.84  ? 16  GLU A CA   1 
ATOM   237  C  C    . GLU A 1 16 ? -10.498 -3.197  -2.059  1.00 35.28  ? 16  GLU A C    1 
ATOM   238  O  O    . GLU A 1 16 ? -11.208 -4.210  -2.044  1.00 36.24  ? 16  GLU A O    1 
ATOM   239  C  CB   . GLU A 1 16 ? -9.030  -2.811  -0.064  1.00 53.61  ? 16  GLU A CB   1 
ATOM   240  C  CG   . GLU A 1 16 ? -7.639  -2.806  0.543   1.00 70.61  ? 16  GLU A CG   1 
ATOM   241  C  CD   . GLU A 1 16 ? -7.619  -2.230  1.945   1.00 84.83  ? 16  GLU A CD   1 
ATOM   242  O  OE1  . GLU A 1 16 ? -8.173  -2.872  2.862   1.00 91.30  ? 16  GLU A OE1  1 
ATOM   243  O  OE2  . GLU A 1 16 ? -7.059  -1.126  2.129   1.00 88.39  ? 16  GLU A OE2  1 
ATOM   244  H  H    . GLU A 1 16 ? -7.840  -1.732  -1.895  1.00 42.22  ? 16  GLU A H    1 
ATOM   245  H  HA   . GLU A 1 16 ? -8.756  -4.157  -1.585  1.00 44.08  ? 16  GLU A HA   1 
ATOM   246  H  HB2  . GLU A 1 16 ? -9.388  -1.913  0.008   1.00 64.35  ? 16  GLU A HB2  1 
ATOM   247  H  HB3  . GLU A 1 16 ? -9.576  -3.424  0.455   1.00 64.35  ? 16  GLU A HB3  1 
ATOM   248  H  HG2  . GLU A 1 16 ? -7.308  -3.717  0.587   1.00 84.75  ? 16  GLU A HG2  1 
ATOM   249  H  HG3  . GLU A 1 16 ? -7.054  -2.267  -0.013  1.00 84.75  ? 16  GLU A HG3  1 
ATOM   250  N  N    . ILE A 1 17 ? -10.937 -2.032  -2.534  1.00 33.17  ? 17  ILE A N    1 
ATOM   251  C  CA   . ILE A 1 17 ? -12.275 -1.921  -3.108  1.00 32.01  ? 17  ILE A CA   1 
ATOM   252  C  C    . ILE A 1 17 ? -12.376 -2.764  -4.374  1.00 34.33  ? 17  ILE A C    1 
ATOM   253  O  O    . ILE A 1 17 ? -13.344 -3.507  -4.568  1.00 34.61  ? 17  ILE A O    1 
ATOM   254  C  CB   . ILE A 1 17 ? -12.620 -0.442  -3.366  1.00 30.20  ? 17  ILE A CB   1 
ATOM   255  C  CG1  . ILE A 1 17 ? -12.947 0.243   -2.038  1.00 31.59  ? 17  ILE A CG1  1 
ATOM   256  C  CG2  . ILE A 1 17 ? -13.798 -0.307  -4.333  1.00 28.92  ? 17  ILE A CG2  1 
ATOM   257  C  CD1  . ILE A 1 17 ? -12.977 1.744   -2.106  1.00 31.62  ? 17  ILE A CD1  1 
ATOM   258  H  H    . ILE A 1 17 ? -10.487 -1.299  -2.535  1.00 39.68  ? 17  ILE A H    1 
ATOM   259  H  HA   . ILE A 1 17 ? -12.918 -2.267  -2.470  1.00 38.44  ? 17  ILE A HA   1 
ATOM   260  H  HB   . ILE A 1 17 ? -11.846 -0.008  -3.757  1.00 36.11  ? 17  ILE A HB   1 
ATOM   261  H  HG12 . ILE A 1 17 ? -13.822 -0.055  -1.742  1.00 37.93  ? 17  ILE A HG12 1 
ATOM   262  H  HG13 . ILE A 1 17 ? -12.277 -0.009  -1.384  1.00 37.93  ? 17  ILE A HG13 1 
ATOM   263  H  HG21 . ILE A 1 17 ? -13.985 0.635   -4.472  1.00 34.58  ? 17  ILE A HG21 1 
ATOM   264  H  HG22 . ILE A 1 17 ? -13.565 -0.725  -5.177  1.00 34.58  ? 17  ILE A HG22 1 
ATOM   265  H  HG23 . ILE A 1 17 ? -14.573 -0.746  -3.950  1.00 34.58  ? 17  ILE A HG23 1 
ATOM   266  H  HD11 . ILE A 1 17 ? -13.190 2.096   -1.227  1.00 37.97  ? 17  ILE A HD11 1 
ATOM   267  H  HD12 . ILE A 1 17 ? -12.106 2.064   -2.387  1.00 37.97  ? 17  ILE A HD12 1 
ATOM   268  H  HD13 . ILE A 1 17 ? -13.653 2.018   -2.745  1.00 37.97  ? 17  ILE A HD13 1 
ATOM   269  N  N    . ALA A 1 18 ? -11.366 -2.674  -5.244  1.00 35.39  ? 18  ALA A N    1 
ATOM   270  C  CA   . ALA A 1 18 ? -11.343 -3.504  -6.445  1.00 36.89  ? 18  ALA A CA   1 
ATOM   271  C  C    . ALA A 1 18 ? -11.432 -4.981  -6.091  1.00 37.41  ? 18  ALA A C    1 
ATOM   272  O  O    . ALA A 1 18 ? -12.181 -5.737  -6.717  1.00 38.09  ? 18  ALA A O    1 
ATOM   273  C  CB   . ALA A 1 18 ? -10.076 -3.225  -7.251  1.00 36.00  ? 18  ALA A CB   1 
ATOM   274  H  H    . ALA A 1 18 ? -10.692 -2.147  -5.162  1.00 42.50  ? 18  ALA A H    1 
ATOM   275  H  HA   . ALA A 1 18 ? -12.107 -3.280  -6.999  1.00 44.30  ? 18  ALA A HA   1 
ATOM   276  H  HB1  . ALA A 1 18 ? -10.078 -3.784  -8.043  1.00 43.23  ? 18  ALA A HB1  1 
ATOM   277  H  HB2  . ALA A 1 18 ? -10.063 -2.289  -7.504  1.00 43.23  ? 18  ALA A HB2  1 
ATOM   278  H  HB3  . ALA A 1 18 ? -9.303  -3.429  -6.702  1.00 43.23  ? 18  ALA A HB3  1 
ATOM   279  N  N    A LYS A 1 19 ? -10.652 -5.411  -5.094  0.57 40.07  ? 19  LYS A N    1 
ATOM   280  N  N    B LYS A 1 19 ? -10.676 -5.412  -5.078  0.43 40.14  ? 19  LYS A N    1 
ATOM   281  C  CA   A LYS A 1 19 ? -10.722 -6.794  -4.631  0.57 41.43  ? 19  LYS A CA   1 
ATOM   282  C  CA   B LYS A 1 19 ? -10.735 -6.808  -4.661  0.43 42.30  ? 19  LYS A CA   1 
ATOM   283  C  C    A LYS A 1 19 ? -12.142 -7.170  -4.236  0.57 40.77  ? 19  LYS A C    1 
ATOM   284  C  C    B LYS A 1 19 ? -12.139 -7.190  -4.211  0.43 41.01  ? 19  LYS A C    1 
ATOM   285  O  O    A LYS A 1 19 ? -12.633 -8.248  -4.594  0.57 42.54  ? 19  LYS A O    1 
ATOM   286  O  O    B LYS A 1 19 ? -12.617 -8.291  -4.509  0.43 42.45  ? 19  LYS A O    1 
ATOM   287  C  CB   A LYS A 1 19 ? -9.779  -6.997  -3.444  0.57 46.13  ? 19  LYS A CB   1 
ATOM   288  C  CB   B LYS A 1 19 ? -9.726  -7.065  -3.542  0.43 46.06  ? 19  LYS A CB   1 
ATOM   289  C  CG   A LYS A 1 19 ? -8.390  -7.499  -3.807  0.57 48.52  ? 19  LYS A CG   1 
ATOM   290  C  CG   B LYS A 1 19 ? -8.272  -6.991  -3.981  0.43 47.49  ? 19  LYS A CG   1 
ATOM   291  C  CD   A LYS A 1 19 ? -7.395  -7.272  -2.669  0.57 49.61  ? 19  LYS A CD   1 
ATOM   292  C  CD   B LYS A 1 19 ? -7.331  -7.348  -2.840  0.43 49.52  ? 19  LYS A CD   1 
ATOM   293  C  CE   A LYS A 1 19 ? -7.889  -7.840  -1.342  0.57 50.92  ? 19  LYS A CE   1 
ATOM   294  C  CE   B LYS A 1 19 ? -5.876  -7.304  -3.278  0.43 49.48  ? 19  LYS A CE   1 
ATOM   295  N  NZ   A LYS A 1 19 ? -6.922  -7.595  -0.238  0.57 50.27  ? 19  LYS A NZ   1 
ATOM   296  N  NZ   B LYS A 1 19 ? -5.476  -5.952  -3.748  0.43 45.30  ? 19  LYS A NZ   1 
ATOM   297  H  H    A LYS A 1 19 ? -10.081 -4.924  -4.674  0.57 48.11  ? 19  LYS A H    1 
ATOM   298  H  H    B LYS A 1 19 ? -10.133 -4.922  -4.624  0.43 48.20  ? 19  LYS A H    1 
ATOM   299  H  HA   A LYS A 1 19 ? -10.441 -7.384  -5.347  0.57 49.74  ? 19  LYS A HA   1 
ATOM   300  H  HA   B LYS A 1 19 ? -10.498 -7.372  -5.413  0.43 50.79  ? 19  LYS A HA   1 
ATOM   301  H  HB2  A LYS A 1 19 ? -9.671  -6.148  -2.987  0.57 55.38  ? 19  LYS A HB2  1 
ATOM   302  H  HB2  B LYS A 1 19 ? -9.859  -6.403  -2.845  0.43 55.30  ? 19  LYS A HB2  1 
ATOM   303  H  HB3  A LYS A 1 19 ? -10.176 -7.644  -2.841  0.57 55.38  ? 19  LYS A HB3  1 
ATOM   304  H  HB3  B LYS A 1 19 ? -9.880  -7.954  -3.182  0.43 55.30  ? 19  LYS A HB3  1 
ATOM   305  H  HG2  A LYS A 1 19 ? -8.433  -8.451  -3.989  0.57 58.25  ? 19  LYS A HG2  1 
ATOM   306  H  HG2  B LYS A 1 19 ? -8.124  -7.619  -4.705  0.43 57.01  ? 19  LYS A HG2  1 
ATOM   307  H  HG3  A LYS A 1 19 ? -8.072  -7.023  -4.590  0.57 58.25  ? 19  LYS A HG3  1 
ATOM   308  H  HG3  B LYS A 1 19 ? -8.070  -6.088  -4.272  0.43 57.01  ? 19  LYS A HG3  1 
ATOM   309  H  HD2  A LYS A 1 19 ? -6.557  -7.708  -2.890  0.57 59.55  ? 19  LYS A HD2  1 
ATOM   310  H  HD2  B LYS A 1 19 ? -7.450  -6.711  -2.117  0.43 59.45  ? 19  LYS A HD2  1 
ATOM   311  H  HD3  A LYS A 1 19 ? -7.255  -6.318  -2.555  0.57 59.55  ? 19  LYS A HD3  1 
ATOM   312  H  HD3  B LYS A 1 19 ? -7.528  -8.245  -2.531  0.43 59.45  ? 19  LYS A HD3  1 
ATOM   313  H  HE2  A LYS A 1 19 ? -8.730  -7.417  -1.108  0.57 61.13  ? 19  LYS A HE2  1 
ATOM   314  H  HE2  B LYS A 1 19 ? -5.311  -7.544  -2.528  0.43 59.41  ? 19  LYS A HE2  1 
ATOM   315  H  HE3  A LYS A 1 19 ? -8.011  -8.798  -1.431  0.57 61.13  ? 19  LYS A HE3  1 
ATOM   316  H  HE3  B LYS A 1 19 ? -5.745  -7.929  -4.008  0.43 59.41  ? 19  LYS A HE3  1 
ATOM   317  H  HZ1  A LYS A 1 19 ? -7.236  -7.936  0.522   0.57 60.35  ? 19  LYS A HZ1  1 
ATOM   318  H  HZ1  B LYS A 1 19 ? -5.582  -5.358  -3.093  0.43 54.39  ? 19  LYS A HZ1  1 
ATOM   319  H  HZ2  A LYS A 1 19 ? -6.142  -7.978  -0.428  0.57 60.35  ? 19  LYS A HZ2  1 
ATOM   320  H  HZ2  B LYS A 1 19 ? -5.979  -5.709  -4.441  0.43 54.39  ? 19  LYS A HZ2  1 
ATOM   321  H  HZ3  A LYS A 1 19 ? -6.797  -6.720  -0.134  0.57 60.35  ? 19  LYS A HZ3  1 
ATOM   322  H  HZ3  B LYS A 1 19 ? -4.622  -5.958  -3.998  0.43 54.39  ? 19  LYS A HZ3  1 
ATOM   323  N  N    . ALA A 1 20 ? -12.818 -6.294  -3.489  1.00 38.54  ? 20  ALA A N    1 
ATOM   324  C  CA   . ALA A 1 20 ? -14.159 -6.606  -3.008  1.00 37.53  ? 20  ALA A CA   1 
ATOM   325  C  C    . ALA A 1 20 ? -15.139 -6.776  -4.164  1.00 36.38  ? 20  ALA A C    1 
ATOM   326  O  O    . ALA A 1 20 ? -15.998 -7.663  -4.132  1.00 37.83  ? 20  ALA A O    1 
ATOM   327  C  CB   . ALA A 1 20 ? -14.641 -5.515  -2.055  1.00 37.48  ? 20  ALA A CB   1 
ATOM   328  H  H    . ALA A 1 20 ? -12.525 -5.519  -3.262  1.00 46.27  ? 20  ALA A H    1 
ATOM   329  H  HA   . ALA A 1 20 ? -14.130 -7.442  -2.517  1.00 44.91  ? 20  ALA A HA   1 
ATOM   330  H  HB1  . ALA A 1 20 ? -15.533 -5.738  -1.745  1.00 44.85  ? 20  ALA A HB1  1 
ATOM   331  H  HB2  . ALA A 1 20 ? -14.032 -5.463  -1.301  1.00 44.85  ? 20  ALA A HB2  1 
ATOM   332  H  HB3  . ALA A 1 20 ? -14.657 -4.667  -2.526  1.00 44.85  ? 20  ALA A HB3  1 
ATOM   333  N  N    . PHE A 1 21 ? -15.032 -5.935  -5.194  1.00 34.09  ? 21  PHE A N    1 
ATOM   334  C  CA   . PHE A 1 21 ? -15.949 -6.053  -6.322  1.00 34.56  ? 21  PHE A CA   1 
ATOM   335  C  C    . PHE A 1 21 ? -15.652 -7.289  -7.162  1.00 41.03  ? 21  PHE A C    1 
ATOM   336  O  O    . PHE A 1 21 ? -16.559 -7.830  -7.805  1.00 42.96  ? 21  PHE A O    1 
ATOM   337  C  CB   . PHE A 1 21 ? -15.896 -4.791  -7.181  1.00 33.72  ? 21  PHE A CB   1 
ATOM   338  C  CG   . PHE A 1 21 ? -16.684 -3.642  -6.612  1.00 34.73  ? 21  PHE A CG   1 
ATOM   339  C  CD1  . PHE A 1 21 ? -18.064 -3.703  -6.538  1.00 34.52  ? 21  PHE A CD1  1 
ATOM   340  C  CD2  . PHE A 1 21 ? -16.045 -2.503  -6.157  1.00 31.67  ? 21  PHE A CD2  1 
ATOM   341  C  CE1  . PHE A 1 21 ? -18.792 -2.651  -6.016  1.00 32.67  ? 21  PHE A CE1  1 
ATOM   342  C  CE2  . PHE A 1 21 ? -16.768 -1.449  -5.637  1.00 31.72  ? 21  PHE A CE2  1 
ATOM   343  C  CZ   . PHE A 1 21 ? -18.140 -1.523  -5.563  1.00 30.19  ? 21  PHE A CZ   1 
ATOM   344  H  H    . PHE A 1 21 ? -14.452 -5.303  -5.262  1.00 40.78  ? 21  PHE A H    1 
ATOM   345  H  HA   . PHE A 1 21 ? -16.853 -6.139  -5.980  1.00 41.49  ? 21  PHE A HA   1 
ATOM   346  H  HB2  . PHE A 1 21 ? -14.973 -4.507  -7.263  1.00 40.49  ? 21  PHE A HB2  1 
ATOM   347  H  HB3  . PHE A 1 21 ? -16.259 -4.995  -8.058  1.00 40.49  ? 21  PHE A HB3  1 
ATOM   348  H  HD1  . PHE A 1 21 ? -18.508 -4.463  -6.840  1.00 41.45  ? 21  PHE A HD1  1 
ATOM   349  H  HD2  . PHE A 1 21 ? -15.117 -2.447  -6.202  1.00 38.03  ? 21  PHE A HD2  1 
ATOM   350  H  HE1  . PHE A 1 21 ? -19.719 -2.704  -5.969  1.00 39.23  ? 21  PHE A HE1  1 
ATOM   351  H  HE2  . PHE A 1 21 ? -16.327 -0.688  -5.331  1.00 38.09  ? 21  PHE A HE2  1 
ATOM   352  H  HZ   . PHE A 1 21 ? -18.628 -0.812  -5.213  1.00 36.11  ? 21  PHE A HZ   1 
ATOM   353  N  N    . GLU A 1 22 ? -14.405 -7.747  -7.177  1.00 43.38  ? 22  GLU A N    1 
ATOM   354  C  CA   . GLU A 1 22 ? -14.075 -9.007  -7.838  1.00 48.62  ? 22  GLU A CA   1 
ATOM   355  C  C    . GLU A 1 22 ? -14.731 -10.157 -7.085  1.00 39.16  ? 22  GLU A C    1 
ATOM   356  O  O    . GLU A 1 22 ? -15.325 -11.052 -7.685  1.00 39.80  ? 22  GLU A O    1 
ATOM   357  C  CB   . GLU A 1 22 ? -12.558 -9.213  -7.910  1.00 61.30  ? 22  GLU A CB   1 
ATOM   358  C  CG   . GLU A 1 22 ? -11.846 -8.236  -8.832  1.00 67.22  ? 22  GLU A CG   1 
ATOM   359  C  CD   . GLU A 1 22 ? -10.343 -8.445  -8.857  1.00 72.72  ? 22  GLU A CD   1 
ATOM   360  O  OE1  . GLU A 1 22 ? -9.852  -9.326  -8.120  1.00 75.97  ? 22  GLU A OE1  1 
ATOM   361  O  OE2  . GLU A 1 22 ? -9.654  -7.728  -9.613  1.00 72.52  ? 22  GLU A OE2  1 
ATOM   362  H  H    . GLU A 1 22 ? -13.733 -7.352  -6.813  1.00 52.08  ? 22  GLU A H    1 
ATOM   363  H  HA   . GLU A 1 22 ? -14.424 -8.996  -8.743  1.00 58.37  ? 22  GLU A HA   1 
ATOM   364  H  HB2  . GLU A 1 22 ? -12.187 -9.105  -7.020  1.00 73.59  ? 22  GLU A HB2  1 
ATOM   365  H  HB3  . GLU A 1 22 ? -12.380 -10.109 -8.234  1.00 73.59  ? 22  GLU A HB3  1 
ATOM   366  H  HG2  . GLU A 1 22 ? -12.180 -8.352  -9.735  1.00 80.68  ? 22  GLU A HG2  1 
ATOM   367  H  HG3  . GLU A 1 22 ? -12.018 -7.331  -8.528  1.00 80.68  ? 22  GLU A HG3  1 
HETATM 368  N  N    . PHI A 1 23 ? -14.625 -10.115 -5.761  1.00 39.59  ? 23  PHI A N    1 
HETATM 369  C  CA   . PHI A 1 23 ? -15.270 -11.068 -4.891  1.00 42.15  ? 23  PHI A CA   1 
HETATM 370  C  CB   . PHI A 1 23 ? -15.103 -10.729 -3.394  1.00 43.39  ? 23  PHI A CB   1 
HETATM 371  C  CG   . PHI A 1 23 ? -15.620 -11.782 -2.488  1.00 56.15  ? 23  PHI A CG   1 
HETATM 372  C  CD1  . PHI A 1 23 ? -16.867 -11.634 -1.867  1.00 64.52  ? 23  PHI A CD1  1 
HETATM 373  C  CD2  . PHI A 1 23 ? -14.858 -12.927 -2.235  1.00 65.96  ? 23  PHI A CD2  1 
HETATM 374  C  CE1  . PHI A 1 23 ? -17.348 -12.622 -1.010  1.00 74.57  ? 23  PHI A CE1  1 
HETATM 375  C  CE2  . PHI A 1 23 ? -15.340 -13.914 -1.379  1.00 75.94  ? 23  PHI A CE2  1 
HETATM 376  C  CZ   . PHI A 1 23 ? -16.584 -13.764 -0.765  1.00 85.15  ? 23  PHI A CZ   1 
HETATM 377  I  I    . PHI A 1 23 ? -17.275 -15.199 0.474   1.00 105.45 ? 23  PHI A I    1 
HETATM 378  C  C    . PHI A 1 23 ? -16.759 -11.156 -5.193  1.00 42.26  ? 23  PHI A C    1 
HETATM 379  O  O    . PHI A 1 23 ? -17.362 -12.215 -5.379  1.00 44.10  ? 23  PHI A O    1 
HETATM 380  H  H    . PHI A 1 23 ? -14.102 -9.440  -5.238  1.00 47.39  ? 23  PHI A H    1 
HETATM 381  H  HA   . PHI A 1 23 ? -14.801 -12.080 -5.086  1.00 50.46  ? 23  PHI A HA   1 
HETATM 382  H  HB2  . PHI A 1 23 ? -15.619 -9.755  -3.179  1.00 51.94  ? 23  PHI A HB2  1 
HETATM 383  H  HB3  . PHI A 1 23 ? -14.008 -10.573 -3.200  1.00 51.94  ? 23  PHI A HB3  1 
HETATM 384  H  HD1  . PHI A 1 23 ? -17.472 -10.735 -2.059  1.00 77.45  ? 23  PHI A HD1  1 
HETATM 385  H  HD2  . PHI A 1 23 ? -13.875 -13.050 -2.716  1.00 79.17  ? 23  PHI A HD2  1 
HETATM 386  H  HE1  . PHI A 1 23 ? -18.333 -12.492 -0.533  1.00 89.51  ? 23  PHI A HE1  1 
HETATM 387  H  HE2  . PHI A 1 23 ? -14.729 -14.811 -1.192  1.00 91.16  ? 23  PHI A HE2  1 
ATOM   388  N  N    . ILE A 1 24 ? -17.379 -9.980  -5.249  1.00 40.49  ? 24  ILE A N    1 
ATOM   389  C  CA   . ILE A 1 24 ? -18.808 -9.878  -5.530  1.00 40.74  ? 24  ILE A CA   1 
ATOM   390  C  C    . ILE A 1 24 ? -19.105 -10.504 -6.884  1.00 40.62  ? 24  ILE A C    1 
ATOM   391  O  O    . ILE A 1 24 ? -20.024 -11.306 -7.013  1.00 42.43  ? 24  ILE A O    1 
ATOM   392  C  CB   . ILE A 1 24 ? -19.285 -8.410  -5.471  1.00 38.92  ? 24  ILE A CB   1 
ATOM   393  C  CG1  . ILE A 1 24 ? -19.247 -7.910  -4.027  1.00 39.85  ? 24  ILE A CG1  1 
ATOM   394  C  CG2  . ILE A 1 24 ? -20.703 -8.268  -6.041  1.00 41.59  ? 24  ILE A CG2  1 
ATOM   395  C  CD1  . ILE A 1 24 ? -19.430 -6.425  -3.880  1.00 38.19  ? 24  ILE A CD1  1 
ATOM   396  H  H    . ILE A 1 24 ? -16.991 -9.222  -5.128  1.00 48.46  ? 24  ILE A H    1 
ATOM   397  H  HA   . ILE A 1 24 ? -19.297 -10.377 -4.857  1.00 48.76  ? 24  ILE A HA   1 
ATOM   398  H  HB   . ILE A 1 24 ? -18.683 -7.867  -6.003  1.00 46.62  ? 24  ILE A HB   1 
ATOM   399  H  HG12 . ILE A 1 24 ? -19.957 -8.345  -3.529  1.00 47.69  ? 24  ILE A HG12 1 
ATOM   400  H  HG13 . ILE A 1 24 ? -18.388 -8.141  -3.641  1.00 47.69  ? 24  ILE A HG13 1 
ATOM   401  H  HG21 . ILE A 1 24 ? -20.971 -7.338  -5.990  1.00 49.93  ? 24  ILE A HG21 1 
ATOM   402  H  HG22 . ILE A 1 24 ? -20.701 -8.563  -6.966  1.00 49.93  ? 24  ILE A HG22 1 
ATOM   403  H  HG23 . ILE A 1 24 ? -21.308 -8.818  -5.519  1.00 49.93  ? 24  ILE A HG23 1 
ATOM   404  H  HD11 . ILE A 1 24 ? -19.393 -6.195  -2.938  1.00 45.70  ? 24  ILE A HD11 1 
ATOM   405  H  HD12 . ILE A 1 24 ? -18.720 -5.972  -4.360  1.00 45.70  ? 24  ILE A HD12 1 
ATOM   406  H  HD13 . ILE A 1 24 ? -20.292 -6.176  -4.247  1.00 45.70  ? 24  ILE A HD13 1 
ATOM   407  N  N    . ALA A 1 25 ? -18.317 -10.132 -7.896  1.00 40.52  ? 25  ALA A N    1 
ATOM   408  C  CA   . ALA A 1 25 ? -18.483 -10.731 -9.216  1.00 42.78  ? 25  ALA A CA   1 
ATOM   409  C  C    . ALA A 1 25 ? -18.412 -12.251 -9.143  1.00 43.59  ? 25  ALA A C    1 
ATOM   410  O  O    . ALA A 1 25 ? -19.196 -12.950 -9.795  1.00 44.77  ? 25  ALA A O    1 
ATOM   411  C  CB   . ALA A 1 25 ? -17.419 -10.193 -10.172 1.00 44.92  ? 25  ALA A CB   1 
ATOM   412  H  H    . ALA A 1 25 ? -17.690 -9.546  -7.844  1.00 48.65  ? 25  ALA A H    1 
ATOM   413  H  HA   . ALA A 1 25 ? -19.353 -10.487 -9.566  1.00 51.36  ? 25  ALA A HA   1 
ATOM   414  H  HB1  . ALA A 1 25 ? -17.544 -10.601 -11.044 1.00 53.92  ? 25  ALA A HB1  1 
ATOM   415  H  HB2  . ALA A 1 25 ? -17.513 -9.231  -10.241 1.00 53.92  ? 25  ALA A HB2  1 
ATOM   416  H  HB3  . ALA A 1 25 ? -16.540 -10.416 -9.825  1.00 53.92  ? 25  ALA A HB3  1 
ATOM   417  N  N    . GLN A 1 26 ? -17.478 -12.781 -8.351  1.00 47.04  ? 26  GLN A N    1 
ATOM   418  C  CA   . GLN A 1 26 ? -17.350 -14.231 -8.232  1.00 50.25  ? 26  GLN A CA   1 
ATOM   419  C  C    . GLN A 1 26 ? -18.527 -14.838 -7.483  1.00 47.53  ? 26  GLN A C    1 
ATOM   420  O  O    . GLN A 1 26 ? -18.928 -15.969 -7.777  1.00 49.76  ? 26  GLN A O    1 
ATOM   421  C  CB   . GLN A 1 26 ? -16.043 -14.592 -7.527  1.00 59.44  ? 26  GLN A CB   1 
ATOM   422  C  CG   . GLN A 1 26 ? -14.793 -14.203 -8.296  1.00 67.57  ? 26  GLN A CG   1 
ATOM   423  C  CD   . GLN A 1 26 ? -13.522 -14.535 -7.541  1.00 75.77  ? 26  GLN A CD   1 
ATOM   424  O  OE1  . GLN A 1 26 ? -13.412 -15.593 -6.922  1.00 80.81  ? 26  GLN A OE1  1 
ATOM   425  N  NE2  . GLN A 1 26 ? -12.553 -13.624 -7.582  1.00 75.72  ? 26  GLN A NE2  1 
ATOM   426  H  H    . GLN A 1 26 ? -16.916 -12.331 -7.880  1.00 56.48  ? 26  GLN A H    1 
ATOM   427  H  HA   . GLN A 1 26 ? -17.328 -14.619 -9.120  1.00 60.33  ? 26  GLN A HA   1 
ATOM   428  H  HB2  . GLN A 1 26 ? -16.015 -14.137 -6.671  1.00 71.36  ? 26  GLN A HB2  1 
ATOM   429  H  HB3  . GLN A 1 26 ? -16.017 -15.552 -7.390  1.00 71.36  ? 26  GLN A HB3  1 
ATOM   430  H  HG2  . GLN A 1 26 ? -14.777 -14.684 -9.139  1.00 81.11  ? 26  GLN A HG2  1 
ATOM   431  H  HG3  . GLN A 1 26 ? -14.805 -13.246 -8.459  1.00 81.11  ? 26  GLN A HG3  1 
ATOM   432  H  HE21 . GLN A 1 26 ? -12.669 -12.894 -8.021  1.00 90.89  ? 26  GLN A HE21 1 
ATOM   433  H  HE22 . GLN A 1 26 ? -11.813 -13.765 -7.169  1.00 90.89  ? 26  GLN A HE22 1 
ATOM   434  N  N    . ALA A 1 27 ? -19.087 -14.114 -6.512  1.00 47.78  ? 27  ALA A N    1 
ATOM   435  C  CA   . ALA A 1 27 ? -20.236 -14.630 -5.779  1.00 52.41  ? 27  ALA A CA   1 
ATOM   436  C  C    . ALA A 1 27 ? -21.480 -14.682 -6.655  1.00 56.71  ? 27  ALA A C    1 
ATOM   437  O  O    . ALA A 1 27 ? -22.320 -15.572 -6.483  1.00 58.20  ? 27  ALA A O    1 
ATOM   438  C  CB   . ALA A 1 27 ? -20.494 -13.773 -4.540  1.00 52.81  ? 27  ALA A CB   1 
ATOM   439  H  H    . ALA A 1 27 ? -18.823 -13.334 -6.265  1.00 57.36  ? 27  ALA A H    1 
ATOM   440  H  HA   . ALA A 1 27 ? -20.040 -15.532 -5.482  1.00 62.92  ? 27  ALA A HA   1 
ATOM   441  H  HB1  . ALA A 1 27 ? -21.261 -14.129 -4.064  1.00 63.40  ? 27  ALA A HB1  1 
ATOM   442  H  HB2  . ALA A 1 27 ? -19.709 -13.797 -3.971  1.00 63.40  ? 27  ALA A HB2  1 
ATOM   443  H  HB3  . ALA A 1 27 ? -20.671 -12.861 -4.819  1.00 63.40  ? 27  ALA A HB3  1 
ATOM   444  N  N    . ILE A 1 28 ? -21.616 -13.746 -7.595  1.00 51.41  ? 28  ILE A N    1 
ATOM   445  C  CA   . ILE A 1 28 ? -22.768 -13.753 -8.491  1.00 56.97  ? 28  ILE A CA   1 
ATOM   446  C  C    . ILE A 1 28 ? -22.715 -14.967 -9.410  1.00 63.61  ? 28  ILE A C    1 
ATOM   447  O  O    . ILE A 1 28 ? -23.709 -15.680 -9.583  1.00 68.76  ? 28  ILE A O    1 
ATOM   448  C  CB   . ILE A 1 28 ? -22.827 -12.440 -9.295  1.00 52.23  ? 28  ILE A CB   1 
ATOM   449  C  CG1  . ILE A 1 28 ? -22.937 -11.229 -8.361  1.00 48.75  ? 28  ILE A CG1  1 
ATOM   450  C  CG2  . ILE A 1 28 ? -23.991 -12.458 -10.279 1.00 53.53  ? 28  ILE A CG2  1 
ATOM   451  C  CD1  . ILE A 1 28 ? -24.164 -11.211 -7.477  1.00 51.23  ? 28  ILE A CD1  1 
ATOM   452  H  H    . ILE A 1 28 ? -21.060 -13.104 -7.732  1.00 61.72  ? 28  ILE A H    1 
ATOM   453  H  HA   . ILE A 1 28 ? -23.577 -13.815 -7.962  1.00 68.39  ? 28  ILE A HA   1 
ATOM   454  H  HB   . ILE A 1 28 ? -22.004 -12.358 -9.801  1.00 62.70  ? 28  ILE A HB   1 
ATOM   455  H  HG12 . ILE A 1 28 ? -22.159 -11.216 -7.781  1.00 58.52  ? 28  ILE A HG12 1 
ATOM   456  H  HG13 . ILE A 1 28 ? -22.953 -10.423 -8.900  1.00 58.52  ? 28  ILE A HG13 1 
ATOM   457  H  HG21 . ILE A 1 28 ? -24.002 -11.620 -10.769 1.00 64.26  ? 28  ILE A HG21 1 
ATOM   458  H  HG22 . ILE A 1 28 ? -23.873 -13.200 -10.892 1.00 64.26  ? 28  ILE A HG22 1 
ATOM   459  H  HG23 . ILE A 1 28 ? -24.820 -12.565 -9.786  1.00 64.26  ? 28  ILE A HG23 1 
ATOM   460  H  HD11 . ILE A 1 28 ? -24.144 -10.413 -6.927  1.00 61.50  ? 28  ILE A HD11 1 
ATOM   461  H  HD12 . ILE A 1 28 ? -24.956 -11.207 -8.039  1.00 61.50  ? 28  ILE A HD12 1 
ATOM   462  H  HD13 . ILE A 1 28 ? -24.159 -12.002 -6.916  1.00 61.50  ? 28  ILE A HD13 1 
ATOM   463  N  N    . GLU A 1 29 ? -21.554 -15.225 -10.006 1.00 72.00  ? 29  GLU A N    1 
ATOM   464  C  CA   . GLU A 1 29 ? -21.401 -16.331 -10.947 1.00 76.08  ? 29  GLU A CA   1 
ATOM   465  C  C    . GLU A 1 29 ? -21.591 -17.692 -10.277 1.00 89.24  ? 29  GLU A C    1 
ATOM   466  O  O    . GLU A 1 29 ? -22.063 -18.636 -10.909 1.00 81.23  ? 29  GLU A O    1 
ATOM   467  C  CB   . GLU A 1 29 ? -20.028 -16.267 -11.616 1.00 78.23  ? 29  GLU A CB   1 
ATOM   468  C  CG   . GLU A 1 29 ? -19.795 -14.987 -12.403 1.00 82.19  ? 29  GLU A CG   1 
ATOM   469  C  CD   . GLU A 1 29 ? -18.467 -14.978 -13.129 1.00 87.07  ? 29  GLU A CD   1 
ATOM   470  O  OE1  . GLU A 1 29 ? -17.855 -16.057 -13.270 1.00 90.85  ? 29  GLU A OE1  1 
ATOM   471  O  OE2  . GLU A 1 29 ? -18.035 -13.888 -13.560 1.00 86.65  ? 29  GLU A OE2  1 
ATOM   472  H  H    . GLU A 1 29 ? -20.835 -14.770 -9.881  1.00 86.42  ? 29  GLU A H    1 
ATOM   473  H  HA   . GLU A 1 29 ? -22.074 -16.246 -11.641 1.00 91.33  ? 29  GLU A HA   1 
ATOM   474  H  HB2  . GLU A 1 29 ? -19.343 -16.323 -10.932 1.00 93.90  ? 29  GLU A HB2  1 
ATOM   475  H  HB3  . GLU A 1 29 ? -19.942 -17.013 -12.229 1.00 93.90  ? 29  GLU A HB3  1 
ATOM   476  H  HG2  . GLU A 1 29 ? -20.499 -14.891 -13.063 1.00 98.66  ? 29  GLU A HG2  1 
ATOM   477  H  HG3  . GLU A 1 29 ? -19.808 -14.234 -11.792 1.00 98.66  ? 29  GLU A HG3  1 
ATOM   478  N  N    . LYS A 1 30 ? -21.222 -17.789 -9.003  1.00 54.31  ? 30  LYS A N    1 
ATOM   479  C  CA   . LYS A 1 30 ? -21.376 -18.898 -8.347  1.00 66.52  ? 30  LYS A CA   1 
ATOM   480  C  C    . LYS A 1 30 ? -22.734 -19.034 -7.618  1.00 71.51  ? 30  LYS A C    1 
ATOM   481  O  O    . LYS A 1 30 ? -22.860 -19.820 -6.714  1.00 72.75  ? 30  LYS A O    1 
ATOM   482  C  CB   . LYS A 1 30 ? -20.169 -19.148 -7.452  1.00 69.16  ? 30  LYS A CB   1 
ATOM   483  C  CG   . LYS A 1 30 ? -19.026 -19.662 -8.289  1.00 71.36  ? 30  LYS A CG   1 
ATOM   484  C  CD   . LYS A 1 30 ? -17.778 -19.768 -7.431  1.00 73.11  ? 30  LYS A CD   1 
ATOM   485  C  CE   . LYS A 1 30 ? -16.934 -20.994 -7.867  1.00 74.80  ? 30  LYS A CE   1 
ATOM   486  N  NZ   . LYS A 1 30 ? -16.434 -20.789 -9.245  1.00 75.38  ? 30  LYS A NZ   1 
ATOM   487  H  H    . LYS A 1 30 ? -20.863 -17.099 -8.564  1.00 65.20  ? 30  LYS A H    1 
ATOM   488  H  HA   . LYS A 1 30 ? -21.363 -19.690 -8.954  1.00 79.85  ? 30  LYS A HA   1 
ATOM   489  H  HB2  . LYS A 1 30 ? -19.910 -18.327 -7.024  1.00 83.02  ? 30  LYS A HB2  1 
ATOM   490  H  HB3  . LYS A 1 30 ? -20.395 -19.794 -6.791  1.00 83.02  ? 30  LYS A HB3  1 
ATOM   491  H  HG2  . LYS A 1 30 ? -19.254 -20.542 -8.643  1.00 85.66  ? 30  LYS A HG2  1 
ATOM   492  H  HG3  . LYS A 1 30 ? -18.862 -19.050 -9.026  1.00 85.66  ? 30  LYS A HG3  1 
ATOM   493  H  HD2  . LYS A 1 30 ? -17.241 -18.947 -7.534  1.00 87.76  ? 30  LYS A HD2  1 
ATOM   494  H  HD3  . LYS A 1 30 ? -18.041 -19.872 -6.482  1.00 87.76  ? 30  LYS A HD3  1 
ATOM   495  H  HE2  . LYS A 1 30 ? -16.170 -21.103 -7.255  1.00 89.78  ? 30  LYS A HE2  1 
ATOM   496  H  HE3  . LYS A 1 30 ? -17.488 -21.795 -7.841  1.00 89.78  ? 30  LYS A HE3  1 
ATOM   497  H  HZ1  . LYS A 1 30 ? -17.147 -20.650 -9.814  1.00 90.48  ? 30  LYS A HZ1  1 
ATOM   498  H  HZ2  . LYS A 1 30 ? -15.955 -21.548 -9.522  1.00 90.48  ? 30  LYS A HZ2  1 
ATOM   499  H  HZ3  . LYS A 1 30 ? -15.880 -20.055 -9.263  1.00 90.48  ? 30  LYS A HZ3  1 
HETATM 500  N  N    . NH2 A 1 31 ? -23.862 -18.217 -8.017  1.00 73.55  ? 31  NH2 A N    1 
HETATM 501  H  HN1  . NH2 A 1 31 ? -24.663 -18.301 -7.582  1.00 88.28  ? 31  NH2 A HN1  1 
HETATM 502  H  HN2  . NH2 A 1 31 ? -23.772 -17.614 -8.706  1.00 88.28  ? 31  NH2 A HN2  1 
HETATM 503  C  C    . ACE B 1 1  ? 23.911  16.403  -1.432  1.00 57.15  ? 1   ACE B C    1 
HETATM 504  O  O    . ACE B 1 1  ? 22.831  15.865  -1.199  1.00 54.00  ? 1   ACE B O    1 
HETATM 505  C  CH3  . ACE B 1 1  ? 24.231  17.792  -0.966  1.00 55.67  ? 1   ACE B CH3  1 
ATOM   506  N  N    . GLU B 1 2  ? 24.879  15.798  -2.108  1.00 61.01  ? 2   GLU B N    1 
ATOM   507  C  CA   . GLU B 1 2  ? 24.732  14.448  -2.640  1.00 63.53  ? 2   GLU B CA   1 
ATOM   508  C  C    . GLU B 1 2  ? 24.433  13.437  -1.537  1.00 50.51  ? 2   GLU B C    1 
ATOM   509  O  O    . GLU B 1 2  ? 23.510  12.629  -1.661  1.00 44.46  ? 2   GLU B O    1 
ATOM   510  C  CB   . GLU B 1 2  ? 25.998  14.037  -3.399  1.00 77.83  ? 2   GLU B CB   1 
ATOM   511  C  CG   . GLU B 1 2  ? 25.938  12.637  -3.993  1.00 88.13  ? 2   GLU B CG   1 
ATOM   512  C  CD   . GLU B 1 2  ? 27.110  12.336  -4.905  1.00 98.73  ? 2   GLU B CD   1 
ATOM   513  O  OE1  . GLU B 1 2  ? 27.968  13.225  -5.089  1.00 103.64 ? 2   GLU B OE1  1 
ATOM   514  O  OE2  . GLU B 1 2  ? 27.174  11.207  -5.439  1.00 101.34 ? 2   GLU B OE2  1 
ATOM   515  H  H    . GLU B 1 2  ? 25.640  16.157  -2.285  1.00 73.24  ? 2   GLU B H    1 
ATOM   516  H  HA   . GLU B 1 2  ? 23.992  14.435  -3.266  1.00 76.26  ? 2   GLU B HA   1 
ATOM   517  H  HB2  . GLU B 1 2  ? 26.141  14.661  -4.127  1.00 93.43  ? 2   GLU B HB2  1 
ATOM   518  H  HB3  . GLU B 1 2  ? 26.751  14.067  -2.788  1.00 93.43  ? 2   GLU B HB3  1 
ATOM   519  H  HG2  . GLU B 1 2  ? 25.944  11.987  -3.271  1.00 105.78 ? 2   GLU B HG2  1 
ATOM   520  H  HG3  . GLU B 1 2  ? 25.123  12.548  -4.512  1.00 105.78 ? 2   GLU B HG3  1 
ATOM   521  N  N    . LEU B 1 3  ? 25.212  13.481  -0.455  1.00 43.83  ? 3   LEU B N    1 
ATOM   522  C  CA   . LEU B 1 3  ? 25.029  12.510  0.620   1.00 41.56  ? 3   LEU B CA   1 
ATOM   523  C  C    . LEU B 1 3  ? 23.683  12.702  1.308   1.00 38.18  ? 3   LEU B C    1 
ATOM   524  O  O    . LEU B 1 3  ? 22.941  11.735  1.520   1.00 37.99  ? 3   LEU B O    1 
ATOM   525  C  CB   . LEU B 1 3  ? 26.170  12.619  1.633   1.00 43.95  ? 3   LEU B CB   1 
ATOM   526  C  CG   . LEU B 1 3  ? 27.554  12.141  1.182   1.00 51.59  ? 3   LEU B CG   1 
ATOM   527  C  CD1  . LEU B 1 3  ? 28.562  12.335  2.305   1.00 53.86  ? 3   LEU B CD1  1 
ATOM   528  C  CD2  . LEU B 1 3  ? 27.534  10.684  0.738   1.00 49.64  ? 3   LEU B CD2  1 
ATOM   529  H  H    . LEU B 1 3  ? 25.841  14.051  -0.323  1.00 52.62  ? 3   LEU B H    1 
ATOM   530  H  HA   . LEU B 1 3  ? 25.047  11.618  0.243   1.00 49.90  ? 3   LEU B HA   1 
ATOM   531  H  HB2  . LEU B 1 3  ? 26.259  13.551  1.886   1.00 52.76  ? 3   LEU B HB2  1 
ATOM   532  H  HB3  . LEU B 1 3  ? 25.929  12.098  2.414   1.00 52.76  ? 3   LEU B HB3  1 
ATOM   533  H  HG   . LEU B 1 3  ? 27.842  12.677  0.427   1.00 61.93  ? 3   LEU B HG   1 
ATOM   534  H  HD11 . LEU B 1 3  ? 29.432  12.029  2.006   1.00 64.66  ? 3   LEU B HD11 1 
ATOM   535  H  HD12 . LEU B 1 3  ? 28.603  13.278  2.532   1.00 64.66  ? 3   LEU B HD12 1 
ATOM   536  H  HD13 . LEU B 1 3  ? 28.277  11.821  3.077   1.00 64.66  ? 3   LEU B HD13 1 
ATOM   537  H  HD21 . LEU B 1 3  ? 28.427  10.425  0.463   1.00 59.59  ? 3   LEU B HD21 1 
ATOM   538  H  HD22 . LEU B 1 3  ? 27.243  10.132  1.481   1.00 59.59  ? 3   LEU B HD22 1 
ATOM   539  H  HD23 . LEU B 1 3  ? 26.918  10.589  -0.005  1.00 59.59  ? 3   LEU B HD23 1 
ATOM   540  N  N    . ALA B 1 4  ? 23.347  13.944  1.666   1.00 34.76  ? 4   ALA B N    1 
ATOM   541  C  CA   . ALA B 1 4  ? 22.091  14.197  2.364   1.00 36.36  ? 4   ALA B CA   1 
ATOM   542  C  C    . ALA B 1 4  ? 20.895  13.763  1.525   1.00 39.66  ? 4   ALA B C    1 
ATOM   543  O  O    . ALA B 1 4  ? 19.952  13.151  2.041   1.00 36.63  ? 4   ALA B O    1 
ATOM   544  C  CB   . ALA B 1 4  ? 21.980  15.677  2.723   1.00 37.97  ? 4   ALA B CB   1 
ATOM   545  H  H    . ALA B 1 4  ? 23.824  14.645  1.519   1.00 41.74  ? 4   ALA B H    1 
ATOM   546  H  HA   . ALA B 1 4  ? 22.079  13.686  3.188   1.00 43.66  ? 4   ALA B HA   1 
ATOM   547  H  HB1  . ALA B 1 4  ? 21.140  15.828  3.185   1.00 45.59  ? 4   ALA B HB1  1 
ATOM   548  H  HB2  . ALA B 1 4  ? 22.724  15.918  3.299   1.00 45.59  ? 4   ALA B HB2  1 
ATOM   549  H  HB3  . ALA B 1 4  ? 22.009  16.203  1.908   1.00 45.59  ? 4   ALA B HB3  1 
ATOM   550  N  N    . GLN B 1 5  ? 20.914  14.077  0.228   1.00 46.78  ? 5   GLN B N    1 
ATOM   551  C  CA   . GLN B 1 5  ? 19.816  13.681  -0.648  1.00 50.39  ? 5   GLN B CA   1 
ATOM   552  C  C    . GLN B 1 5  ? 19.721  12.164  -0.755  1.00 43.38  ? 5   GLN B C    1 
ATOM   553  O  O    . GLN B 1 5  ? 18.620  11.602  -0.764  1.00 40.02  ? 5   GLN B O    1 
ATOM   554  C  CB   . GLN B 1 5  ? 20.005  14.313  -2.028  1.00 63.43  ? 5   GLN B CB   1 
ATOM   555  C  CG   . GLN B 1 5  ? 18.871  14.050  -3.008  1.00 72.85  ? 5   GLN B CG   1 
ATOM   556  C  CD   . GLN B 1 5  ? 19.114  14.694  -4.360  1.00 84.90  ? 5   GLN B CD   1 
ATOM   557  O  OE1  . GLN B 1 5  ? 20.031  15.501  -4.523  1.00 88.79  ? 5   GLN B OE1  1 
ATOM   558  N  NE2  . GLN B 1 5  ? 18.293  14.337  -5.341  1.00 89.73  ? 5   GLN B NE2  1 
ATOM   559  H  H    . GLN B 1 5  ? 21.543  14.513  -0.163  1.00 56.16  ? 5   GLN B H    1 
ATOM   560  H  HA   . GLN B 1 5  ? 18.981  14.010  -0.278  1.00 60.49  ? 5   GLN B HA   1 
ATOM   561  H  HB2  . GLN B 1 5  ? 20.083  15.274  -1.921  1.00 76.14  ? 5   GLN B HB2  1 
ATOM   562  H  HB3  . GLN B 1 5  ? 20.820  13.962  -2.421  1.00 76.14  ? 5   GLN B HB3  1 
ATOM   563  H  HG2  . GLN B 1 5  ? 18.784  13.093  -3.142  1.00 87.45  ? 5   GLN B HG2  1 
ATOM   564  H  HG3  . GLN B 1 5  ? 18.049  14.412  -2.645  1.00 87.45  ? 5   GLN B HG3  1 
ATOM   565  H  HE21 . GLN B 1 5  ? 18.388  14.674  -6.126  1.00 107.70 ? 5   GLN B HE21 1 
ATOM   566  H  HE22 . GLN B 1 5  ? 17.665  13.770  -5.190  1.00 107.70 ? 5   GLN B HE22 1 
ATOM   567  N  N    . ALA B 1 6  ? 20.866  11.484  -0.829  1.00 42.74  ? 6   ALA B N    1 
ATOM   568  C  CA   . ALA B 1 6  ? 20.859  10.028  -0.913  1.00 39.38  ? 6   ALA B CA   1 
ATOM   569  C  C    . ALA B 1 6  ? 20.290  9.406   0.357   1.00 34.84  ? 6   ALA B C    1 
ATOM   570  O  O    . ALA B 1 6  ? 19.589  8.389   0.299   1.00 31.00  ? 6   ALA B O    1 
ATOM   571  C  CB   . ALA B 1 6  ? 22.274  9.516   -1.174  1.00 35.09  ? 6   ALA B CB   1 
ATOM   572  H  H    . ALA B 1 6  ? 21.649  11.839  -0.833  1.00 51.31  ? 6   ALA B H    1 
ATOM   573  H  HA   . ALA B 1 6  ? 20.298  9.757   -1.656  1.00 47.28  ? 6   ALA B HA   1 
ATOM   574  H  HB1  . ALA B 1 6  ? 22.254  8.548   -1.228  1.00 42.14  ? 6   ALA B HB1  1 
ATOM   575  H  HB2  . ALA B 1 6  ? 22.594  9.887   -2.012  1.00 42.14  ? 6   ALA B HB2  1 
ATOM   576  H  HB3  . ALA B 1 6  ? 22.851  9.796   -0.446  1.00 42.14  ? 6   ALA B HB3  1 
ATOM   577  N  N    . PHE B 1 7  ? 20.588  9.997   1.517   1.00 32.46  ? 7   PHE B N    1 
ATOM   578  C  CA   . PHE B 1 7  ? 20.024  9.478   2.757   1.00 27.77  ? 7   PHE B CA   1 
ATOM   579  C  C    . PHE B 1 7  ? 18.526  9.737   2.845   1.00 28.15  ? 7   PHE B C    1 
ATOM   580  O  O    . PHE B 1 7  ? 17.805  8.965   3.489   1.00 28.17  ? 7   PHE B O    1 
ATOM   581  C  CB   . PHE B 1 7  ? 20.753  10.080  3.956   1.00 34.35  ? 7   PHE B CB   1 
ATOM   582  C  CG   . PHE B 1 7  ? 22.087  9.439   4.234   1.00 37.53  ? 7   PHE B CG   1 
ATOM   583  C  CD1  . PHE B 1 7  ? 22.173  8.086   4.519   1.00 34.55  ? 7   PHE B CD1  1 
ATOM   584  C  CD2  . PHE B 1 7  ? 23.252  10.187  4.211   1.00 38.15  ? 7   PHE B CD2  1 
ATOM   585  C  CE1  . PHE B 1 7  ? 23.395  7.493   4.776   1.00 30.57  ? 7   PHE B CE1  1 
ATOM   586  C  CE2  . PHE B 1 7  ? 24.474  9.596   4.469   1.00 35.36  ? 7   PHE B CE2  1 
ATOM   587  C  CZ   . PHE B 1 7  ? 24.542  8.248   4.751   1.00 31.35  ? 7   PHE B CZ   1 
ATOM   588  H  H    . PHE B 1 7  ? 21.100  10.681  1.608   1.00 38.98  ? 7   PHE B H    1 
ATOM   589  H  HA   . PHE B 1 7  ? 20.159  8.519   2.782   1.00 33.35  ? 7   PHE B HA   1 
ATOM   590  H  HB2  . PHE B 1 7  ? 20.905  11.023  3.790   1.00 41.24  ? 7   PHE B HB2  1 
ATOM   591  H  HB3  . PHE B 1 7  ? 20.200  9.970   4.746   1.00 41.24  ? 7   PHE B HB3  1 
ATOM   592  H  HD1  . PHE B 1 7  ? 21.399  7.571   4.539   1.00 41.49  ? 7   PHE B HD1  1 
ATOM   593  H  HD2  . PHE B 1 7  ? 23.212  11.096  4.022   1.00 45.80  ? 7   PHE B HD2  1 
ATOM   594  H  HE1  . PHE B 1 7  ? 23.439  6.584   4.967   1.00 36.71  ? 7   PHE B HE1  1 
ATOM   595  H  HE2  . PHE B 1 7  ? 25.251  10.107  4.451   1.00 42.45  ? 7   PHE B HE2  1 
ATOM   596  H  HZ   . PHE B 1 7  ? 25.365  7.851   4.923   1.00 37.65  ? 7   PHE B HZ   1 
ATOM   597  N  N    A LYS B 1 8  ? 18.036  10.808  2.214   0.44 35.15  ? 8   LYS B N    1 
ATOM   598  N  N    B LYS B 1 8  ? 18.036  10.804  2.209   0.56 35.22  ? 8   LYS B N    1 
ATOM   599  C  CA   A LYS B 1 8  ? 16.596  11.041  2.176   0.44 38.37  ? 8   LYS B CA   1 
ATOM   600  C  CA   B LYS B 1 8  ? 16.594  11.023  2.150   0.56 38.29  ? 8   LYS B CA   1 
ATOM   601  C  C    A LYS B 1 8  ? 15.900  10.022  1.285   0.44 40.28  ? 8   LYS B C    1 
ATOM   602  C  C    B LYS B 1 8  ? 15.922  9.981   1.266   0.56 40.24  ? 8   LYS B C    1 
ATOM   603  O  O    A LYS B 1 8  ? 14.788  9.575   1.593   0.44 39.89  ? 8   LYS B O    1 
ATOM   604  O  O    B LYS B 1 8  ? 14.838  9.485   1.594   0.56 39.65  ? 8   LYS B O    1 
ATOM   605  C  CB   A LYS B 1 8  ? 16.300  12.463  1.695   0.44 39.93  ? 8   LYS B CB   1 
ATOM   606  C  CB   B LYS B 1 8  ? 16.292  12.432  1.639   0.56 39.93  ? 8   LYS B CB   1 
ATOM   607  C  CG   A LYS B 1 8  ? 16.475  13.525  2.768   0.44 40.17  ? 8   LYS B CG   1 
ATOM   608  C  CG   B LYS B 1 8  ? 16.744  13.546  2.571   0.56 40.51  ? 8   LYS B CG   1 
ATOM   609  C  CD   A LYS B 1 8  ? 15.971  14.895  2.319   0.44 44.88  ? 8   LYS B CD   1 
ATOM   610  C  CD   B LYS B 1 8  ? 16.619  14.910  1.907   0.56 45.19  ? 8   LYS B CD   1 
ATOM   611  C  CE   A LYS B 1 8  ? 16.862  15.525  1.255   0.44 47.67  ? 8   LYS B CE   1 
ATOM   612  C  CE   B LYS B 1 8  ? 17.216  16.019  2.764   0.56 45.79  ? 8   LYS B CE   1 
ATOM   613  N  NZ   A LYS B 1 8  ? 16.461  15.160  -0.135  0.44 49.73  ? 8   LYS B NZ   1 
ATOM   614  N  NZ   B LYS B 1 8  ? 16.490  16.194  4.052   0.56 44.84  ? 8   LYS B NZ   1 
ATOM   615  H  H    A LYS B 1 8  ? 18.508  11.402  1.809   0.44 42.20  ? 8   LYS B H    1 
ATOM   616  H  H    B LYS B 1 8  ? 18.508  11.404  1.813   0.56 42.30  ? 8   LYS B H    1 
ATOM   617  H  HA   A LYS B 1 8  ? 16.238  10.949  3.073   0.44 46.07  ? 8   LYS B HA   1 
ATOM   618  H  HA   B LYS B 1 8  ? 16.225  10.942  3.044   0.56 45.98  ? 8   LYS B HA   1 
ATOM   619  H  HB2  A LYS B 1 8  ? 16.902  12.677  0.965   0.44 47.94  ? 8   LYS B HB2  1 
ATOM   620  H  HB2  B LYS B 1 8  ? 16.744  12.558  0.790   0.56 47.94  ? 8   LYS B HB2  1 
ATOM   621  H  HB3  A LYS B 1 8  ? 15.381  12.503  1.385   0.44 47.94  ? 8   LYS B HB3  1 
ATOM   622  H  HB3  B LYS B 1 8  ? 15.334  12.520  1.517   0.56 47.94  ? 8   LYS B HB3  1 
ATOM   623  H  HG2  A LYS B 1 8  ? 15.975  13.264  3.557   0.44 48.23  ? 8   LYS B HG2  1 
ATOM   624  H  HG2  B LYS B 1 8  ? 16.189  13.542  3.367   0.56 48.64  ? 8   LYS B HG2  1 
ATOM   625  H  HG3  A LYS B 1 8  ? 17.418  13.606  2.982   0.44 48.23  ? 8   LYS B HG3  1 
ATOM   626  H  HG3  B LYS B 1 8  ? 17.674  13.406  2.808   0.56 48.64  ? 8   LYS B HG3  1 
ATOM   627  H  HD2  A LYS B 1 8  ? 15.080  14.798  1.948   0.44 53.88  ? 8   LYS B HD2  1 
ATOM   628  H  HD2  B LYS B 1 8  ? 17.090  14.896  1.059   0.56 54.26  ? 8   LYS B HD2  1 
ATOM   629  H  HD3  A LYS B 1 8  ? 15.949  15.490  3.085   0.44 53.88  ? 8   LYS B HD3  1 
ATOM   630  H  HD3  B LYS B 1 8  ? 15.680  15.110  1.766   0.56 54.26  ? 8   LYS B HD3  1 
ATOM   631  H  HE2  A LYS B 1 8  ? 16.815  16.491  1.336   0.44 57.23  ? 8   LYS B HE2  1 
ATOM   632  H  HE2  B LYS B 1 8  ? 18.140  15.801  2.966   0.56 54.97  ? 8   LYS B HE2  1 
ATOM   633  H  HE3  A LYS B 1 8  ? 17.775  15.225  1.391   0.44 57.23  ? 8   LYS B HE3  1 
ATOM   634  H  HE3  B LYS B 1 8  ? 17.172  16.856  2.276   0.56 54.97  ? 8   LYS B HE3  1 
ATOM   635  H  HZ1  A LYS B 1 8  ? 15.629  15.431  -0.293  0.44 59.70  ? 8   LYS B HZ1  1 
ATOM   636  H  HZ1  B LYS B 1 8  ? 15.639  16.402  3.895   0.56 53.84  ? 8   LYS B HZ1  1 
ATOM   637  H  HZ2  A LYS B 1 8  ? 17.008  15.549  -0.721  0.44 59.70  ? 8   LYS B HZ2  1 
ATOM   638  H  HZ2  B LYS B 1 8  ? 16.865  16.848  4.525   0.56 53.84  ? 8   LYS B HZ2  1 
ATOM   639  H  HZ3  A LYS B 1 8  ? 16.503  14.277  -0.243  0.44 59.70  ? 8   LYS B HZ3  1 
ATOM   640  H  HZ3  B LYS B 1 8  ? 16.522  15.440  4.523   0.56 53.84  ? 8   LYS B HZ3  1 
ATOM   641  N  N    A GLU B 1 9  ? 16.538  9.640   0.176   0.44 41.44  ? 9   GLU B N    1 
ATOM   642  N  N    B GLU B 1 9  ? 16.552  9.637   0.140   0.56 41.43  ? 9   GLU B N    1 
ATOM   643  C  CA   A GLU B 1 9  ? 15.964  8.619   -0.691  0.44 43.12  ? 9   GLU B CA   1 
ATOM   644  C  CA   B GLU B 1 9  ? 16.003  8.603   -0.728  0.56 42.75  ? 9   GLU B CA   1 
ATOM   645  C  C    A GLU B 1 9  ? 15.968  7.253   -0.019  0.44 39.25  ? 9   GLU B C    1 
ATOM   646  C  C    B GLU B 1 9  ? 15.977  7.252   -0.029  0.56 39.27  ? 9   GLU B C    1 
ATOM   647  O  O    A GLU B 1 9  ? 15.070  6.439   -0.265  0.44 39.16  ? 9   GLU B O    1 
ATOM   648  O  O    B GLU B 1 9  ? 15.063  6.451   -0.257  0.56 39.19  ? 9   GLU B O    1 
ATOM   649  C  CB   A GLU B 1 9  ? 16.725  8.566   -2.016  0.44 46.45  ? 9   GLU B CB   1 
ATOM   650  C  CB   B GLU B 1 9  ? 16.815  8.526   -2.022  0.56 46.27  ? 9   GLU B CB   1 
ATOM   651  C  CG   A GLU B 1 9  ? 16.668  9.861   -2.817  0.44 49.68  ? 9   GLU B CG   1 
ATOM   652  C  CG   B GLU B 1 9  ? 16.722  9.784   -2.884  0.56 49.71  ? 9   GLU B CG   1 
ATOM   653  C  CD   A GLU B 1 9  ? 15.256  10.236  -3.222  0.44 51.93  ? 9   GLU B CD   1 
ATOM   654  C  CD   B GLU B 1 9  ? 17.637  9.736   -4.093  0.56 52.15  ? 9   GLU B CD   1 
ATOM   655  O  OE1  A GLU B 1 9  ? 14.368  9.359   -3.171  0.44 51.11  ? 9   GLU B OE1  1 
ATOM   656  O  OE1  B GLU B 1 9  ? 18.450  8.793   -4.192  0.56 51.02  ? 9   GLU B OE1  1 
ATOM   657  O  OE2  A GLU B 1 9  ? 15.032  11.409  -3.587  0.44 55.00  ? 9   GLU B OE2  1 
ATOM   658  O  OE2  B GLU B 1 9  ? 17.545  10.645  -4.945  0.56 55.51  ? 9   GLU B OE2  1 
ATOM   659  H  H    A GLU B 1 9  ? 17.293  9.954   -0.090  0.44 49.76  ? 9   GLU B H    1 
ATOM   660  H  H    B GLU B 1 9  ? 17.289  9.984   -0.137  0.56 49.74  ? 9   GLU B H    1 
ATOM   661  H  HA   A GLU B 1 9  ? 15.043  8.853   -0.885  0.44 51.77  ? 9   GLU B HA   1 
ATOM   662  H  HA   B GLU B 1 9  ? 15.090  8.838   -0.960  0.56 51.32  ? 9   GLU B HA   1 
ATOM   663  H  HB2  A GLU B 1 9  ? 17.658  8.374   -1.832  0.44 55.76  ? 9   GLU B HB2  1 
ATOM   664  H  HB2  B GLU B 1 9  ? 17.748  8.388   -1.798  0.56 55.55  ? 9   GLU B HB2  1 
ATOM   665  H  HB3  A GLU B 1 9  ? 16.348  7.861   -2.565  0.44 55.76  ? 9   GLU B HB3  1 
ATOM   666  H  HB3  B GLU B 1 9  ? 16.490  7.781   -2.551  0.56 55.55  ? 9   GLU B HB3  1 
ATOM   667  H  HG2  A GLU B 1 9  ? 17.028  10.583  -2.278  0.44 59.65  ? 9   GLU B HG2  1 
ATOM   668  H  HG2  B GLU B 1 9  ? 15.811  9.884   -3.200  0.56 59.67  ? 9   GLU B HG2  1 
ATOM   669  H  HG3  A GLU B 1 9  ? 17.193  9.755   -3.626  0.44 59.65  ? 9   GLU B HG3  1 
ATOM   670  H  HG3  B GLU B 1 9  ? 16.973  10.553  -2.348  0.56 59.67  ? 9   GLU B HG3  1 
ATOM   671  N  N    . ILE B 1 10 ? 16.964  6.981   0.829   1.00 33.38  ? 10  ILE B N    1 
ATOM   672  C  CA   . ILE B 1 10 ? 16.971  5.732   1.583   1.00 29.19  ? 10  ILE B CA   1 
ATOM   673  C  C    . ILE B 1 10 ? 15.829  5.720   2.585   1.00 28.04  ? 10  ILE B C    1 
ATOM   674  O  O    . ILE B 1 10 ? 15.113  4.720   2.732   1.00 27.35  ? 10  ILE B O    1 
ATOM   675  C  CB   . ILE B 1 10 ? 18.331  5.534   2.280   1.00 28.10  ? 10  ILE B CB   1 
ATOM   676  C  CG1  . ILE B 1 10 ? 19.424  5.287   1.240   1.00 33.83  ? 10  ILE B CG1  1 
ATOM   677  C  CG2  . ILE B 1 10 ? 18.272  4.361   3.266   1.00 27.32  ? 10  ILE B CG2  1 
ATOM   678  C  CD1  . ILE B 1 10 ? 20.837  5.359   1.790   1.00 34.26  ? 10  ILE B CD1  1 
ATOM   679  H  H    . ILE B 1 10 ? 17.632  7.500   0.984   1.00 40.08  ? 10  ILE B H    1 
ATOM   680  H  HA   . ILE B 1 10 ? 16.840  4.992   0.970   1.00 35.05  ? 10  ILE B HA   1 
ATOM   681  H  HB   . ILE B 1 10 ? 18.548  6.343   2.771   1.00 33.75  ? 10  ILE B HB   1 
ATOM   682  H  HG12 . ILE B 1 10 ? 19.299  4.402   0.863   1.00 40.63  ? 10  ILE B HG12 1 
ATOM   683  H  HG13 . ILE B 1 10 ? 19.345  5.955   0.542   1.00 40.63  ? 10  ILE B HG13 1 
ATOM   684  H  HG21 . ILE B 1 10 ? 19.140  4.259   3.689   1.00 32.81  ? 10  ILE B HG21 1 
ATOM   685  H  HG22 . ILE B 1 10 ? 17.596  4.546   3.937   1.00 32.81  ? 10  ILE B HG22 1 
ATOM   686  H  HG23 . ILE B 1 10 ? 18.044  3.552   2.781   1.00 32.81  ? 10  ILE B HG23 1 
ATOM   687  H  HD11 . ILE B 1 10 ? 21.464  5.191   1.068   1.00 41.14  ? 10  ILE B HD11 1 
ATOM   688  H  HD12 . ILE B 1 10 ? 20.987  6.243   2.160   1.00 41.14  ? 10  ILE B HD12 1 
ATOM   689  H  HD13 . ILE B 1 10 ? 20.941  4.688   2.482   1.00 41.14  ? 10  ILE B HD13 1 
ATOM   690  N  N    . ALA B 1 11 ? 15.631  6.833   3.291   1.00 28.20  ? 11  ALA B N    1 
ATOM   691  C  CA   . ALA B 1 11 ? 14.528  6.908   4.240   1.00 30.65  ? 11  ALA B CA   1 
ATOM   692  C  C    . ALA B 1 11 ? 13.201  6.654   3.540   1.00 31.30  ? 11  ALA B C    1 
ATOM   693  O  O    . ALA B 1 11 ? 12.373  5.870   4.018   1.00 29.80  ? 11  ALA B O    1 
ATOM   694  C  CB   . ALA B 1 11 ? 14.523  8.268   4.932   1.00 31.39  ? 11  ALA B CB   1 
ATOM   695  H  H    . ALA B 1 11 ? 16.113  7.544   3.241   1.00 33.86  ? 11  ALA B H    1 
ATOM   696  H  HA   . ALA B 1 11 ? 14.645  6.225   4.918   1.00 36.80  ? 11  ALA B HA   1 
ATOM   697  H  HB1  . ALA B 1 11 ? 13.783  8.300   5.558   1.00 37.69  ? 11  ALA B HB1  1 
ATOM   698  H  HB2  . ALA B 1 11 ? 15.362  8.385   5.404   1.00 37.69  ? 11  ALA B HB2  1 
ATOM   699  H  HB3  . ALA B 1 11 ? 14.420  8.962   4.262   1.00 37.69  ? 11  ALA B HB3  1 
ATOM   700  N  N    . LYS B 1 12 ? 12.985  7.307   2.394   1.00 34.99  ? 12  LYS B N    1 
ATOM   701  C  CA   . LYS B 1 12 ? 11.749  7.098   1.648   1.00 37.29  ? 12  LYS B CA   1 
ATOM   702  C  C    . LYS B 1 12 ? 11.547  5.623   1.327   1.00 31.09  ? 12  LYS B C    1 
ATOM   703  O  O    . LYS B 1 12 ? 10.441  5.095   1.472   1.00 28.98  ? 12  LYS B O    1 
ATOM   704  C  CB   . LYS B 1 12 ? 11.759  7.935   0.367   1.00 55.61  ? 12  LYS B CB   1 
ATOM   705  C  CG   . LYS B 1 12 ? 10.485  7.828   -0.474  1.00 68.39  ? 12  LYS B CG   1 
ATOM   706  C  CD   . LYS B 1 12 ? 10.545  6.678   -1.478  1.00 74.25  ? 12  LYS B CD   1 
ATOM   707  C  CE   . LYS B 1 12 ? 10.828  7.170   -2.889  1.00 78.82  ? 12  LYS B CE   1 
ATOM   708  N  NZ   . LYS B 1 12 ? 11.200  6.048   -3.796  1.00 78.65  ? 12  LYS B NZ   1 
ATOM   709  H  H    . LYS B 1 12 ? 13.530  7.866   2.035   1.00 42.01  ? 12  LYS B H    1 
ATOM   710  H  HA   . LYS B 1 12 ? 11.001  7.390   2.192   1.00 44.78  ? 12  LYS B HA   1 
ATOM   711  H  HB2  . LYS B 1 12 ? 11.876  8.868   0.607   1.00 66.76  ? 12  LYS B HB2  1 
ATOM   712  H  HB3  . LYS B 1 12 ? 12.502  7.646   -0.186  1.00 66.76  ? 12  LYS B HB3  1 
ATOM   713  H  HG2  . LYS B 1 12 ? 9.728   7.675   0.114   1.00 82.09  ? 12  LYS B HG2  1 
ATOM   714  H  HG3  . LYS B 1 12 ? 10.359  8.654   -0.968  1.00 82.09  ? 12  LYS B HG3  1 
ATOM   715  H  HD2  . LYS B 1 12 ? 11.255  6.069   -1.222  1.00 89.13  ? 12  LYS B HD2  1 
ATOM   716  H  HD3  . LYS B 1 12 ? 9.694   6.215   -1.485  1.00 89.13  ? 12  LYS B HD3  1 
ATOM   717  H  HE2  . LYS B 1 12 ? 10.032  7.597   -3.244  1.00 94.61  ? 12  LYS B HE2  1 
ATOM   718  H  HE3  . LYS B 1 12 ? 11.565  7.801   -2.866  1.00 94.61  ? 12  LYS B HE3  1 
ATOM   719  H  HZ1  . LYS B 1 12 ? 11.931  5.642   -3.492  1.00 94.41  ? 12  LYS B HZ1  1 
ATOM   720  H  HZ2  . LYS B 1 12 ? 10.536  5.456   -3.835  1.00 94.41  ? 12  LYS B HZ2  1 
ATOM   721  H  HZ3  . LYS B 1 12 ? 11.360  6.359   -4.614  1.00 94.41  ? 12  LYS B HZ3  1 
ATOM   722  N  N    . ALA B 1 13 ? 12.608  4.938   0.894   1.00 29.35  ? 13  ALA B N    1 
ATOM   723  C  CA   . ALA B 1 13 ? 12.468  3.533   0.527   1.00 29.91  ? 13  ALA B CA   1 
ATOM   724  C  C    . ALA B 1 13 ? 12.136  2.671   1.743   1.00 30.26  ? 13  ALA B C    1 
ATOM   725  O  O    . ALA B 1 13 ? 11.290  1.774   1.657   1.00 29.79  ? 13  ALA B O    1 
ATOM   726  C  CB   . ALA B 1 13 ? 13.741  3.042   -0.160  1.00 28.56  ? 13  ALA B CB   1 
ATOM   727  H  H    . ALA B 1 13 ? 13.401  5.257   0.805   1.00 35.25  ? 13  ALA B H    1 
ATOM   728  H  HA   . ALA B 1 13 ? 11.738  3.446   -0.106  1.00 35.92  ? 13  ALA B HA   1 
ATOM   729  H  HB1  . ALA B 1 13 ? 13.632  2.107   -0.396  1.00 34.30  ? 13  ALA B HB1  1 
ATOM   730  H  HB2  . ALA B 1 13 ? 13.892  3.571   -0.959  1.00 34.30  ? 13  ALA B HB2  1 
ATOM   731  H  HB3  . ALA B 1 13 ? 14.488  3.144   0.451   1.00 34.30  ? 13  ALA B HB3  1 
ATOM   732  N  N    . PHE B 1 14 ? 12.783  2.924   2.885   1.00 30.64  ? 14  PHE B N    1 
ATOM   733  C  CA   . PHE B 1 14 ? 12.436  2.185   4.097   1.00 29.01  ? 14  PHE B CA   1 
ATOM   734  C  C    . PHE B 1 14 ? 11.003  2.470   4.528   1.00 30.50  ? 14  PHE B C    1 
ATOM   735  O  O    . PHE B 1 14 ? 10.345  1.599   5.111   1.00 28.33  ? 14  PHE B O    1 
ATOM   736  C  CB   . PHE B 1 14 ? 13.404  2.524   5.232   1.00 32.00  ? 14  PHE B CB   1 
ATOM   737  C  CG   . PHE B 1 14 ? 14.700  1.765   5.176   1.00 33.74  ? 14  PHE B CG   1 
ATOM   738  C  CD1  . PHE B 1 14 ? 14.712  0.382   5.236   1.00 34.49  ? 14  PHE B CD1  1 
ATOM   739  C  CD2  . PHE B 1 14 ? 15.907  2.433   5.080   1.00 33.57  ? 14  PHE B CD2  1 
ATOM   740  C  CE1  . PHE B 1 14 ? 15.899  -0.319  5.183   1.00 32.30  ? 14  PHE B CE1  1 
ATOM   741  C  CE2  . PHE B 1 14 ? 17.100  1.733   5.030   1.00 32.44  ? 14  PHE B CE2  1 
ATOM   742  C  CZ   . PHE B 1 14 ? 17.092  0.357   5.082   1.00 31.76  ? 14  PHE B CZ   1 
ATOM   743  H  H    . PHE B 1 14 ? 13.412  3.503   2.982   1.00 36.80  ? 14  PHE B H    1 
ATOM   744  H  HA   . PHE B 1 14 ? 12.509  1.235   3.917   1.00 34.83  ? 14  PHE B HA   1 
ATOM   745  H  HB2  . PHE B 1 14 ? 13.613  3.471   5.193   1.00 38.42  ? 14  PHE B HB2  1 
ATOM   746  H  HB3  . PHE B 1 14 ? 12.976  2.318   6.079   1.00 38.42  ? 14  PHE B HB3  1 
ATOM   747  H  HD1  . PHE B 1 14 ? 13.908  -0.081  5.301   1.00 41.42  ? 14  PHE B HD1  1 
ATOM   748  H  HD2  . PHE B 1 14 ? 15.917  3.362   5.041   1.00 40.31  ? 14  PHE B HD2  1 
ATOM   749  H  HE1  . PHE B 1 14 ? 15.892  -1.248  5.220   1.00 38.79  ? 14  PHE B HE1  1 
ATOM   750  H  HE2  . PHE B 1 14 ? 17.907  2.192   4.961   1.00 38.95  ? 14  PHE B HE2  1 
ATOM   751  H  HZ   . PHE B 1 14 ? 17.893  -0.115  5.050   1.00 38.14  ? 14  PHE B HZ   1 
ATOM   752  N  N    . LYS B 1 15 ? 10.503  3.679   4.255   1.00 31.46  ? 15  LYS B N    1 
ATOM   753  C  CA   . LYS B 1 15 ? 9.104   3.987   4.532   1.00 46.60  ? 15  LYS B CA   1 
ATOM   754  C  C    . LYS B 1 15 ? 8.174   3.147   3.667   1.00 34.05  ? 15  LYS B C    1 
ATOM   755  O  O    . LYS B 1 15 ? 7.145   2.655   4.146   1.00 33.21  ? 15  LYS B O    1 
ATOM   756  C  CB   . LYS B 1 15 ? 8.840   5.476   4.309   1.00 64.74  ? 15  LYS B CB   1 
ATOM   757  C  CG   . LYS B 1 15 ? 8.863   6.314   5.578   1.00 71.78  ? 15  LYS B CG   1 
ATOM   758  C  CD   . LYS B 1 15 ? 9.120   7.789   5.281   1.00 75.14  ? 15  LYS B CD   1 
ATOM   759  C  CE   . LYS B 1 15 ? 8.097   8.369   4.317   1.00 77.38  ? 15  LYS B CE   1 
ATOM   760  N  NZ   . LYS B 1 15 ? 8.368   9.802   4.026   1.00 79.46  ? 15  LYS B NZ   1 
ATOM   761  H  H    . LYS B 1 15 ? 10.951  4.328   3.912   1.00 37.78  ? 15  LYS B H    1 
ATOM   762  H  HA   . LYS B 1 15 ? 8.914   3.784   5.462   1.00 55.94  ? 15  LYS B HA   1 
ATOM   763  H  HB2  . LYS B 1 15 ? 9.520   5.826   3.712   1.00 77.72  ? 15  LYS B HB2  1 
ATOM   764  H  HB3  . LYS B 1 15 ? 7.966   5.579   3.904   1.00 77.72  ? 15  LYS B HB3  1 
ATOM   765  H  HG2  . LYS B 1 15 ? 8.006   6.240   6.025   1.00 86.16  ? 15  LYS B HG2  1 
ATOM   766  H  HG3  . LYS B 1 15 ? 9.572   5.994   6.159   1.00 86.16  ? 15  LYS B HG3  1 
ATOM   767  H  HD2  . LYS B 1 15 ? 9.073   8.292   6.110   1.00 90.20  ? 15  LYS B HD2  1 
ATOM   768  H  HD3  . LYS B 1 15 ? 9.998   7.884   4.882   1.00 90.20  ? 15  LYS B HD3  1 
ATOM   769  H  HE2  . LYS B 1 15 ? 8.130   7.879   3.481   1.00 92.88  ? 15  LYS B HE2  1 
ATOM   770  H  HE3  . LYS B 1 15 ? 7.212   8.301   4.710   1.00 92.88  ? 15  LYS B HE3  1 
ATOM   771  H  HZ1  . LYS B 1 15 ? 8.338   10.275  4.780   1.00 95.38  ? 15  LYS B HZ1  1 
ATOM   772  H  HZ2  . LYS B 1 15 ? 9.175   9.890   3.660   1.00 95.38  ? 15  LYS B HZ2  1 
ATOM   773  H  HZ3  . LYS B 1 15 ? 7.757   10.118  3.461   1.00 95.38  ? 15  LYS B HZ3  1 
ATOM   774  N  N    . GLU B 1 16 ? 8.508   2.988   2.384   1.00 32.74  ? 16  GLU B N    1 
ATOM   775  C  CA   . GLU B 1 16 ? 7.732   2.102   1.523   1.00 39.44  ? 16  GLU B CA   1 
ATOM   776  C  C    . GLU B 1 16 ? 7.798   0.662   2.017   1.00 33.68  ? 16  GLU B C    1 
ATOM   777  O  O    . GLU B 1 16 ? 6.805   -0.073  1.957   1.00 32.50  ? 16  GLU B O    1 
ATOM   778  C  CB   . GLU B 1 16 ? 8.240   2.202   0.084   1.00 50.27  ? 16  GLU B CB   1 
ATOM   779  C  CG   . GLU B 1 16 ? 7.553   1.258   -0.892  1.00 64.48  ? 16  GLU B CG   1 
ATOM   780  C  CD   . GLU B 1 16 ? 8.057   1.421   -2.314  1.00 75.87  ? 16  GLU B CD   1 
ATOM   781  O  OE1  . GLU B 1 16 ? 8.824   2.374   -2.571  1.00 79.57  ? 16  GLU B OE1  1 
ATOM   782  O  OE2  . GLU B 1 16 ? 7.688   0.592   -3.174  1.00 79.71  ? 16  GLU B OE2  1 
ATOM   783  H  H    . GLU B 1 16 ? 9.169   3.377   1.996   1.00 39.31  ? 16  GLU B H    1 
ATOM   784  H  HA   . GLU B 1 16 ? 6.803   2.382   1.535   1.00 47.36  ? 16  GLU B HA   1 
ATOM   785  H  HB2  . GLU B 1 16 ? 8.098   3.107   -0.233  1.00 60.35  ? 16  GLU B HB2  1 
ATOM   786  H  HB3  . GLU B 1 16 ? 9.188   1.997   0.074   1.00 60.35  ? 16  GLU B HB3  1 
ATOM   787  H  HG2  . GLU B 1 16 ? 7.719   0.343   -0.617  1.00 77.40  ? 16  GLU B HG2  1 
ATOM   788  H  HG3  . GLU B 1 16 ? 6.600   1.439   -0.889  1.00 77.40  ? 16  GLU B HG3  1 
ATOM   789  N  N    . ILE B 1 17 ? 8.965   0.239   2.508   1.00 32.18  ? 17  ILE B N    1 
ATOM   790  C  CA   . ILE B 1 17 ? 9.109   -1.118  3.030   1.00 29.47  ? 17  ILE B CA   1 
ATOM   791  C  C    . ILE B 1 17 ? 8.236   -1.304  4.265   1.00 30.43  ? 17  ILE B C    1 
ATOM   792  O  O    . ILE B 1 17 ? 7.510   -2.296  4.391   1.00 31.93  ? 17  ILE B O    1 
ATOM   793  C  CB   . ILE B 1 17 ? 10.590  -1.415  3.330   1.00 28.53  ? 17  ILE B CB   1 
ATOM   794  C  CG1  . ILE B 1 17 ? 11.373  -1.488  2.018   1.00 31.53  ? 17  ILE B CG1  1 
ATOM   795  C  CG2  . ILE B 1 17 ? 10.742  -2.715  4.119   1.00 26.20  ? 17  ILE B CG2  1 
ATOM   796  C  CD1  . ILE B 1 17 ? 12.870  -1.465  2.194   1.00 32.58  ? 17  ILE B CD1  1 
ATOM   797  H  H    . ILE B 1 17 ? 9.680   0.714   2.550   1.00 38.64  ? 17  ILE B H    1 
ATOM   798  H  HA   . ILE B 1 17 ? 8.810   -1.747  2.356   1.00 35.39  ? 17  ILE B HA   1 
ATOM   799  H  HB   . ILE B 1 17 ? 10.948  -0.687  3.862   1.00 34.26  ? 17  ILE B HB   1 
ATOM   800  H  HG12 . ILE B 1 17 ? 11.142  -2.313  1.562   1.00 37.86  ? 17  ILE B HG12 1 
ATOM   801  H  HG13 . ILE B 1 17 ? 11.129  -0.729  1.466   1.00 37.86  ? 17  ILE B HG13 1 
ATOM   802  H  HG21 . ILE B 1 17 ? 11.685  -2.872  4.290   1.00 31.46  ? 17  ILE B HG21 1 
ATOM   803  H  HG22 . ILE B 1 17 ? 10.263  -2.633  4.958   1.00 31.46  ? 17  ILE B HG22 1 
ATOM   804  H  HG23 . ILE B 1 17 ? 10.375  -3.445  3.597   1.00 31.46  ? 17  ILE B HG23 1 
ATOM   805  H  HD11 . ILE B 1 17 ? 13.291  -1.514  1.321   1.00 39.12  ? 17  ILE B HD11 1 
ATOM   806  H  HD12 . ILE B 1 17 ? 13.122  -0.640  2.637   1.00 39.12  ? 17  ILE B HD12 1 
ATOM   807  H  HD13 . ILE B 1 17 ? 13.136  -2.225  2.734   1.00 39.12  ? 17  ILE B HD13 1 
ATOM   808  N  N    . ALA B 1 18 ? 8.288   -0.348  5.192   1.00 29.51  ? 18  ALA B N    1 
ATOM   809  C  CA   . ALA B 1 18 ? 7.484   -0.461  6.404   1.00 28.74  ? 18  ALA B CA   1 
ATOM   810  C  C    . ALA B 1 18 ? 6.003   -0.593  6.067   1.00 30.54  ? 18  ALA B C    1 
ATOM   811  O  O    . ALA B 1 18 ? 5.297   -1.426  6.647   1.00 31.05  ? 18  ALA B O    1 
ATOM   812  C  CB   . ALA B 1 18 ? 7.727   0.746   7.305   1.00 28.35  ? 18  ALA B CB   1 
ATOM   813  H  H    . ALA B 1 18 ? 8.771   0.362   5.145   1.00 35.44  ? 18  ALA B H    1 
ATOM   814  H  HA   . ALA B 1 18 ? 7.752   -1.257  6.888   1.00 34.51  ? 18  ALA B HA   1 
ATOM   815  H  HB1  . ALA B 1 18 ? 7.185   0.656   8.105   1.00 34.04  ? 18  ALA B HB1  1 
ATOM   816  H  HB2  . ALA B 1 18 ? 8.667   0.778   7.542   1.00 34.04  ? 18  ALA B HB2  1 
ATOM   817  H  HB3  . ALA B 1 18 ? 7.479   1.552   6.826   1.00 34.04  ? 18  ALA B HB3  1 
ATOM   818  N  N    . LYS B 1 19 ? 5.518   0.213   5.120   1.00 35.21  ? 19  LYS B N    1 
ATOM   819  C  CA   . LYS B 1 19 ? 4.123   0.113   4.708   1.00 33.29  ? 19  LYS B CA   1 
ATOM   820  C  C    . LYS B 1 19 ? 3.830   -1.217  4.029   1.00 33.39  ? 19  LYS B C    1 
ATOM   821  O  O    . LYS B 1 19 ? 2.727   -1.755  4.175   1.00 31.66  ? 19  LYS B O    1 
ATOM   822  C  CB   . LYS B 1 19 ? 3.769   1.278   3.781   1.00 36.27  ? 19  LYS B CB   1 
ATOM   823  C  CG   . LYS B 1 19 ? 3.379   2.558   4.512   1.00 41.43  ? 19  LYS B CG   1 
ATOM   824  C  CD   . LYS B 1 19 ? 2.071   2.385   5.275   1.00 46.90  ? 19  LYS B CD   1 
ATOM   825  C  CE   . LYS B 1 19 ? 1.554   3.700   5.827   1.00 55.01  ? 19  LYS B CE   1 
ATOM   826  N  NZ   . LYS B 1 19 ? 0.275   3.516   6.573   1.00 58.27  ? 19  LYS B NZ   1 
ATOM   827  H  H    . LYS B 1 19 ? 5.972   0.817   4.708   1.00 42.27  ? 19  LYS B H    1 
ATOM   828  H  HA   . LYS B 1 19 ? 3.559   0.177   5.495   1.00 39.97  ? 19  LYS B HA   1 
ATOM   829  H  HB2  . LYS B 1 19 ? 4.537   1.477   3.224   1.00 43.55  ? 19  LYS B HB2  1 
ATOM   830  H  HB3  . LYS B 1 19 ? 3.019   1.015   3.225   1.00 43.55  ? 19  LYS B HB3  1 
ATOM   831  H  HG2  . LYS B 1 19 ? 4.074   2.788   5.148   1.00 49.74  ? 19  LYS B HG2  1 
ATOM   832  H  HG3  . LYS B 1 19 ? 3.263   3.273   3.867   1.00 49.74  ? 19  LYS B HG3  1 
ATOM   833  H  HD2  . LYS B 1 19 ? 1.399   2.025   4.675   1.00 56.31  ? 19  LYS B HD2  1 
ATOM   834  H  HD3  . LYS B 1 19 ? 2.214   1.780   6.018   1.00 56.31  ? 19  LYS B HD3  1 
ATOM   835  H  HE2  . LYS B 1 19 ? 2.211   4.071   6.438   1.00 66.04  ? 19  LYS B HE2  1 
ATOM   836  H  HE3  . LYS B 1 19 ? 1.393   4.314   5.094   1.00 66.04  ? 19  LYS B HE3  1 
ATOM   837  H  HZ1  . LYS B 1 19 ? -0.009  4.299   6.887   1.00 69.95  ? 19  LYS B HZ1  1 
ATOM   838  H  HZ2  . LYS B 1 19 ? -0.347  3.180   6.031   1.00 69.95  ? 19  LYS B HZ2  1 
ATOM   839  H  HZ3  . LYS B 1 19 ? 0.398   2.958   7.254   1.00 69.95  ? 19  LYS B HZ3  1 
ATOM   840  N  N    . ALA B 1 20 ? 4.798   -1.766  3.291   1.00 34.65  ? 20  ALA B N    1 
ATOM   841  C  CA   . ALA B 1 20 ? 4.601   -3.067  2.658   1.00 33.86  ? 20  ALA B CA   1 
ATOM   842  C  C    . ALA B 1 20 ? 4.453   -4.171  3.697   1.00 32.47  ? 20  ALA B C    1 
ATOM   843  O  O    . ALA B 1 20 ? 3.665   -5.105  3.512   1.00 33.75  ? 20  ALA B O    1 
ATOM   844  C  CB   . ALA B 1 20 ? 5.766   -3.374  1.718   1.00 32.37  ? 20  ALA B CB   1 
ATOM   845  H  H    . ALA B 1 20 ? 5.567   -1.409  3.145   1.00 41.60  ? 20  ALA B H    1 
ATOM   846  H  HA   . ALA B 1 20 ? 3.788   -3.041  2.130   1.00 40.66  ? 20  ALA B HA   1 
ATOM   847  H  HB1  . ALA B 1 20 ? 5.618   -4.240  1.306   1.00 38.87  ? 20  ALA B HB1  1 
ATOM   848  H  HB2  . ALA B 1 20 ? 5.810   -2.687  1.035   1.00 38.87  ? 20  ALA B HB2  1 
ATOM   849  H  HB3  . ALA B 1 20 ? 6.590   -3.387  2.230   1.00 38.87  ? 20  ALA B HB3  1 
ATOM   850  N  N    . PHE B 1 21 ? 5.207   -4.094  4.793   1.00 27.48  ? 21  PHE B N    1 
ATOM   851  C  CA   . PHE B 1 21 ? 5.069   -5.112  5.828   1.00 28.05  ? 21  PHE B CA   1 
ATOM   852  C  C    . PHE B 1 21 ? 3.775   -4.939  6.611   1.00 29.38  ? 21  PHE B C    1 
ATOM   853  O  O    . PHE B 1 21 ? 3.201   -5.930  7.078   1.00 31.51  ? 21  PHE B O    1 
ATOM   854  C  CB   . PHE B 1 21 ? 6.277   -5.087  6.761   1.00 30.05  ? 21  PHE B CB   1 
ATOM   855  C  CG   . PHE B 1 21 ? 7.478   -5.795  6.202   1.00 32.07  ? 21  PHE B CG   1 
ATOM   856  C  CD1  . PHE B 1 21 ? 7.426   -7.147  5.915   1.00 34.66  ? 21  PHE B CD1  1 
ATOM   857  C  CD2  . PHE B 1 21 ? 8.656   -5.113  5.964   1.00 33.56  ? 21  PHE B CD2  1 
ATOM   858  C  CE1  . PHE B 1 21 ? 8.526   -7.806  5.398   1.00 35.91  ? 21  PHE B CE1  1 
ATOM   859  C  CE2  . PHE B 1 21 ? 9.761   -5.769  5.448   1.00 34.61  ? 21  PHE B CE2  1 
ATOM   860  C  CZ   . PHE B 1 21 ? 9.694   -7.115  5.167   1.00 33.27  ? 21  PHE B CZ   1 
ATOM   861  H  H    . PHE B 1 21 ? 5.788   -3.482  4.957   1.00 33.00  ? 21  PHE B H    1 
ATOM   862  H  HA   . PHE B 1 21 ? 5.042   -5.983  5.403   1.00 33.69  ? 21  PHE B HA   1 
ATOM   863  H  HB2  . PHE B 1 21 ? 6.525   -4.164  6.927   1.00 36.09  ? 21  PHE B HB2  1 
ATOM   864  H  HB3  . PHE B 1 21 ? 6.038   -5.519  7.595   1.00 36.09  ? 21  PHE B HB3  1 
ATOM   865  H  HD1  . PHE B 1 21 ? 6.639   -7.619  6.070   1.00 41.62  ? 21  PHE B HD1  1 
ATOM   866  H  HD2  . PHE B 1 21 ? 8.709   -4.203  6.152   1.00 40.30  ? 21  PHE B HD2  1 
ATOM   867  H  HE1  . PHE B 1 21 ? 8.479   -8.715  5.209   1.00 43.11  ? 21  PHE B HE1  1 
ATOM   868  H  HE2  . PHE B 1 21 ? 10.549  -5.300  5.292   1.00 41.55  ? 21  PHE B HE2  1 
ATOM   869  H  HZ   . PHE B 1 21 ? 10.435  -7.555  4.820   1.00 39.95  ? 21  PHE B HZ   1 
ATOM   870  N  N    . GLU B 1 22 ? 3.292   -3.711  6.751   1.00 34.23  ? 22  GLU B N    1 
ATOM   871  C  CA   . GLU B 1 22 ? 1.995   -3.484  7.374   1.00 36.42  ? 22  GLU B CA   1 
ATOM   872  C  C    . GLU B 1 22 ? 0.900   -4.127  6.535   1.00 34.76  ? 22  GLU B C    1 
ATOM   873  O  O    . GLU B 1 22 ? -0.028  -4.732  7.067   1.00 37.72  ? 22  GLU B O    1 
ATOM   874  C  CB   . GLU B 1 22 ? 1.725   -1.989  7.544   1.00 44.81  ? 22  GLU B CB   1 
ATOM   875  C  CG   . GLU B 1 22 ? 2.313   -1.404  8.810   1.00 49.89  ? 22  GLU B CG   1 
ATOM   876  C  CD   . GLU B 1 22 ? 2.219   0.108   8.854   1.00 58.17  ? 22  GLU B CD   1 
ATOM   877  O  OE1  . GLU B 1 22 ? 3.152   0.746   9.388   1.00 58.86  ? 22  GLU B OE1  1 
ATOM   878  O  OE2  . GLU B 1 22 ? 1.217   0.658   8.349   1.00 61.83  ? 22  GLU B OE2  1 
ATOM   879  H  H    . GLU B 1 22 ? 3.694   -2.994  6.496   1.00 41.10  ? 22  GLU B H    1 
ATOM   880  H  HA   . GLU B 1 22 ? 1.985   -3.896  8.252   1.00 43.73  ? 22  GLU B HA   1 
ATOM   881  H  HB2  . GLU B 1 22 ? 2.109   -1.514  6.791   1.00 53.79  ? 22  GLU B HB2  1 
ATOM   882  H  HB3  . GLU B 1 22 ? 0.766   -1.845  7.569   1.00 53.79  ? 22  GLU B HB3  1 
ATOM   883  H  HG2  . GLU B 1 22 ? 1.833   -1.757  9.575   1.00 59.89  ? 22  GLU B HG2  1 
ATOM   884  H  HG3  . GLU B 1 22 ? 3.251   -1.648  8.865   1.00 59.89  ? 22  GLU B HG3  1 
HETATM 885  N  N    . PHI B 1 23 ? 1.019   -3.997  5.218   1.00 29.11  ? 23  PHI B N    1 
HETATM 886  C  CA   . PHI B 1 23 ? 0.052   -4.547  4.298   1.00 41.00  ? 23  PHI B CA   1 
HETATM 887  C  CB   . PHI B 1 23 ? 0.226   -4.018  2.854   1.00 66.25  ? 23  PHI B CB   1 
HETATM 888  C  CG   . PHI B 1 23 ? 0.090   -2.530  2.742   1.00 71.39  ? 23  PHI B CG   1 
HETATM 889  C  CD1  . PHI B 1 23 ? 0.584   -1.875  1.605   1.00 73.30  ? 23  PHI B CD1  1 
HETATM 890  C  CD2  . PHI B 1 23 ? -0.523  -1.751  3.736   1.00 71.77  ? 23  PHI B CD2  1 
HETATM 891  C  CE1  . PHI B 1 23 ? 0.473   -0.489  1.463   1.00 76.90  ? 23  PHI B CE1  1 
HETATM 892  C  CE2  . PHI B 1 23 ? -0.633  -0.363  3.596   1.00 75.11  ? 23  PHI B CE2  1 
HETATM 893  C  CZ   . PHI B 1 23 ? -0.136  0.278   2.457   1.00 79.50  ? 23  PHI B CZ   1 
HETATM 894  I  I    . PHI B 1 23 ? -0.295  2.291   2.248   1.00 84.32  ? 23  PHI B I    1 
HETATM 895  C  C    . PHI B 1 23 ? 0.113   -6.078  4.281   1.00 29.58  ? 23  PHI B C    1 
HETATM 896  O  O    . PHI B 1 23 ? -0.886  -6.799  4.161   1.00 30.82  ? 23  PHI B O    1 
HETATM 897  H  H    . PHI B 1 23 ? 1.761   -3.525  4.735   1.00 34.80  ? 23  PHI B H    1 
HETATM 898  H  HA   . PHI B 1 23 ? -0.973  -4.235  4.667   1.00 49.23  ? 23  PHI B HA   1 
HETATM 899  H  HB2  . PHI B 1 23 ? -0.527  -4.520  2.188   1.00 79.53  ? 23  PHI B HB2  1 
HETATM 900  H  HB3  . PHI B 1 23 ? 1.244   -4.330  2.497   1.00 79.53  ? 23  PHI B HB3  1 
HETATM 901  H  HD1  . PHI B 1 23 ? 1.068   -2.462  0.809   1.00 87.99  ? 23  PHI B HD1  1 
HETATM 902  H  HD2  . PHI B 1 23 ? -0.921  -2.237  4.640   1.00 86.15  ? 23  PHI B HD2  1 
HETATM 903  H  HE1  . PHI B 1 23 ? 0.874   -0.010  0.556   1.00 92.31  ? 23  PHI B HE1  1 
HETATM 904  H  HE2  . PHI B 1 23 ? -1.119  0.220   4.394   1.00 90.16  ? 23  PHI B HE2  1 
ATOM   905  N  N    . ILE B 1 24 ? 1.331   -6.601  4.414   1.00 30.88  ? 24  ILE B N    1 
ATOM   906  C  CA   . ILE B 1 24 ? 1.539   -8.044  4.562   1.00 33.42  ? 24  ILE B CA   1 
ATOM   907  C  C    . ILE B 1 24 ? 0.785   -8.534  5.790   1.00 30.31  ? 24  ILE B C    1 
ATOM   908  O  O    . ILE B 1 24 ? -0.009  -9.474  5.725   1.00 30.33  ? 24  ILE B O    1 
ATOM   909  C  CB   . ILE B 1 24 ? 3.043   -8.398  4.688   1.00 35.99  ? 24  ILE B CB   1 
ATOM   910  C  CG1  . ILE B 1 24 ? 3.776   -8.181  3.362   1.00 41.83  ? 24  ILE B CG1  1 
ATOM   911  C  CG2  . ILE B 1 24 ? 3.236   -9.837  5.186   1.00 37.32  ? 24  ILE B CG2  1 
ATOM   912  C  CD1  . ILE B 1 24 ? 3.612   -9.299  2.355   1.00 45.45  ? 24  ILE B CD1  1 
ATOM   913  H  H    . ILE B 1 24 ? 2.057   -6.141  4.420   1.00 37.08  ? 24  ILE B H    1 
ATOM   914  H  HA   . ILE B 1 24 ? 1.183   -8.501  3.784   1.00 40.13  ? 24  ILE B HA   1 
ATOM   915  H  HB   . ILE B 1 24 ? 3.435   -7.801  5.345   1.00 43.21  ? 24  ILE B HB   1 
ATOM   916  H  HG12 . ILE B 1 24 ? 3.441   -7.368  2.954   1.00 50.22  ? 24  ILE B HG12 1 
ATOM   917  H  HG13 . ILE B 1 24 ? 4.724   -8.088  3.545   1.00 50.22  ? 24  ILE B HG13 1 
ATOM   918  H  HG21 . ILE B 1 24 ? 4.186   -10.023 5.252   1.00 44.81  ? 24  ILE B HG21 1 
ATOM   919  H  HG22 . ILE B 1 24 ? 2.820   -9.928  6.057   1.00 44.81  ? 24  ILE B HG22 1 
ATOM   920  H  HG23 . ILE B 1 24 ? 2.822   -10.447 4.556   1.00 44.81  ? 24  ILE B HG23 1 
ATOM   921  H  HD11 . ILE B 1 24 ? 4.109   -9.074  1.552   1.00 54.57  ? 24  ILE B HD11 1 
ATOM   922  H  HD12 . ILE B 1 24 ? 3.957   -10.121 2.736   1.00 54.57  ? 24  ILE B HD12 1 
ATOM   923  H  HD13 . ILE B 1 24 ? 2.671   -9.399  2.144   1.00 54.57  ? 24  ILE B HD13 1 
ATOM   924  N  N    . ALA B 1 25 ? 1.058   -7.881  6.920   1.00 31.02  ? 25  ALA B N    1 
ATOM   925  C  CA   . ALA B 1 25 ? 0.450   -8.287  8.181   1.00 27.95  ? 25  ALA B CA   1 
ATOM   926  C  C    . ALA B 1 25 ? -1.072  -8.278  8.094   1.00 33.09  ? 25  ALA B C    1 
ATOM   927  O  O    . ALA B 1 25 ? -1.736  -9.171  8.631   1.00 32.38  ? 25  ALA B O    1 
ATOM   928  C  CB   . ALA B 1 25 ? 0.929   -7.370  9.308   1.00 25.86  ? 25  ALA B CB   1 
ATOM   929  H  H    . ALA B 1 25 ? 1.588   -7.207  6.981   1.00 37.25  ? 25  ALA B H    1 
ATOM   930  H  HA   . ALA B 1 25 ? 0.732   -9.191  8.391   1.00 33.56  ? 25  ALA B HA   1 
ATOM   931  H  HB1  . ALA B 1 25 ? 0.518   -7.651  10.141  1.00 31.05  ? 25  ALA B HB1  1 
ATOM   932  H  HB2  . ALA B 1 25 ? 1.896   -7.435  9.377   1.00 31.05  ? 25  ALA B HB2  1 
ATOM   933  H  HB3  . ALA B 1 25 ? 0.673   -6.457  9.102   1.00 31.05  ? 25  ALA B HB3  1 
ATOM   934  N  N    . GLN B 1 26 ? -1.648  -7.277  7.423   1.00 40.54  ? 26  GLN B N    1 
ATOM   935  C  CA   . GLN B 1 26 ? -3.104  -7.204  7.347   1.00 47.65  ? 26  GLN B CA   1 
ATOM   936  C  C    . GLN B 1 26 ? -3.665  -8.246  6.389   1.00 39.71  ? 26  GLN B C    1 
ATOM   937  O  O    . GLN B 1 26 ? -4.804  -8.692  6.562   1.00 39.88  ? 26  GLN B O    1 
ATOM   938  C  CB   . GLN B 1 26 ? -3.553  -5.799  6.936   1.00 62.81  ? 26  GLN B CB   1 
ATOM   939  C  CG   . GLN B 1 26 ? -3.590  -5.525  5.435   1.00 76.07  ? 26  GLN B CG   1 
ATOM   940  C  CD   . GLN B 1 26 ? -4.219  -4.182  5.109   1.00 88.27  ? 26  GLN B CD   1 
ATOM   941  O  OE1  . GLN B 1 26 ? -3.558  -3.145  5.143   1.00 91.53  ? 26  GLN B OE1  1 
ATOM   942  N  NE2  . GLN B 1 26 ? -5.509  -4.197  4.798   1.00 93.42  ? 26  GLN B NE2  1 
ATOM   943  H  H    . GLN B 1 26 ? -1.230  -6.646  7.015   1.00 48.68  ? 26  GLN B H    1 
ATOM   944  H  HA   . GLN B 1 26 ? -3.471  -7.385  8.227   1.00 57.20  ? 26  GLN B HA   1 
ATOM   945  H  HB2  . GLN B 1 26 ? -4.449  -5.651  7.280   1.00 75.40  ? 26  GLN B HB2  1 
ATOM   946  H  HB3  . GLN B 1 26 ? -2.945  -5.155  7.332   1.00 75.40  ? 26  GLN B HB3  1 
ATOM   947  H  HG2  . GLN B 1 26 ? -2.683  -5.525  5.089   1.00 91.30  ? 26  GLN B HG2  1 
ATOM   948  H  HG3  . GLN B 1 26 ? -4.113  -6.217  4.998   1.00 91.30  ? 26  GLN B HG3  1 
ATOM   949  H  HE21 . GLN B 1 26 ? -5.914  -3.463  4.605   1.00 112.13 ? 26  GLN B HE21 1 
ATOM   950  H  HE22 . GLN B 1 26 ? -5.941  -4.941  4.790   1.00 112.13 ? 26  GLN B HE22 1 
ATOM   951  N  N    . ALA B 1 27 ? -2.894  -8.642  5.375   1.00 39.45  ? 27  ALA B N    1 
ATOM   952  C  CA   . ALA B 1 27 ? -3.344  -9.711  4.490   1.00 40.70  ? 27  ALA B CA   1 
ATOM   953  C  C    . ALA B 1 27 ? -3.370  -11.051 5.210   1.00 40.84  ? 27  ALA B C    1 
ATOM   954  O  O    . ALA B 1 27 ? -4.185  -11.917 4.876   1.00 38.69  ? 27  ALA B O    1 
ATOM   955  C  CB   . ALA B 1 27 ? -2.444  -9.788  3.257   1.00 41.22  ? 27  ALA B CB   1 
ATOM   956  H  H    . ALA B 1 27 ? -2.123  -8.315  5.183   1.00 47.37  ? 27  ALA B H    1 
ATOM   957  H  HA   . ALA B 1 27 ? -4.246  -9.514  4.191   1.00 48.86  ? 27  ALA B HA   1 
ATOM   958  H  HB1  . ALA B 1 27 ? -2.759  -10.503 2.682   1.00 49.49  ? 27  ALA B HB1  1 
ATOM   959  H  HB2  . ALA B 1 27 ? -2.483  -8.942  2.785   1.00 49.49  ? 27  ALA B HB2  1 
ATOM   960  H  HB3  . ALA B 1 27 ? -1.534  -9.968  3.541   1.00 49.49  ? 27  ALA B HB3  1 
ATOM   961  N  N    . ILE B 1 28 ? -2.493  -11.237 6.198   1.00 41.32  ? 28  ILE B N    1 
ATOM   962  C  CA   . ILE B 1 28 ? -2.475  -12.480 6.960   1.00 44.35  ? 28  ILE B CA   1 
ATOM   963  C  C    . ILE B 1 28 ? -3.649  -12.526 7.931   1.00 44.33  ? 28  ILE B C    1 
ATOM   964  O  O    . ILE B 1 28 ? -4.299  -13.565 8.090   1.00 45.53  ? 28  ILE B O    1 
ATOM   965  C  CB   . ILE B 1 28 ? -1.123  -12.633 7.684   1.00 43.72  ? 28  ILE B CB   1 
ATOM   966  C  CG1  . ILE B 1 28 ? 0.007   -12.798 6.662   1.00 42.80  ? 28  ILE B CG1  1 
ATOM   967  C  CG2  . ILE B 1 28 ? -1.149  -13.826 8.650   1.00 44.20  ? 28  ILE B CG2  1 
ATOM   968  C  CD1  . ILE B 1 28 ? 1.406   -12.747 7.261   1.00 39.95  ? 28  ILE B CD1  1 
ATOM   969  H  H    . ILE B 1 28 ? -1.902  -10.661 6.444   1.00 49.62  ? 28  ILE B H    1 
ATOM   970  H  HA   . ILE B 1 28 ? -2.569  -13.225 6.345   1.00 53.25  ? 28  ILE B HA   1 
ATOM   971  H  HB   . ILE B 1 28 ? -0.958  -11.827 8.197   1.00 52.49  ? 28  ILE B HB   1 
ATOM   972  H  HG12 . ILE B 1 28 ? -0.094  -13.655 6.222   1.00 51.38  ? 28  ILE B HG12 1 
ATOM   973  H  HG13 . ILE B 1 28 ? -0.059  -12.084 6.008   1.00 51.38  ? 28  ILE B HG13 1 
ATOM   974  H  HG21 . ILE B 1 28 ? -0.288  -13.896 9.089   1.00 53.07  ? 28  ILE B HG21 1 
ATOM   975  H  HG22 . ILE B 1 28 ? -1.846  -13.683 9.310   1.00 53.07  ? 28  ILE B HG22 1 
ATOM   976  H  HG23 . ILE B 1 28 ? -1.331  -14.635 8.148   1.00 53.07  ? 28  ILE B HG23 1 
ATOM   977  H  HD11 . ILE B 1 28 ? 2.057   -12.857 6.552   1.00 47.97  ? 28  ILE B HD11 1 
ATOM   978  H  HD12 . ILE B 1 28 ? 1.532   -11.889 7.696   1.00 47.97  ? 28  ILE B HD12 1 
ATOM   979  H  HD13 . ILE B 1 28 ? 1.497   -13.463 7.910   1.00 47.97  ? 28  ILE B HD13 1 
ATOM   980  N  N    . GLU B 1 29 ? -3.946  -11.408 8.589   1.00 45.77  ? 29  GLU B N    1 
ATOM   981  C  CA   . GLU B 1 29 ? -5.069  -11.352 9.522   1.00 56.94  ? 29  GLU B CA   1 
ATOM   982  C  C    . GLU B 1 29 ? -6.383  -11.642 8.806   1.00 70.51  ? 29  GLU B C    1 
ATOM   983  O  O    . GLU B 1 29 ? -7.109  -12.563 9.168   1.00 70.72  ? 29  GLU B O    1 
ATOM   984  C  CB   . GLU B 1 29 ? -5.143  -9.985  10.202  1.00 58.40  ? 29  GLU B CB   1 
ATOM   985  C  CG   . GLU B 1 29 ? -3.959  -9.662  11.090  1.00 58.65  ? 29  GLU B CG   1 
ATOM   986  C  CD   . GLU B 1 29 ? -4.174  -8.399  11.898  1.00 62.99  ? 29  GLU B CD   1 
ATOM   987  O  OE1  . GLU B 1 29 ? -3.925  -8.426  13.122  1.00 64.58  ? 29  GLU B OE1  1 
ATOM   988  O  OE2  . GLU B 1 29 ? -4.604  -7.383  11.314  1.00 65.33  ? 29  GLU B OE2  1 
ATOM   989  H  H    . GLU B 1 29 ? -3.514  -10.669 8.511   1.00 54.95  ? 29  GLU B H    1 
ATOM   990  H  HA   . GLU B 1 29 ? -4.944  -12.025 10.210  1.00 68.36  ? 29  GLU B HA   1 
ATOM   991  H  HB2  . GLU B 1 29 ? -5.194  -9.300  9.518   1.00 70.10  ? 29  GLU B HB2  1 
ATOM   992  H  HB3  . GLU B 1 29 ? -5.940  -9.956  10.755  1.00 70.10  ? 29  GLU B HB3  1 
ATOM   993  H  HG2  . GLU B 1 29 ? -3.815  -10.395 11.708  1.00 70.40  ? 29  GLU B HG2  1 
ATOM   994  H  HG3  . GLU B 1 29 ? -3.173  -9.535  10.536  1.00 70.40  ? 29  GLU B HG3  1 
ATOM   995  N  N    . LYS B 1 30 ? -6.677  -10.833 7.793   1.00 44.45  ? 30  LYS B N    1 
ATOM   996  C  CA   . LYS B 1 30 ? -7.737  -10.997 7.071   1.00 51.15  ? 30  LYS B CA   1 
ATOM   997  C  C    . LYS B 1 30 ? -7.911  -12.409 6.468   1.00 56.08  ? 30  LYS B C    1 
ATOM   998  O  O    . LYS B 1 30 ? -8.995  -12.933 6.469   1.00 59.51  ? 30  LYS B O    1 
ATOM   999  C  CB   . LYS B 1 30 ? -7.828  -9.872  6.051   1.00 53.26  ? 30  LYS B CB   1 
ATOM   1000 C  CG   . LYS B 1 30 ? -8.964  -10.143 5.100   1.00 56.39  ? 30  LYS B CG   1 
ATOM   1001 C  CD   . LYS B 1 30 ? -9.406  -8.847  4.445   1.00 60.87  ? 30  LYS B CD   1 
ATOM   1002 C  CE   . LYS B 1 30 ? -10.667 -9.103  3.576   1.00 65.15  ? 30  LYS B CE   1 
ATOM   1003 N  NZ   . LYS B 1 30 ? -11.821 -9.415  4.451   1.00 67.52  ? 30  LYS B NZ   1 
ATOM   1004 H  H    . LYS B 1 30 ? -6.146  -10.146 7.580   1.00 53.36  ? 30  LYS B H    1 
ATOM   1005 H  HA   . LYS B 1 30 ? -8.569  -10.874 7.606   1.00 61.41  ? 30  LYS B HA   1 
ATOM   1006 H  HB2  . LYS B 1 30 ? -7.983  -9.048  6.505   1.00 63.94  ? 30  LYS B HB2  1 
ATOM   1007 H  HB3  . LYS B 1 30 ? -7.005  -9.815  5.559   1.00 63.94  ? 30  LYS B HB3  1 
ATOM   1008 H  HG2  . LYS B 1 30 ? -8.671  -10.766 4.416   1.00 67.69  ? 30  LYS B HG2  1 
ATOM   1009 H  HG3  . LYS B 1 30 ? -9.711  -10.530 5.592   1.00 67.69  ? 30  LYS B HG3  1 
ATOM   1010 H  HD2  . LYS B 1 30 ? -9.620  -8.182  5.146   1.00 73.07  ? 30  LYS B HD2  1 
ATOM   1011 H  HD3  . LYS B 1 30 ? -8.679  -8.504  3.874   1.00 73.07  ? 30  LYS B HD3  1 
ATOM   1012 H  HE2  . LYS B 1 30 ? -10.869 -8.298  3.045   1.00 78.20  ? 30  LYS B HE2  1 
ATOM   1013 H  HE3  . LYS B 1 30 ? -10.502 -9.853  2.978   1.00 78.20  ? 30  LYS B HE3  1 
ATOM   1014 H  HZ1  . LYS B 1 30 ? -12.001 -8.689  4.992   1.00 81.05  ? 30  LYS B HZ1  1 
ATOM   1015 H  HZ2  . LYS B 1 30 ? -11.617 -10.160 4.985   1.00 81.05  ? 30  LYS B HZ2  1 
ATOM   1016 H  HZ3  . LYS B 1 30 ? -12.557 -9.602  3.933   1.00 81.05  ? 30  LYS B HZ3  1 
HETATM 1017 N  N    . NH2 B 1 31 ? -6.773  -13.103 5.905   1.00 55.35  ? 31  NH2 B N    1 
HETATM 1018 H  HN1  . NH2 B 1 31 ? -5.948  -12.704 5.905   1.00 66.45  ? 31  NH2 B HN1  1 
HETATM 1019 H  HN2  . NH2 B 1 31 ? -6.876  -13.944 5.546   1.00 66.45  ? 31  NH2 B HN2  1 
HETATM 1020 CL CL   . CL  C 2 .  ? -2.298  18.488  -4.695  0.33 64.37  ? 101 CL  A CL   1 
HETATM 1021 O  O    . HOH D 3 .  ? -3.179  -5.327  -3.828  1.00 53.86  ? 201 HOH A O    1 
HETATM 1022 O  O    . HOH D 3 .  ? -5.827  2.599   3.196   1.00 49.03  ? 202 HOH A O    1 
HETATM 1023 O  O    . HOH D 3 .  ? -12.099 -12.645 -4.975  1.00 55.06  ? 203 HOH A O    1 
HETATM 1024 O  O    . HOH D 3 .  ? -11.076 -10.856 -4.783  1.00 45.78  ? 204 HOH A O    1 
HETATM 1025 O  O    . HOH D 3 .  ? 4.589   4.639   1.661   1.00 49.98  ? 205 HOH A O    1 
HETATM 1026 O  O    . HOH E 3 .  ? -2.991  -2.331  7.377   1.00 51.69  ? 201 HOH B O    1 
HETATM 1027 O  O    . HOH E 3 .  ? 8.803   -1.309  -4.387  1.00 57.41  ? 202 HOH B O    1 
HETATM 1028 O  O    . HOH E 3 .  ? 11.286  2.485   -3.385  0.50 51.29  ? 203 HOH B O    1 
HETATM 1029 O  O    . HOH E 3 .  ? -12.109 -10.612 7.074   1.00 62.57  ? 204 HOH B O    1 
HETATM 1030 O  O    . HOH E 3 .  ? 4.466   -0.263  -0.141  1.00 50.08  ? 205 HOH B O    1 
HETATM 1031 O  O    . HOH E 3 .  ? 3.729   2.976   0.588   1.00 56.01  ? 206 HOH B O    1 
# 
loop_
_atom_site_anisotrop.id 
_atom_site_anisotrop.type_symbol 
_atom_site_anisotrop.pdbx_label_atom_id 
_atom_site_anisotrop.pdbx_label_alt_id 
_atom_site_anisotrop.pdbx_label_comp_id 
_atom_site_anisotrop.pdbx_label_asym_id 
_atom_site_anisotrop.pdbx_label_seq_id 
_atom_site_anisotrop.pdbx_PDB_ins_code 
_atom_site_anisotrop.U[1][1] 
_atom_site_anisotrop.U[2][2] 
_atom_site_anisotrop.U[3][3] 
_atom_site_anisotrop.U[1][2] 
_atom_site_anisotrop.U[1][3] 
_atom_site_anisotrop.U[2][3] 
_atom_site_anisotrop.pdbx_auth_seq_id 
_atom_site_anisotrop.pdbx_auth_comp_id 
_atom_site_anisotrop.pdbx_auth_asym_id 
_atom_site_anisotrop.pdbx_auth_atom_id 
1   C C   . ACE A 1  ? 0.7832 0.6089 0.8696 -0.1053 -0.2786 0.0521  1  ACE A C   
2   O O   . ACE A 1  ? 0.7068 0.5396 0.7837 -0.0943 -0.2803 0.0601  1  ACE A O   
3   C CH3 . ACE A 1  ? 0.6847 0.5366 0.8916 -0.1001 -0.2870 0.0621  1  ACE A CH3 
4   N N   . GLU A 2  ? 0.9233 0.7173 0.9177 -0.1229 -0.2675 0.0328  2  GLU A N   
5   C CA  . GLU A 2  ? 0.9899 0.7583 0.8681 -0.1301 -0.2538 0.0190  2  GLU A CA  
6   C C   . GLU A 2  ? 0.8843 0.6680 0.7563 -0.0922 -0.2024 0.0049  2  GLU A C   
7   O O   . GLU A 2  ? 0.8534 0.6404 0.6939 -0.0901 -0.2045 0.0100  2  GLU A O   
8   C CB  . GLU A 2  ? 1.0925 0.8246 0.8863 -0.1511 -0.2434 -0.0037 2  GLU A CB  
9   C CG  . GLU A 2  ? 1.2073 0.9042 0.8900 -0.1870 -0.2695 -0.0053 2  GLU A CG  
10  C CD  . GLU A 2  ? 1.3200 0.9799 0.9506 -0.2208 -0.2897 -0.0161 2  GLU A CD  
11  O OE1 . GLU A 2  ? 1.3415 1.0070 1.0394 -0.2327 -0.3212 -0.0045 2  GLU A OE1 
12  O OE2 . GLU A 2  ? 1.3888 1.0139 0.9138 -0.2357 -0.2732 -0.0378 2  GLU A OE2 
19  N N   . LEU A 3  ? 0.7901 0.5809 0.6904 -0.0639 -0.1580 -0.0122 3  LEU A N   
20  C CA  . LEU A 3  ? 0.7075 0.5102 0.6010 -0.0275 -0.1126 -0.0262 3  LEU A CA  
21  C C   . LEU A 3  ? 0.6125 0.4451 0.5808 -0.0067 -0.1175 -0.0095 3  LEU A C   
22  O O   . LEU A 3  ? 0.5792 0.4192 0.5261 0.0094  -0.1030 -0.0135 3  LEU A O   
23  C CB  . LEU A 3  ? 0.7003 0.4967 0.6023 -0.0036 -0.0686 -0.0455 3  LEU A CB  
24  C CG  . LEU A 3  ? 0.7996 0.5630 0.6198 -0.0131 -0.0506 -0.0686 3  LEU A CG  
25  C CD1 . LEU A 3  ? 0.7894 0.5436 0.6305 0.0099  -0.0128 -0.0815 3  LEU A CD1 
26  C CD2 . LEU A 3  ? 0.8357 0.5927 0.5783 -0.0067 -0.0329 -0.0847 3  LEU A CD2 
38  N N   . ALA A 4  ? 0.5786 0.4289 0.6393 -0.0066 -0.1371 0.0080  4  ALA A N   
39  C CA  . ALA A 4  ? 0.5755 0.4522 0.7146 0.0155  -0.1387 0.0213  4  ALA A CA  
40  C C   . ALA A 4  ? 0.5609 0.4367 0.6709 0.0061  -0.1671 0.0345  4  ALA A C   
41  O O   . ALA A 4  ? 0.5373 0.4223 0.6508 0.0290  -0.1480 0.0308  4  ALA A O   
42  C CB  . ALA A 4  ? 0.5785 0.4746 0.8252 0.0107  -0.1626 0.0392  4  ALA A CB  
48  N N   . GLN A 5  ? 0.6005 0.4615 0.6772 -0.0294 -0.2143 0.0503  5  GLN A N   
49  C CA  . GLN A 5  ? 0.6221 0.4771 0.6698 -0.0424 -0.2443 0.0672  5  GLN A CA  
50  C C   . GLN A 5  ? 0.6260 0.4717 0.5873 -0.0365 -0.2113 0.0493  5  GLN A C   
51  O O   . GLN A 5  ? 0.6285 0.4795 0.5907 -0.0290 -0.2126 0.0564  5  GLN A O   
52  C CB  . GLN A 5  ? 0.7421 0.5750 0.7543 -0.0848 -0.3013 0.0875  5  GLN A CB  
53  C CG  . GLN A 5  ? 0.8509 0.6517 0.7415 -0.1130 -0.2963 0.0728  5  GLN A CG  
54  C CD  . GLN A 5  ? 0.9821 0.7558 0.8331 -0.1563 -0.3536 0.0912  5  GLN A CD  
55  O OE1 . GLN A 5  ? 1.0069 0.7839 0.9107 -0.1674 -0.4042 0.1199  5  GLN A OE1 
56  N NE2 . GLN A 5  ? 1.0461 0.7900 0.8027 -0.1807 -0.3473 0.0742  5  GLN A NE2 
65  N N   . ALA A 6  ? 0.6564 0.4881 0.5477 -0.0397 -0.1816 0.0255  6  ALA A N   
66  C CA  . ALA A 6  ? 0.6332 0.4604 0.4527 -0.0327 -0.1485 0.0062  6  ALA A CA  
67  C C   . ALA A 6  ? 0.5730 0.4232 0.4374 0.0065  -0.1153 -0.0029 6  ALA A C   
68  O O   . ALA A 6  ? 0.5663 0.4220 0.4115 0.0105  -0.1097 -0.0032 6  ALA A O   
69  C CB  . ALA A 6  ? 0.6568 0.4660 0.4086 -0.0377 -0.1209 -0.0197 6  ALA A CB  
75  N N   . PHE A 7  ? 0.5344 0.3958 0.4560 0.0341  -0.0929 -0.0106 7  PHE A N   
76  C CA  . PHE A 7  ? 0.4868 0.3643 0.4450 0.0705  -0.0632 -0.0196 7  PHE A CA  
77  C C   . PHE A 7  ? 0.4813 0.3719 0.4986 0.0747  -0.0862 0.0001  7  PHE A C   
78  O O   . PHE A 7  ? 0.4472 0.3458 0.4700 0.0951  -0.0703 -0.0064 7  PHE A O   
79  C CB  . PHE A 7  ? 0.5328 0.4130 0.5322 0.0955  -0.0339 -0.0300 7  PHE A CB  
80  C CG  . PHE A 7  ? 0.5522 0.4171 0.4935 0.1017  -0.0033 -0.0527 7  PHE A CG  
81  C CD1 . PHE A 7  ? 0.5484 0.4120 0.4418 0.1200  0.0235  -0.0720 7  PHE A CD1 
82  C CD2 . PHE A 7  ? 0.5770 0.4275 0.5161 0.0894  -0.0030 -0.0546 7  PHE A CD2 
83  C CE1 . PHE A 7  ? 0.5270 0.3748 0.3727 0.1284  0.0496  -0.0923 7  PHE A CE1 
84  C CE2 . PHE A 7  ? 0.5727 0.4044 0.4596 0.0961  0.0245  -0.0751 7  PHE A CE2 
85  C CZ  . PHE A 7  ? 0.5449 0.3746 0.3855 0.1167  0.0505  -0.0938 7  PHE A CZ  
95  N N   . LYS A 8  ? 0.5703 0.4614 0.6336 0.0559  -0.1259 0.0239  8  LYS A N   
96  C CA  . LYS A 8  ? 0.5733 0.4719 0.6912 0.0583  -0.1526 0.0443  8  LYS A CA  
97  C C   . LYS A 8  ? 0.5938 0.4810 0.6497 0.0403  -0.1676 0.0508  8  LYS A C   
98  O O   . LYS A 8  ? 0.5787 0.4711 0.6548 0.0544  -0.1640 0.0529  8  LYS A O   
99  C CB  . LYS A 8  ? 0.6022 0.5033 0.7858 0.0415  -0.1966 0.0694  8  LYS A CB  
100 C CG  . LYS A 8  ? 0.5857 0.5041 0.8545 0.0610  -0.1798 0.0651  8  LYS A CG  
101 C CD  . LYS A 8  ? 0.6187 0.5434 0.9587 0.0418  -0.2267 0.0893  8  LYS A CD  
102 C CE  . LYS A 8  ? 0.6116 0.5571 1.0424 0.0591  -0.2051 0.0839  8  LYS A CE  
103 N NZ  . LYS A 8  ? 0.6441 0.6004 1.1537 0.0393  -0.2524 0.1063  8  LYS A NZ  
117 N N   . GLU A 9  ? 0.5759 0.4455 0.5540 0.0078  -0.1825 0.0532  9  GLU A N   
118 C CA  . GLU A 9  ? 0.6174 0.4752 0.5284 -0.0117 -0.1882 0.0571  9  GLU A CA  
119 C C   . GLU A 9  ? 0.5521 0.4223 0.4414 0.0118  -0.1440 0.0323  9  GLU A C   
120 O O   . GLU A 9  ? 0.5575 0.4274 0.4308 0.0071  -0.1451 0.0366  9  GLU A O   
121 C CB  . GLU A 9  ? 0.8207 0.6548 0.6427 -0.0499 -0.2019 0.0583  9  GLU A CB  
122 C CG  . GLU A 9  ? 1.0283 0.8453 0.8606 -0.0787 -0.2549 0.0852  9  GLU A CG  
123 C CD  . GLU A 9  ? 1.2264 1.0149 0.9617 -0.1162 -0.2658 0.0819  9  GLU A CD  
124 O OE1 . GLU A 9  ? 1.2781 1.0618 0.9434 -0.1179 -0.2279 0.0571  9  GLU A OE1 
125 O OE2 . GLU A 9  ? 1.3161 1.0858 1.0460 -0.1438 -0.3132 0.1033  9  GLU A OE2 
132 N N   . ILE A 10 ? 0.5206 0.4001 0.4109 0.0364  -0.1069 0.0073  10 ILE A N   
133 C CA  . ILE A 10 ? 0.4905 0.3819 0.3651 0.0610  -0.0693 -0.0163 10 ILE A CA  
134 C C   . ILE A 10 ? 0.4525 0.3559 0.3908 0.0888  -0.0660 -0.0138 10 ILE A C   
135 O O   . ILE A 10 ? 0.4435 0.3531 0.3733 0.0952  -0.0576 -0.0200 10 ILE A O   
136 C CB  . ILE A 10 ? 0.4777 0.3690 0.3308 0.0790  -0.0354 -0.0413 10 ILE A CB  
137 C CG1 . ILE A 10 ? 0.5214 0.3980 0.3015 0.0517  -0.0340 -0.0493 10 ILE A CG1 
138 C CG2 . ILE A 10 ? 0.4459 0.3499 0.2979 0.1109  -0.0019 -0.0638 10 ILE A CG2 
139 C CD1 . ILE A 10 ? 0.5197 0.3886 0.2818 0.0647  -0.0084 -0.0698 10 ILE A CD1 
151 N N   . ALA A 11 ? 0.4331 0.3398 0.4383 0.1048  -0.0714 -0.0060 11 ALA A N   
152 C CA  . ALA A 11 ? 0.4258 0.3397 0.4912 0.1307  -0.0669 -0.0052 11 ALA A CA  
153 C C   . ALA A 11 ? 0.4376 0.3470 0.5146 0.1155  -0.0971 0.0141  11 ALA A C   
154 O O   . ALA A 11 ? 0.4187 0.3304 0.5120 0.1314  -0.0890 0.0080  11 ALA A O   
155 C CB  . ALA A 11 ? 0.3917 0.3098 0.5308 0.1461  -0.0667 0.0010  11 ALA A CB  
161 N N   . LYS A 12 ? 0.4581 0.3568 0.5237 0.0835  -0.1341 0.0379  12 LYS A N   
162 C CA  . LYS A 12 ? 0.5047 0.3925 0.5735 0.0659  -0.1653 0.0596  12 LYS A CA  
163 C C   . LYS A 12 ? 0.5263 0.4124 0.5309 0.0549  -0.1498 0.0493  12 LYS A C   
164 O O   . LYS A 12 ? 0.5013 0.3837 0.5206 0.0566  -0.1561 0.0550  12 LYS A O   
165 C CB  . LYS A 12 ? 0.6391 0.5107 0.6991 0.0321  -0.2112 0.0890  12 LYS A CB  
166 C CG  . LYS A 12 ? 0.7587 0.6109 0.8092 0.0093  -0.2474 0.1158  12 LYS A CG  
167 C CD  . LYS A 12 ? 0.7998 0.6535 0.9370 0.0331  -0.2594 0.1256  12 LYS A CD  
168 C CE  . LYS A 12 ? 0.8898 0.7217 1.0082 0.0141  -0.2845 0.1463  12 LYS A CE  
169 N NZ  . LYS A 12 ? 0.9795 0.7852 1.0486 -0.0268 -0.3289 0.1771  12 LYS A NZ  
183 N N   . ALA A 13 ? 0.5942 0.4824 0.5311 0.0434  -0.1286 0.0332  13 ALA A N   
184 C CA  . ALA A 13 ? 0.6044 0.4960 0.4882 0.0325  -0.1103 0.0215  13 ALA A CA  
185 C C   . ALA A 13 ? 0.5059 0.4146 0.4199 0.0651  -0.0832 -0.0002 13 ALA A C   
186 O O   . ALA A 13 ? 0.5024 0.4137 0.4094 0.0588  -0.0813 -0.0011 13 ALA A O   
187 C CB  . ALA A 13 ? 0.6677 0.5595 0.4813 0.0173  -0.0896 0.0052  13 ALA A CB  
193 N N   . PHE A 14 ? 0.4851 0.4030 0.4298 0.0982  -0.0626 -0.0176 14 PHE A N   
194 C CA  . PHE A 14 ? 0.4416 0.3705 0.4070 0.1289  -0.0401 -0.0384 14 PHE A CA  
195 C C   . PHE A 14 ? 0.4331 0.3554 0.4517 0.1379  -0.0568 -0.0271 14 PHE A C   
196 O O   . PHE A 14 ? 0.4230 0.3494 0.4474 0.1504  -0.0476 -0.0400 14 PHE A O   
197 C CB  . PHE A 14 ? 0.4175 0.3505 0.3920 0.1602  -0.0144 -0.0577 14 PHE A CB  
198 C CG  . PHE A 14 ? 0.4165 0.3556 0.3392 0.1605  0.0085  -0.0769 14 PHE A CG  
199 C CD1 . PHE A 14 ? 0.4686 0.4202 0.3637 0.1631  0.0235  -0.0947 14 PHE A CD1 
200 C CD2 . PHE A 14 ? 0.4084 0.3406 0.3158 0.1581  0.0144  -0.0778 14 PHE A CD2 
201 C CE1 . PHE A 14 ? 0.4523 0.4154 0.3278 0.1431  0.0392  -0.0983 14 PHE A CE1 
202 C CE2 . PHE A 14 ? 0.4223 0.3583 0.2889 0.1541  0.0341  -0.0929 14 PHE A CE2 
203 C CZ  . PHE A 14 ? 0.4252 0.3800 0.2890 0.1381  0.0438  -0.0968 14 PHE A CZ  
213 N N   . LYS A 15 ? 0.4633 0.3745 0.5241 0.1320  -0.0827 -0.0042 15 LYS A N   
214 C CA  . LYS A 15 ? 0.4787 0.3800 0.5927 0.1398  -0.1001 0.0070  15 LYS A CA  
215 C C   . LYS A 15 ? 0.4780 0.3698 0.5674 0.1125  -0.1196 0.0209  15 LYS A C   
216 O O   . LYS A 15 ? 0.4665 0.3530 0.5780 0.1212  -0.1202 0.0169  15 LYS A O   
217 C CB  . LYS A 15 ? 0.6175 0.5114 0.7917 0.1411  -0.1245 0.0286  15 LYS A CB  
218 C CG  . LYS A 15 ? 0.7177 0.6253 0.9243 0.1650  -0.0935 0.0145  15 LYS A CG  
219 C CD  . LYS A 15 ? 0.8603 0.7719 1.1196 0.1588  -0.1050 0.0306  15 LYS A CD  
220 C CE  . LYS A 15 ? 0.9806 0.8873 1.2608 0.1406  -0.1428 0.0533  15 LYS A CE  
221 N NZ  . LYS A 15 ? 1.0261 0.9393 1.2926 0.1463  -0.1287 0.0440  15 LYS A NZ  
235 N N   . GLU A 16 ? 0.4716 0.3577 0.5115 0.0776  -0.1346 0.0369  16 GLU A N   
236 C CA  . GLU A 16 ? 0.5064 0.3820 0.5114 0.0481  -0.1463 0.0492  16 GLU A CA  
237 C C   . GLU A 16 ? 0.4886 0.3821 0.4700 0.0550  -0.1147 0.0224  16 GLU A C   
238 O O   . GLU A 16 ? 0.5011 0.3897 0.4861 0.0451  -0.1190 0.0254  16 GLU A O   
239 C CB  . GLU A 16 ? 0.7434 0.6065 0.6868 0.0086  -0.1627 0.0685  16 GLU A CB  
240 C CG  . GLU A 16 ? 0.9575 0.8028 0.9225 -0.0011 -0.2006 0.0961  16 GLU A CG  
241 C CD  . GLU A 16 ? 1.1676 0.9967 1.0589 -0.0405 -0.2164 0.1115  16 GLU A CD  
242 O OE1 . GLU A 16 ? 1.2726 1.0817 1.1148 -0.0732 -0.2297 0.1288  16 GLU A OE1 
243 O OE2 . GLU A 16 ? 1.2154 1.0490 1.0940 -0.0401 -0.2145 0.1057  16 GLU A OE2 
250 N N   . ILE A 17 ? 0.4618 0.3757 0.4228 0.0717  -0.0846 -0.0038 17 ILE A N   
251 C CA  . ILE A 17 ? 0.4448 0.3789 0.3925 0.0818  -0.0577 -0.0304 17 ILE A CA  
252 C C   . ILE A 17 ? 0.4585 0.3920 0.4539 0.1100  -0.0570 -0.0419 17 ILE A C   
253 O O   . ILE A 17 ? 0.4591 0.3981 0.4578 0.1053  -0.0547 -0.0494 17 ILE A O   
254 C CB  . ILE A 17 ? 0.4256 0.3770 0.3449 0.0967  -0.0297 -0.0542 17 ILE A CB  
255 C CG1 . ILE A 17 ? 0.4622 0.4136 0.3245 0.0640  -0.0253 -0.0490 17 ILE A CG1 
256 C CG2 . ILE A 17 ? 0.4008 0.3731 0.3250 0.1196  -0.0065 -0.0833 17 ILE A CG2 
257 C CD1 . ILE A 17 ? 0.4690 0.4283 0.3042 0.0759  -0.0031 -0.0679 17 ILE A CD1 
269 N N   . ALA A 18 ? 0.4621 0.3876 0.4951 0.1382  -0.0579 -0.0439 18 ALA A N   
270 C CA  . ALA A 18 ? 0.4701 0.3885 0.5432 0.1646  -0.0564 -0.0557 18 ALA A CA  
271 C C   . ALA A 18 ? 0.4743 0.3758 0.5714 0.1475  -0.0803 -0.0387 18 ALA A C   
272 O O   . ALA A 18 ? 0.4802 0.3798 0.5874 0.1541  -0.0780 -0.0520 18 ALA A O   
273 C CB  . ALA A 18 ? 0.4496 0.3637 0.5546 0.1814  -0.0469 -0.0522 18 ALA A CB  
279 N N   A LYS A 19 ? 0.5101 0.3959 0.6164 0.1249  -0.1065 -0.0085 19 LYS A N   
280 N N   B LYS A 19 ? 0.5113 0.3972 0.6166 0.1243  -0.1065 -0.0085 19 LYS A N   
281 C CA  A LYS A 19 ? 0.5287 0.3925 0.6531 0.1056  -0.1325 0.0121  19 LYS A CA  
282 C CA  B LYS A 19 ? 0.5394 0.4032 0.6646 0.1063  -0.1321 0.0114  19 LYS A CA  
283 C C   A LYS A 19 ? 0.5299 0.4008 0.6184 0.0813  -0.1258 0.0068  19 LYS A C   
284 C C   B LYS A 19 ? 0.5331 0.4035 0.6215 0.0806  -0.1265 0.0074  19 LYS A C   
285 O O   A LYS A 19 ? 0.5491 0.4088 0.6586 0.0800  -0.1323 0.0047  19 LYS A O   
286 O O   B LYS A 19 ? 0.5487 0.4070 0.6572 0.0776  -0.1341 0.0069  19 LYS A O   
287 C CB  A LYS A 19 ? 0.5940 0.4391 0.7196 0.0807  -0.1646 0.0478  19 LYS A CB  
288 C CB  B LYS A 19 ? 0.5915 0.4357 0.7230 0.0834  -0.1649 0.0472  19 LYS A CB  
289 C CG  A LYS A 19 ? 0.6073 0.4360 0.8001 0.1005  -0.1854 0.0613  19 LYS A CG  
290 C CG  B LYS A 19 ? 0.5923 0.4301 0.7820 0.1077  -0.1758 0.0541  19 LYS A CG  
291 C CD  A LYS A 19 ? 0.6247 0.4430 0.8170 0.0790  -0.2173 0.0933  19 LYS A CD  
292 C CD  B LYS A 19 ? 0.6205 0.4387 0.8223 0.0840  -0.2161 0.0913  19 LYS A CD  
293 C CE  A LYS A 19 ? 0.6651 0.4619 0.8077 0.0361  -0.2439 0.1215  19 LYS A CE  
294 C CE  B LYS A 19 ? 0.5970 0.4228 0.8604 0.1024  -0.2178 0.0926  19 LYS A CE  
295 N NZ  A LYS A 19 ? 0.6649 0.4468 0.7985 0.0142  -0.2797 0.1529  19 LYS A NZ  
296 N NZ  B LYS A 19 ? 0.5374 0.3873 0.7964 0.1187  -0.1911 0.0746  19 LYS A NZ  
323 N N   . ALA A 20 ? 0.5127 0.4020 0.5496 0.0611  -0.1114 0.0035  20 ALA A N   
324 C CA  . ALA A 20 ? 0.5061 0.4064 0.5136 0.0349  -0.1011 -0.0011 20 ALA A CA  
325 C C   . ALA A 20 ? 0.4775 0.3973 0.5074 0.0574  -0.0831 -0.0322 20 ALA A C   
326 O O   . ALA A 20 ? 0.4934 0.4127 0.5311 0.0416  -0.0855 -0.0333 20 ALA A O   
327 C CB  . ALA A 20 ? 0.5188 0.4359 0.4695 0.0130  -0.0832 -0.0034 20 ALA A CB  
333 N N   . PHE A 21 ? 0.4407 0.3753 0.4793 0.0928  -0.0666 -0.0571 21 PHE A N   
334 C CA  . PHE A 21 ? 0.4365 0.3860 0.4906 0.1147  -0.0544 -0.0863 21 PHE A CA  
335 C C   . PHE A 21 ? 0.5135 0.4383 0.6072 0.1280  -0.0704 -0.0874 21 PHE A C   
336 O O   . PHE A 21 ? 0.5323 0.4624 0.6378 0.1320  -0.0695 -0.1054 21 PHE A O   
337 C CB  . PHE A 21 ? 0.4242 0.3893 0.4678 0.1479  -0.0346 -0.1101 21 PHE A CB  
338 C CG  . PHE A 21 ? 0.4388 0.4322 0.4485 0.1391  -0.0150 -0.1203 21 PHE A CG  
339 C CD1 . PHE A 21 ? 0.4278 0.4475 0.4364 0.1290  -0.0050 -0.1359 21 PHE A CD1 
340 C CD2 . PHE A 21 ? 0.4086 0.4024 0.3924 0.1408  -0.0060 -0.1154 21 PHE A CD2 
341 C CE1 . PHE A 21 ? 0.4035 0.4501 0.3878 0.1229  0.0156  -0.1474 21 PHE A CE1 
342 C CE2 . PHE A 21 ? 0.4122 0.4279 0.3650 0.1339  0.0135  -0.1271 21 PHE A CE2 
343 C CZ  . PHE A 21 ? 0.3836 0.4260 0.3376 0.1259  0.0253  -0.1434 21 PHE A CZ  
353 N N   . GLU A 22 ? 0.5445 0.4417 0.6620 0.1352  -0.0857 -0.0698 22 GLU A N   
354 C CA  . GLU A 22 ? 0.6070 0.4759 0.7643 0.1457  -0.1007 -0.0696 22 GLU A CA  
355 C C   . GLU A 22 ? 0.4900 0.3467 0.6509 0.1115  -0.1184 -0.0530 22 GLU A C   
356 O O   . GLU A 22 ? 0.4955 0.3417 0.6750 0.1135  -0.1231 -0.0654 22 GLU A O   
357 C CB  . GLU A 22 ? 0.7643 0.6094 0.9554 0.1606  -0.1121 -0.0533 22 GLU A CB  
358 C CG  . GLU A 22 ? 0.8375 0.7037 1.0126 0.1769  -0.0805 -0.0626 22 GLU A CG  
359 C CD  . GLU A 22 ? 0.9018 0.7615 1.0996 0.1767  -0.0798 -0.0431 22 GLU A CD  
360 O OE1 . GLU A 22 ? 0.9387 0.7782 1.1695 0.1674  -0.1081 -0.0242 22 GLU A OE1 
361 O OE2 . GLU A 22 ? 0.8998 0.7727 1.0827 0.1837  -0.0514 -0.0442 22 GLU A OE2 
368 N N   . PHI A 23 ? 0.5039 0.3585 0.6420 0.0784  -0.1283 -0.0248 23 PHI A N   
369 C CA  . PHI A 23 ? 0.5436 0.3849 0.6731 0.0404  -0.1417 -0.0053 23 PHI A CA  
370 C CB  . PHI A 23 ? 0.5749 0.4129 0.6609 0.0037  -0.1484 0.0248  23 PHI A CB  
371 C CG  . PHI A 23 ? 0.7487 0.5638 0.8210 -0.0372 -0.1631 0.0497  23 PHI A CG  
372 C CD1 . PHI A 23 ? 0.8596 0.6956 0.8963 -0.0689 -0.1429 0.0451  23 PHI A CD1 
373 C CD2 . PHI A 23 ? 0.8796 0.6504 0.9762 -0.0446 -0.1960 0.0783  23 PHI A CD2 
374 C CE1 . PHI A 23 ? 1.0005 0.8121 1.0206 -0.1103 -0.1533 0.0698  23 PHI A CE1 
375 C CE2 . PHI A 23 ? 1.0213 0.7643 1.0998 -0.0845 -0.2105 0.1041  23 PHI A CE2 
376 C CZ  . PHI A 23 ? 1.1451 0.9076 1.1825 -0.1188 -0.1881 0.1004  23 PHI A CZ  
377 I I   . PHI A 23 ? 1.4276 1.1453 1.4336 -0.1811 -0.2040 0.1400  23 PHI A I   
378 C C   . PHI A 23 ? 0.5387 0.4056 0.6616 0.0308  -0.1245 -0.0287 23 PHI A C   
379 O O   . PHI A 23 ? 0.5596 0.4137 0.7024 0.0186  -0.1332 -0.0299 23 PHI A O   
388 N N   . ILE A 24 ? 0.5118 0.4164 0.6102 0.0370  -0.0999 -0.0486 24 ILE A N   
389 C CA  . ILE A 24 ? 0.5036 0.4410 0.6034 0.0307  -0.0830 -0.0729 24 ILE A CA  
390 C C   . ILE A 24 ? 0.4919 0.4234 0.6280 0.0569  -0.0900 -0.0972 24 ILE A C   
391 O O   . ILE A 24 ? 0.5075 0.4423 0.6624 0.0410  -0.0942 -0.1043 24 ILE A O   
392 C CB  . ILE A 24 ? 0.4760 0.4527 0.5501 0.0408  -0.0569 -0.0917 24 ILE A CB  
393 C CG1 . ILE A 24 ? 0.5005 0.4811 0.5324 0.0072  -0.0477 -0.0709 24 ILE A CG1 
394 C CG2 . ILE A 24 ? 0.4918 0.5052 0.5832 0.0449  -0.0427 -0.1214 24 ILE A CG2 
395 C CD1 . ILE A 24 ? 0.4792 0.4886 0.4833 0.0187  -0.0236 -0.0870 24 ILE A CD1 
407 N N   . ALA A 25 ? 0.4918 0.4124 0.6354 0.0955  -0.0903 -0.1106 25 ALA A N   
408 C CA  . ALA A 25 ? 0.5171 0.4236 0.6847 0.1208  -0.0970 -0.1344 25 ALA A CA  
409 C C   . ALA A 25 ? 0.5298 0.4009 0.7256 0.1041  -0.1182 -0.1224 25 ALA A C   
410 O O   . ALA A 25 ? 0.5403 0.4077 0.7530 0.1034  -0.1248 -0.1408 25 ALA A O   
411 C CB  . ALA A 25 ? 0.5500 0.4406 0.7159 0.1606  -0.0915 -0.1449 25 ALA A CB  
417 N N   . GLN A 26 ? 0.5809 0.4235 0.7829 0.0900  -0.1318 -0.0913 26 GLN A N   
418 C CA  . GLN A 26 ? 0.6255 0.4287 0.8552 0.0746  -0.1539 -0.0769 26 GLN A CA  
419 C C   . GLN A 26 ? 0.5897 0.4012 0.8149 0.0328  -0.1571 -0.0682 26 GLN A C   
420 O O   . GLN A 26 ? 0.6181 0.4052 0.8675 0.0227  -0.1706 -0.0711 26 GLN A O   
421 C CB  . GLN A 26 ? 0.7492 0.5197 0.9896 0.0710  -0.1714 -0.0434 26 GLN A CB  
422 C CG  . GLN A 26 ? 0.8491 0.6089 1.1094 0.1108  -0.1682 -0.0512 26 GLN A CG  
423 C CD  . GLN A 26 ? 0.9546 0.6881 1.2364 0.1064  -0.1887 -0.0173 26 GLN A CD  
424 O OE1 . GLN A 26 ? 1.0238 0.7253 1.3213 0.0848  -0.2128 0.0074  26 GLN A OE1 
425 N NE2 . GLN A 26 ? 0.9491 0.6946 1.2335 0.1262  -0.1812 -0.0149 26 GLN A NE2 
434 N N   . ALA A 27 ? 0.5924 0.4360 0.7871 0.0072  -0.1427 -0.0585 27 ALA A N   
435 C CA  . ALA A 27 ? 0.6486 0.5034 0.8393 -0.0346 -0.1388 -0.0512 27 ALA A CA  
436 C C   . ALA A 27 ? 0.6847 0.5703 0.8999 -0.0287 -0.1299 -0.0858 27 ALA A C   
437 O O   . ALA A 27 ? 0.6984 0.5806 0.9324 -0.0572 -0.1348 -0.0844 27 ALA A O   
438 C CB  . ALA A 27 ? 0.6591 0.5399 0.8076 -0.0622 -0.1204 -0.0353 27 ALA A CB  
444 N N   . ILE A 28 ? 0.6081 0.5217 0.8236 0.0068  -0.1190 -0.1159 28 ILE A N   
445 C CA  . ILE A 28 ? 0.6613 0.6029 0.9004 0.0152  -0.1167 -0.1491 28 ILE A CA  
446 C C   . ILE A 28 ? 0.7490 0.6520 1.0158 0.0231  -0.1395 -0.1598 28 ILE A C   
447 O O   . ILE A 28 ? 0.8031 0.7130 1.0964 0.0034  -0.1467 -0.1707 28 ILE A O   
448 C CB  . ILE A 28 ? 0.5956 0.5675 0.8214 0.0532  -0.1038 -0.1756 28 ILE A CB  
449 C CG1 . ILE A 28 ? 0.5483 0.5561 0.7478 0.0446  -0.0803 -0.1672 28 ILE A CG1 
450 C CG2 . ILE A 28 ? 0.5953 0.5930 0.8456 0.0639  -0.1085 -0.2090 28 ILE A CG2 
451 C CD1 . ILE A 28 ? 0.5637 0.6101 0.7727 0.0080  -0.0650 -0.1664 28 ILE A CD1 
463 N N   . GLU A 29 ? 0.8699 0.7317 1.1340 0.0510  -0.1497 -0.1582 29 GLU A N   
464 C CA  . GLU A 29 ? 0.9283 0.7478 1.2148 0.0627  -0.1685 -0.1721 29 GLU A CA  
465 C C   . GLU A 29 ? 1.0980 0.8853 1.4074 0.0260  -0.1852 -0.1506 29 GLU A C   
466 O O   . GLU A 29 ? 0.9966 0.7610 1.3286 0.0220  -0.1997 -0.1663 29 GLU A O   
467 C CB  . GLU A 29 ? 0.9694 0.7525 1.2505 0.0999  -0.1698 -0.1739 29 GLU A CB  
468 C CG  . GLU A 29 ? 1.0206 0.8267 1.2758 0.1363  -0.1528 -0.1954 29 GLU A CG  
469 C CD  . GLU A 29 ? 1.0937 0.8780 1.3364 0.1619  -0.1440 -0.1898 29 GLU A CD  
470 O OE1 . GLU A 29 ? 1.1470 0.8978 1.4071 0.1586  -0.1525 -0.1799 29 GLU A OE1 
471 O OE2 . GLU A 29 ? 1.0907 0.9037 1.2977 0.1739  -0.1212 -0.1857 29 GLU A OE2 
503 C C   . ACE B 1  ? 0.5770 0.8551 0.7395 -0.0819 0.0878  0.2928  1  ACE B C   
504 O O   . ACE B 1  ? 0.5380 0.8018 0.7121 -0.0638 0.0798  0.3001  1  ACE B O   
505 C CH3 . ACE B 1  ? 0.5623 0.8009 0.7519 -0.0840 0.0924  0.3055  1  ACE B CH3 
506 N N   . GLU B 2  ? 0.6210 0.9509 0.7463 -0.1002 0.0923  0.2692  2  GLU B N   
507 C CA  . GLU B 2  ? 0.6497 1.0220 0.7421 -0.0990 0.0857  0.2494  2  GLU B CA  
508 C C   . GLU B 2  ? 0.4892 0.8429 0.5872 -0.0674 0.0909  0.2171  2  GLU B C   
509 O O   . GLU B 2  ? 0.4151 0.7686 0.5057 -0.0557 0.0793  0.2199  2  GLU B O   
510 C CB  . GLU B 2  ? 0.8260 1.2504 0.8809 -0.1199 0.0905  0.2167  2  GLU B CB  
511 C CG  . GLU B 2  ? 0.9547 1.4205 0.9734 -0.1172 0.0806  0.1896  2  GLU B CG  
512 C CD  . GLU B 2  ? 1.0839 1.5965 1.0707 -0.1383 0.0819  0.1597  2  GLU B CD  
513 O OE1 . GLU B 2  ? 1.1437 1.6590 1.1351 -0.1566 0.0923  0.1616  2  GLU B OE1 
514 O OE2 . GLU B 2  ? 1.1153 1.6602 1.0750 -0.1363 0.0717  0.1336  2  GLU B OE2 
521 N N   . LEU B 3  ? 0.4112 0.7365 0.5177 -0.0510 0.1037  0.1792  3  LEU B N   
522 C CA  . LEU B 3  ? 0.3959 0.6865 0.4967 -0.0193 0.1036  0.1381  3  LEU B CA  
523 C C   . LEU B 3  ? 0.3613 0.5983 0.4909 0.0006  0.1015  0.1636  3  LEU B C   
524 O O   . LEU B 3  ? 0.3657 0.5937 0.4841 0.0160  0.0944  0.1521  3  LEU B O   
525 C CB  . LEU B 3  ? 0.4337 0.6996 0.5366 -0.0071 0.1154  0.0941  3  LEU B CB  
526 C CG  . LEU B 3  ? 0.5218 0.8394 0.5989 -0.0195 0.1177  0.0522  3  LEU B CG  
527 C CD1 . LEU B 3  ? 0.5587 0.8421 0.6457 -0.0042 0.1265  0.0108  3  LEU B CD1 
528 C CD2 . LEU B 3  ? 0.4978 0.8511 0.5372 -0.0139 0.1056  0.0196  3  LEU B CD2 
540 N N   . ALA B 4  ? 0.3167 0.5186 0.4856 0.0000  0.1076  0.1971  4  ALA B N   
541 C CA  . ALA B 4  ? 0.3421 0.4944 0.5450 0.0192  0.1077  0.2183  4  ALA B CA  
542 C C   . ALA B 4  ? 0.3750 0.5511 0.5806 0.0144  0.0924  0.2487  4  ALA B C   
543 O O   . ALA B 4  ? 0.3418 0.4939 0.5560 0.0328  0.0911  0.2429  4  ALA B O   
544 C CB  . ALA B 4  ? 0.3599 0.4768 0.6062 0.0170  0.1143  0.2509  4  ALA B CB  
550 N N   . GLN B 5  ? 0.4530 0.6744 0.6499 -0.0116 0.0804  0.2813  5  GLN B N   
551 C CA  . GLN B 5  ? 0.4919 0.7342 0.6884 -0.0163 0.0607  0.3065  5  GLN B CA  
552 C C   . GLN B 5  ? 0.4067 0.6744 0.5673 -0.0088 0.0568  0.2768  5  GLN B C   
553 O O   . GLN B 5  ? 0.3628 0.6243 0.5335 0.0016  0.0474  0.2856  5  GLN B O   
554 C CB  . GLN B 5  ? 0.6508 0.9263 0.8328 -0.0440 0.0436  0.3304  5  GLN B CB  
555 C CG  . GLN B 5  ? 0.7631 1.0567 0.9483 -0.0493 0.0202  0.3539  5  GLN B CG  
556 C CD  . GLN B 5  ? 0.9131 1.2329 1.0796 -0.0773 0.0049  0.3760  5  GLN B CD  
557 O OE1 . GLN B 5  ? 0.9662 1.2853 1.1223 -0.0925 0.0116  0.3775  5  GLN B OE1 
558 N NE2 . GLN B 5  ? 0.9691 1.3097 1.1304 -0.0853 -0.0154 0.3925  5  GLN B NE2 
567 N N   . ALA B 6  ? 0.4031 0.6979 0.5229 -0.0128 0.0616  0.2361  6  ALA B N   
568 C CA  . ALA B 6  ? 0.3661 0.6813 0.4488 -0.0038 0.0542  0.2003  6  ALA B CA  
569 C C   . ALA B 6  ? 0.3232 0.5865 0.4141 0.0251  0.0593  0.1743  6  ALA B C   
570 O O   . ALA B 6  ? 0.2786 0.5443 0.3550 0.0337  0.0495  0.1655  6  ALA B O   
571 C CB  . ALA B 6  ? 0.3125 0.6652 0.3557 -0.0123 0.0581  0.1581  6  ALA B CB  
577 N N   . PHE B 7  ? 0.3028 0.5163 0.4143 0.0392  0.0748  0.1615  7  PHE B N   
578 C CA  . PHE B 7  ? 0.2606 0.4186 0.3760 0.0642  0.0818  0.1385  7  PHE B CA  
579 C C   . PHE B 7  ? 0.2590 0.3966 0.4139 0.0697  0.0805  0.1742  7  PHE B C   
580 O O   . PHE B 7  ? 0.2702 0.3794 0.4209 0.0847  0.0822  0.1584  7  PHE B O   
581 C CB  . PHE B 7  ? 0.3577 0.4657 0.4816 0.0767  0.0983  0.1157  7  PHE B CB  
582 C CG  . PHE B 7  ? 0.4095 0.5235 0.4929 0.0802  0.0979  0.0653  7  PHE B CG  
583 C CD1 . PHE B 7  ? 0.3873 0.4957 0.4298 0.0922  0.0893  0.0250  7  PHE B CD1 
584 C CD2 . PHE B 7  ? 0.4122 0.5369 0.5004 0.0715  0.1046  0.0573  7  PHE B CD2 
585 C CE1 . PHE B 7  ? 0.3467 0.4594 0.3554 0.0971  0.0854  -0.0233 7  PHE B CE1 
586 C CE2 . PHE B 7  ? 0.3846 0.5168 0.4419 0.0758  0.1028  0.0083  7  PHE B CE2 
587 C CZ  . PHE B 7  ? 0.3490 0.4750 0.3673 0.0895  0.0922  -0.0325 7  PHE B CZ  
597 N N   A LYS B 8  ? 0.3304 0.4807 0.5243 0.0575  0.0767  0.2211  8  LYS B N   
598 N N   B LYS B 8  ? 0.3313 0.4820 0.5251 0.0575  0.0767  0.2211  8  LYS B N   
599 C CA  A LYS B 8  ? 0.3611 0.4988 0.5981 0.0626  0.0719  0.2543  8  LYS B CA  
600 C CA  B LYS B 8  ? 0.3599 0.4988 0.5963 0.0623  0.0716  0.2544  8  LYS B CA  
601 C C   A LYS B 8  ? 0.3784 0.5546 0.5975 0.0567  0.0535  0.2605  8  LYS B C   
602 C C   B LYS B 8  ? 0.3780 0.5556 0.5952 0.0565  0.0531  0.2595  8  LYS B C   
603 O O   A LYS B 8  ? 0.3716 0.5323 0.6117 0.0675  0.0520  0.2640  8  LYS B O   
604 O O   B LYS B 8  ? 0.3695 0.5315 0.6054 0.0675  0.0519  0.2611  8  LYS B O   
605 C CB  A LYS B 8  ? 0.3648 0.5081 0.6442 0.0501  0.0656  0.2862  8  LYS B CB  
606 C CB  B LYS B 8  ? 0.3645 0.5099 0.6429 0.0495  0.0648  0.2870  8  LYS B CB  
607 C CG  A LYS B 8  ? 0.3723 0.4742 0.6800 0.0587  0.0810  0.2711  8  LYS B CG  
608 C CG  B LYS B 8  ? 0.3767 0.4847 0.6779 0.0557  0.0796  0.2750  8  LYS B CG  
609 C CD  A LYS B 8  ? 0.4165 0.5253 0.7635 0.0488  0.0705  0.2946  8  LYS B CD  
610 C CD  B LYS B 8  ? 0.4224 0.5427 0.7520 0.0418  0.0675  0.3017  8  LYS B CD  
611 C CE  A LYS B 8  ? 0.4486 0.5833 0.7792 0.0296  0.0583  0.3197  8  LYS B CE  
612 C CE  B LYS B 8  ? 0.4353 0.5241 0.7802 0.0464  0.0800  0.2899  8  LYS B CE  
613 N NZ  A LYS B 8  ? 0.4655 0.6420 0.7821 0.0123  0.0370  0.3453  8  LYS B NZ  
614 N NZ  B LYS B 8  ? 0.4273 0.4835 0.7931 0.0602  0.0939  0.2629  8  LYS B NZ  
641 N N   A GLU B 9  ? 0.3890 0.6159 0.5697 0.0388  0.0399  0.2610  9  GLU B N   
642 N N   B GLU B 9  ? 0.3886 0.6170 0.5683 0.0382  0.0395  0.2614  9  GLU B N   
643 C CA  A GLU B 9  ? 0.4057 0.6691 0.5636 0.0331  0.0212  0.2642  9  GLU B CA  
644 C CA  B GLU B 9  ? 0.4011 0.6663 0.5569 0.0325  0.0209  0.2638  9  GLU B CA  
645 C C   A GLU B 9  ? 0.3723 0.6219 0.4969 0.0490  0.0236  0.2192  9  GLU B C   
646 C C   B GLU B 9  ? 0.3725 0.6227 0.4968 0.0488  0.0235  0.2192  9  GLU B C   
647 O O   A GLU B 9  ? 0.3693 0.6267 0.4919 0.0521  0.0119  0.2222  9  GLU B O   
648 O O   B GLU B 9  ? 0.3696 0.6266 0.4928 0.0522  0.0121  0.2224  9  GLU B O   
649 C CB  A GLU B 9  ? 0.4418 0.7612 0.5619 0.0092  0.0083  0.2728  9  GLU B CB  
650 C CB  B GLU B 9  ? 0.4402 0.7611 0.5568 0.0088  0.0086  0.2701  9  GLU B CB  
651 C CG  A GLU B 9  ? 0.4709 0.8005 0.6162 -0.0106 0.0018  0.3153  9  GLU B CG  
652 C CG  B GLU B 9  ? 0.4715 0.8049 0.6123 -0.0116 0.0012  0.3139  9  GLU B CG  
653 C CD  A GLU B 9  ? 0.4878 0.8070 0.6782 -0.0107 -0.0132 0.3402  9  GLU B CD  
654 C CD  B GLU B 9  ? 0.5005 0.8817 0.5992 -0.0369 -0.0070 0.3105  9  GLU B CD  
655 O OE1 A GLU B 9  ? 0.4764 0.7950 0.6705 -0.0020 -0.0193 0.3329  9  GLU B OE1 
656 O OE1 B GLU B 9  ? 0.4916 0.9019 0.5451 -0.0381 -0.0037 0.2771  9  GLU B OE1 
657 O OE2 A GLU B 9  ? 0.5192 0.8304 0.7401 -0.0202 -0.0187 0.3639  9  GLU B OE2 
658 O OE2 B GLU B 9  ? 0.5368 0.9246 0.6477 -0.0551 -0.0169 0.3364  9  GLU B OE2 
671 N N   . ILE B 10 ? 0.3146 0.5413 0.4123 0.0587  0.0364  0.1775  10 ILE B N   
672 C CA  . ILE B 10 ? 0.2812 0.4831 0.3447 0.0743  0.0368  0.1343  10 ILE B CA  
673 C C   . ILE B 10 ? 0.2736 0.4238 0.3681 0.0893  0.0474  0.1390  10 ILE B C   
674 O O   . ILE B 10 ? 0.2721 0.4146 0.3527 0.0951  0.0413  0.1277  10 ILE B O   
675 C CB  . ILE B 10 ? 0.2847 0.4688 0.3143 0.0816  0.0452  0.0887  10 ILE B CB  
676 C CG1 . ILE B 10 ? 0.3485 0.5915 0.3454 0.0664  0.0347  0.0762  10 ILE B CG1 
677 C CG2 . ILE B 10 ? 0.3009 0.4418 0.2952 0.0995  0.0448  0.0452  10 ILE B CG2 
678 C CD1 . ILE B 10 ? 0.3636 0.5977 0.3404 0.0710  0.0427  0.0354  10 ILE B CD1 
690 N N   . ALA B 11 ? 0.2733 0.3875 0.4105 0.0949  0.0642  0.1550  11 ALA B N   
691 C CA  . ALA B 11 ? 0.3087 0.3761 0.4798 0.1079  0.0775  0.1590  11 ALA B CA  
692 C C   . ALA B 11 ? 0.2990 0.3921 0.4980 0.1001  0.0652  0.1862  11 ALA B C   
693 O O   . ALA B 11 ? 0.2890 0.3616 0.4818 0.1029  0.0676  0.1699  11 ALA B O   
694 C CB  . ALA B 11 ? 0.3190 0.3534 0.5202 0.1001  0.0927  0.1630  11 ALA B CB  
700 N N   . LYS B 12 ? 0.3230 0.4587 0.5478 0.0862  0.0506  0.2239  12 LYS B N   
701 C CA  . LYS B 12 ? 0.3364 0.4955 0.5851 0.0759  0.0364  0.2436  12 LYS B CA  
702 C C   . LYS B 12 ? 0.2641 0.4425 0.4746 0.0794  0.0226  0.2292  12 LYS B C   
703 O O   . LYS B 12 ? 0.2352 0.4045 0.4612 0.0798  0.0213  0.2267  12 LYS B O   
704 C CB  . LYS B 12 ? 0.5490 0.7484 0.8155 0.0579  0.0195  0.2786  12 LYS B CB  
705 C CG  . LYS B 12 ? 0.6954 0.9148 0.9883 0.0472  0.0032  0.2977  12 LYS B CG  
706 C CD  . LYS B 12 ? 0.7723 1.0281 1.0209 0.0391  -0.0167 0.2946  12 LYS B CD  
707 C CE  . LYS B 12 ? 0.8209 1.1139 1.0601 0.0187  -0.0348 0.3182  12 LYS B CE  
708 N NZ  . LYS B 12 ? 0.8264 1.1509 1.0110 0.0096  -0.0484 0.3035  12 LYS B NZ  
722 N N   . ALA B 13 ? 0.2512 0.4568 0.4073 0.0779  0.0123  0.2117  13 ALA B N   
723 C CA  . ALA B 13 ? 0.2666 0.4911 0.3789 0.0772  -0.0029 0.1901  13 ALA B CA  
724 C C   . ALA B 13 ? 0.2925 0.4679 0.3893 0.0919  0.0094  0.1553  13 ALA B C   
725 O O   . ALA B 13 ? 0.2876 0.4646 0.3798 0.0927  0.0004  0.1525  13 ALA B O   
726 C CB  . ALA B 13 ? 0.2565 0.5172 0.3114 0.0689  -0.0139 0.1677  13 ALA B CB  
732 N N   . PHE B 14 ? 0.3169 0.4451 0.4024 0.1023  0.0292  0.1287  14 PHE B N   
733 C CA  . PHE B 14 ? 0.3210 0.3937 0.3874 0.1140  0.0418  0.0976  14 PHE B CA  
734 C C   . PHE B 14 ? 0.3284 0.3808 0.4499 0.1164  0.0542  0.1197  14 PHE B C   
735 O O   . PHE B 14 ? 0.3149 0.3394 0.4222 0.1197  0.0586  0.1022  14 PHE B O   
736 C CB  . PHE B 14 ? 0.3830 0.4051 0.4275 0.1243  0.0595  0.0674  14 PHE B CB  
737 C CG  . PHE B 14 ? 0.4249 0.4512 0.4058 0.1263  0.0471  0.0281  14 PHE B CG  
738 C CD1 . PHE B 14 ? 0.4544 0.4729 0.3831 0.1290  0.0325  -0.0028 14 PHE B CD1 
739 C CD2 . PHE B 14 ? 0.4209 0.4582 0.3964 0.1255  0.0493  0.0204  14 PHE B CD2 
740 C CE1 . PHE B 14 ? 0.4396 0.4606 0.3271 0.1196  0.0132  -0.0344 14 PHE B CE1 
741 C CE2 . PHE B 14 ? 0.4214 0.4657 0.3453 0.1278  0.0372  -0.0191 14 PHE B CE2 
742 C CZ  . PHE B 14 ? 0.4267 0.4596 0.3203 0.1142  0.0138  -0.0397 14 PHE B CZ  
752 N N   . LYS B 15 ? 0.3182 0.3819 0.4952 0.1076  0.0590  0.1509  15 LYS B N   
753 C CA  . LYS B 15 ? 0.4980 0.5515 0.7209 0.0995  0.0668  0.1618  15 LYS B CA  
754 C C   . LYS B 15 ? 0.3234 0.4119 0.5585 0.0969  0.0483  0.1779  15 LYS B C   
755 O O   . LYS B 15 ? 0.3126 0.3851 0.5643 0.0968  0.0555  0.1715  15 LYS B O   
756 C CB  . LYS B 15 ? 0.7078 0.7711 0.9811 0.0900  0.0714  0.1866  15 LYS B CB  
757 C CG  . LYS B 15 ? 0.8081 0.8313 1.0880 0.0877  0.0939  0.1680  15 LYS B CG  
758 C CD  . LYS B 15 ? 0.8340 0.8706 1.1506 0.0823  0.0949  0.1887  15 LYS B CD  
759 C CE  . LYS B 15 ? 0.8321 0.9025 1.2054 0.0755  0.0826  0.2227  15 LYS B CE  
760 N NZ  . LYS B 15 ? 0.8443 0.9248 1.2502 0.0706  0.0809  0.2413  15 LYS B NZ  
774 N N   . GLU B 16 ? 0.2940 0.4323 0.5176 0.0907  0.0235  0.1969  16 GLU B N   
775 C CA  . GLU B 16 ? 0.3695 0.5398 0.5892 0.0836  0.0022  0.2049  16 GLU B CA  
776 C C   . GLU B 16 ? 0.3154 0.4738 0.4905 0.0937  -0.0010 0.1773  16 GLU B C   
777 O O   . GLU B 16 ? 0.2956 0.4571 0.4821 0.0918  -0.0070 0.1781  16 GLU B O   
778 C CB  . GLU B 16 ? 0.4991 0.7154 0.6957 0.0689  -0.0209 0.2195  16 GLU B CB  
779 C CG  . GLU B 16 ? 0.6762 0.9173 0.8565 0.0586  -0.0421 0.2197  16 GLU B CG  
780 C CD  . GLU B 16 ? 0.8177 1.0923 0.9727 0.0424  -0.0584 0.2285  16 GLU B CD  
781 O OE1 . GLU B 16 ? 0.8603 1.1447 1.0183 0.0375  -0.0548 0.2411  16 GLU B OE1 
782 O OE2 . GLU B 16 ? 0.8695 1.1572 1.0019 0.0344  -0.0734 0.2219  16 GLU B OE2 
789 N N   . ILE B 17 ? 0.3230 0.4607 0.4388 0.0993  0.0035  0.1439  17 ILE B N   
790 C CA  . ILE B 17 ? 0.3175 0.4283 0.3738 0.1025  0.0001  0.1052  17 ILE B CA  
791 C C   . ILE B 17 ? 0.3423 0.3981 0.4157 0.1075  0.0234  0.0936  17 ILE B C   
792 O O   . ILE B 17 ? 0.3690 0.4158 0.4283 0.1045  0.0185  0.0834  17 ILE B O   
793 C CB  . ILE B 17 ? 0.3318 0.4275 0.3246 0.1074  -0.0017 0.0690  17 ILE B CB  
794 C CG1 . ILE B 17 ? 0.3571 0.5135 0.3275 0.0996  -0.0251 0.0756  17 ILE B CG1 
795 C CG2 . ILE B 17 ? 0.3378 0.3887 0.2689 0.1130  -0.0044 0.0265  17 ILE B CG2 
796 C CD1 . ILE B 17 ? 0.3861 0.5391 0.3126 0.1036  -0.0245 0.0445  17 ILE B CD1 
808 N N   . ALA B 18 ? 0.3333 0.3513 0.4367 0.1140  0.0499  0.0944  18 ALA B N   
809 C CA  . ALA B 18 ? 0.3369 0.3018 0.4533 0.1156  0.0753  0.0810  18 ALA B CA  
810 C C   . ALA B 18 ? 0.3323 0.3202 0.5078 0.1106  0.0756  0.1049  18 ALA B C   
811 O O   . ALA B 18 ? 0.3519 0.3124 0.5155 0.1077  0.0845  0.0887  18 ALA B O   
812 C CB  . ALA B 18 ? 0.3367 0.2764 0.4641 0.1041  0.0917  0.0739  18 ALA B CB  
818 N N   . LYS B 19 ? 0.3560 0.3927 0.5891 0.1044  0.0636  0.1398  19 LYS B N   
819 C CA  . LYS B 19 ? 0.3045 0.3663 0.5940 0.0975  0.0587  0.1601  19 LYS B CA  
820 C C   . LYS B 19 ? 0.3058 0.3942 0.5685 0.0957  0.0347  0.1586  19 LYS B C   
821 O O   . LYS B 19 ? 0.2748 0.3629 0.5653 0.0912  0.0379  0.1588  19 LYS B O   
822 C CB  . LYS B 19 ? 0.3133 0.4122 0.6525 0.0877  0.0468  0.1919  19 LYS B CB  
823 C CG  . LYS B 19 ? 0.3721 0.4476 0.7545 0.0834  0.0699  0.1941  19 LYS B CG  
824 C CD  . LYS B 19 ? 0.4330 0.4914 0.8577 0.0801  0.0885  0.1875  19 LYS B CD  
825 C CE  . LYS B 19 ? 0.5234 0.5706 0.9961 0.0741  0.1060  0.1928  19 LYS B CE  
826 N NZ  . LYS B 19 ? 0.5553 0.5884 1.0701 0.0697  0.1251  0.1853  19 LYS B NZ  
840 N N   . ALA B 20 ? 0.3351 0.4456 0.5357 0.0935  0.0106  0.1508  20 ALA B N   
841 C CA  . ALA B 20 ? 0.3321 0.4636 0.4907 0.0868  -0.0145 0.1413  20 ALA B CA  
842 C C   . ALA B 20 ? 0.3477 0.4278 0.4585 0.0867  -0.0023 0.1046  20 ALA B C   
843 O O   . ALA B 20 ? 0.3633 0.4494 0.4698 0.0800  -0.0129 0.1017  20 ALA B O   
844 C CB  . ALA B 20 ? 0.3215 0.4860 0.4225 0.0853  -0.0403 0.1361  20 ALA B CB  
850 N N   . PHE B 21 ? 0.3155 0.3419 0.3867 0.0930  0.0183  0.0764  21 PHE B N   
851 C CA  . PHE B 21 ? 0.3594 0.3279 0.3786 0.0911  0.0290  0.0422  21 PHE B CA  
852 C C   . PHE B 21 ? 0.3672 0.3103 0.4388 0.0859  0.0572  0.0482  21 PHE B C   
853 O O   . PHE B 21 ? 0.4132 0.3275 0.4565 0.0779  0.0605  0.0307  21 PHE B O   
854 C CB  . PHE B 21 ? 0.4234 0.3373 0.3811 0.0993  0.0395  0.0096  21 PHE B CB  
855 C CG  . PHE B 21 ? 0.4675 0.3949 0.3562 0.1029  0.0104  -0.0119 21 PHE B CG  
856 C CD1 . PHE B 21 ? 0.5186 0.4450 0.3533 0.0987  -0.0136 -0.0313 21 PHE B CD1 
857 C CD2 . PHE B 21 ? 0.4843 0.4264 0.3646 0.1102  0.0069  -0.0146 21 PHE B CD2 
858 C CE1 . PHE B 21 ? 0.5341 0.4824 0.3476 0.0915  -0.0355 -0.0445 21 PHE B CE1 
859 C CE2 . PHE B 21 ? 0.5114 0.4700 0.3334 0.1134  -0.0185 -0.0380 21 PHE B CE2 
860 C CZ  . PHE B 21 ? 0.4896 0.4563 0.3184 0.0922  -0.0342 -0.0437 21 PHE B CZ  
870 N N   . GLU B 22 ? 0.3997 0.3532 0.5478 0.0893  0.0774  0.0719  22 GLU B N   
871 C CA  . GLU B 22 ? 0.4108 0.3514 0.6218 0.0845  0.1040  0.0780  22 GLU B CA  
872 C C   . GLU B 22 ? 0.3627 0.3484 0.6098 0.0752  0.0850  0.0942  22 GLU B C   
873 O O   . GLU B 22 ? 0.4028 0.3700 0.6606 0.0661  0.0997  0.0837  22 GLU B O   
874 C CB  . GLU B 22 ? 0.4879 0.4392 0.7754 0.0896  0.1225  0.0996  22 GLU B CB  
875 C CG  . GLU B 22 ? 0.5815 0.4900 0.8239 0.0806  0.1425  0.0742  22 GLU B CG  
876 C CD  . GLU B 22 ? 0.6626 0.5912 0.9563 0.0768  0.1496  0.0919  22 GLU B CD  
877 O OE1 . GLU B 22 ? 0.6884 0.6018 0.9460 0.0751  0.1513  0.0810  22 GLU B OE1 
878 O OE2 . GLU B 22 ? 0.6736 0.6326 1.0429 0.0749  0.1504  0.1161  22 GLU B OE2 
885 N N   . PHI B 23 ? 0.2660 0.3101 0.5301 0.0761  0.0523  0.1197  23 PHI B N   
886 C CA  . PHI B 23 ? 0.3900 0.4797 0.6882 0.0683  0.0290  0.1376  23 PHI B CA  
887 C CB  . PHI B 23 ? 0.6803 0.8312 1.0057 0.0703  -0.0047 0.1717  23 PHI B CB  
888 C CG  . PHI B 23 ? 0.7161 0.8815 1.1150 0.0771  0.0043  0.1996  23 PHI B CG  
889 C CD1 . PHI B 23 ? 0.7369 0.9295 1.1188 0.0703  -0.0185 0.2169  23 PHI B CD1 
890 C CD2 . PHI B 23 ? 0.7140 0.8480 1.1649 0.0783  0.0382  0.1950  23 PHI B CD2 
891 C CE1 . PHI B 23 ? 0.7705 0.9602 1.1913 0.0671  -0.0107 0.2333  23 PHI B CE1 
892 C CE2 . PHI B 23 ? 0.7453 0.8784 1.2303 0.0741  0.0432  0.2100  23 PHI B CE2 
893 C CZ  . PHI B 23 ? 0.7953 0.9565 1.2686 0.0697  0.0180  0.2308  23 PHI B CZ  
894 I I   . PHI B 23 ? 0.8402 0.9976 1.3661 0.0644  0.0234  0.2540  23 PHI B I   
895 C C   . PHI B 23 ? 0.2747 0.3501 0.4990 0.0599  0.0134  0.1129  23 PHI B C   
896 O O   . PHI B 23 ? 0.2809 0.3656 0.5245 0.0506  0.0086  0.1136  23 PHI B O   
905 N N   . ILE B 24 ? 0.3281 0.3792 0.4658 0.0636  0.0039  0.0888  24 ILE B N   
906 C CA  . ILE B 24 ? 0.3952 0.4208 0.4537 0.0576  -0.0110 0.0600  24 ILE B CA  
907 C C   . ILE B 24 ? 0.3765 0.3458 0.4293 0.0488  0.0178  0.0398  24 ILE B C   
908 O O   . ILE B 24 ? 0.3791 0.3474 0.4257 0.0375  0.0106  0.0351  24 ILE B O   
909 C CB  . ILE B 24 ? 0.4649 0.4662 0.4363 0.0654  -0.0232 0.0327  24 ILE B CB  
910 C CG1 . ILE B 24 ? 0.5205 0.5819 0.4869 0.0699  -0.0538 0.0484  24 ILE B CG1 
911 C CG2 . ILE B 24 ? 0.5250 0.4803 0.4128 0.0604  -0.0342 -0.0027 24 ILE B CG2 
912 C CD1 . ILE B 24 ? 0.5654 0.6618 0.4998 0.0642  -0.0896 0.0476  24 ILE B CD1 
924 N N   . ALA B 25 ? 0.4022 0.3224 0.4541 0.0528  0.0512  0.0272  25 ALA B N   
925 C CA  . ALA B 25 ? 0.3888 0.2478 0.4254 0.0429  0.0827  0.0054  25 ALA B CA  
926 C C   . ALA B 25 ? 0.4184 0.3043 0.5347 0.0313  0.0965  0.0221  25 ALA B C   
927 O O   . ALA B 25 ? 0.4274 0.2824 0.5205 0.0167  0.1064  0.0058  25 ALA B O   
928 C CB  . ALA B 25 ? 0.3795 0.1882 0.4148 0.0500  0.1171  -0.0056 25 ALA B CB  
934 N N   . GLN B 26 ? 0.4625 0.4044 0.6736 0.0368  0.0963  0.0536  26 GLN B N   
935 C CA  . GLN B 26 ? 0.5145 0.4846 0.8114 0.0275  0.1084  0.0674  26 GLN B CA  
936 C C   . GLN B 26 ? 0.4025 0.4111 0.6953 0.0181  0.0749  0.0749  26 GLN B C   
937 O O   . GLN B 26 ? 0.3892 0.4035 0.7225 0.0053  0.0853  0.0735  26 GLN B O   
938 C CB  . GLN B 26 ? 0.6568 0.6713 1.0585 0.0378  0.1143  0.0976  26 GLN B CB  
939 C CG  . GLN B 26 ? 0.7894 0.8717 1.2291 0.0435  0.0730  0.1306  26 GLN B CG  
940 C CD  . GLN B 26 ? 0.8960 1.0147 1.4430 0.0519  0.0778  0.1597  26 GLN B CD  
941 O OE1 . GLN B 26 ? 0.9351 1.0505 1.4921 0.0629  0.0822  0.1700  26 GLN B OE1 
942 N NE2 . GLN B 26 ? 0.9226 1.0749 1.5521 0.0466  0.0753  0.1723  26 GLN B NE2 
951 N N   . ALA B 27 ? 0.4057 0.4419 0.6515 0.0236  0.0354  0.0819  27 ALA B N   
952 C CA  . ALA B 27 ? 0.4158 0.4835 0.6470 0.0150  0.0018  0.0862  27 ALA B CA  
953 C C   . ALA B 27 ? 0.4613 0.4765 0.6141 0.0021  0.0055  0.0543  27 ALA B C   
954 O O   . ALA B 27 ? 0.4269 0.4562 0.5868 -0.0100 -0.0080 0.0551  27 ALA B O   
955 C CB  . ALA B 27 ? 0.4213 0.5290 0.6159 0.0238  -0.0393 0.0989  27 ALA B CB  
961 N N   . ILE B 28 ? 0.5136 0.4657 0.5908 0.0040  0.0219  0.0263  28 ILE B N   
962 C CA  . ILE B 28 ? 0.5995 0.4910 0.5947 -0.0091 0.0242  -0.0047 28 ILE B CA  
963 C C   . ILE B 28 ? 0.5964 0.4579 0.6302 -0.0263 0.0635  -0.0110 28 ILE B C   
964 O O   . ILE B 28 ? 0.6257 0.4696 0.6348 -0.0435 0.0604  -0.0220 28 ILE B O   
965 C CB  . ILE B 28 ? 0.6433 0.4737 0.5440 -0.0008 0.0251  -0.0331 28 ILE B CB  
966 C CG1 . ILE B 28 ? 0.6339 0.4986 0.4937 0.0135  -0.0155 -0.0318 28 ILE B CG1 
967 C CG2 . ILE B 28 ? 0.7039 0.4579 0.5177 -0.0155 0.0300  -0.0657 28 ILE B CG2 
968 C CD1 . ILE B 28 ? 0.6393 0.4554 0.4232 0.0251  -0.0164 -0.0584 28 ILE B CD1 
980 N N   . GLU B 29 ? 0.5961 0.4516 0.6914 -0.0230 0.1013  -0.0053 29 GLU B N   
981 C CA  . GLU B 29 ? 0.7310 0.5623 0.8703 -0.0395 0.1432  -0.0132 29 GLU B CA  
982 C C   . GLU B 29 ? 0.8565 0.7457 1.0769 -0.0505 0.1348  0.0044  29 GLU B C   
983 O O   . GLU B 29 ? 0.8717 0.7402 1.0752 -0.0708 0.1431  -0.0090 29 GLU B O   
984 C CB  . GLU B 29 ? 0.7304 0.5557 0.9327 -0.0306 0.1822  -0.0084 29 GLU B CB  
985 C CG  . GLU B 29 ? 0.7801 0.5409 0.9073 -0.0215 0.1961  -0.0279 29 GLU B CG  
986 C CD  . GLU B 29 ? 0.8194 0.5670 1.0071 -0.0156 0.2385  -0.0262 29 GLU B CD  
987 O OE1 . GLU B 29 ? 0.8675 0.5915 0.9948 -0.0216 0.2528  -0.0438 29 GLU B OE1 
988 O OE2 . GLU B 29 ? 0.7970 0.6023 1.0830 -0.0048 0.2389  -0.0007 29 GLU B OE2 
# 
loop_
_pdbx_poly_seq_scheme.asym_id 
_pdbx_poly_seq_scheme.entity_id 
_pdbx_poly_seq_scheme.seq_id 
_pdbx_poly_seq_scheme.mon_id 
_pdbx_poly_seq_scheme.ndb_seq_num 
_pdbx_poly_seq_scheme.pdb_seq_num 
_pdbx_poly_seq_scheme.auth_seq_num 
_pdbx_poly_seq_scheme.pdb_mon_id 
_pdbx_poly_seq_scheme.auth_mon_id 
_pdbx_poly_seq_scheme.pdb_strand_id 
_pdbx_poly_seq_scheme.pdb_ins_code 
_pdbx_poly_seq_scheme.hetero 
A 1 1  ACE 1  1  1  ACE ACE A . n 
A 1 2  GLU 2  2  2  GLU GLU A . n 
A 1 3  LEU 3  3  3  LEU LEU A . n 
A 1 4  ALA 4  4  4  ALA ALA A . n 
A 1 5  GLN 5  5  5  GLN GLN A . n 
A 1 6  ALA 6  6  6  ALA ALA A . n 
A 1 7  PHE 7  7  7  PHE PHE A . n 
A 1 8  LYS 8  8  8  LYS LYS A . n 
A 1 9  GLU 9  9  9  GLU GLU A . n 
A 1 10 ILE 10 10 10 ILE ILE A . n 
A 1 11 ALA 11 11 11 ALA ALA A . n 
A 1 12 LYS 12 12 12 LYS LYS A . n 
A 1 13 ALA 13 13 13 ALA ALA A . n 
A 1 14 PHE 14 14 14 PHE PHE A . n 
A 1 15 LYS 15 15 15 LYS LYS A . n 
A 1 16 GLU 16 16 16 GLU GLU A . n 
A 1 17 ILE 17 17 17 ILE ILE A . n 
A 1 18 ALA 18 18 18 ALA ALA A . n 
A 1 19 LYS 19 19 19 LYS LYS A . n 
A 1 20 ALA 20 20 20 ALA ALA A . n 
A 1 21 PHE 21 21 21 PHE PHE A . n 
A 1 22 GLU 22 22 22 GLU GLU A . n 
A 1 23 PHI 23 23 23 PHI PHI A . n 
A 1 24 ILE 24 24 24 ILE ILE A . n 
A 1 25 ALA 25 25 25 ALA ALA A . n 
A 1 26 GLN 26 26 26 GLN GLN A . n 
A 1 27 ALA 27 27 27 ALA ALA A . n 
A 1 28 ILE 28 28 28 ILE ILE A . n 
A 1 29 GLU 29 29 29 GLU GLU A . n 
A 1 30 LYS 30 30 30 LYS LYA A . n 
A 1 31 NH2 31 31 30 NH2 LYA A . n 
B 1 1  ACE 1  1  1  ACE ACE B . n 
B 1 2  GLU 2  2  2  GLU GLU B . n 
B 1 3  LEU 3  3  3  LEU LEU B . n 
B 1 4  ALA 4  4  4  ALA ALA B . n 
B 1 5  GLN 5  5  5  GLN GLN B . n 
B 1 6  ALA 6  6  6  ALA ALA B . n 
B 1 7  PHE 7  7  7  PHE PHE B . n 
B 1 8  LYS 8  8  8  LYS LYS B . n 
B 1 9  GLU 9  9  9  GLU GLU B . n 
B 1 10 ILE 10 10 10 ILE ILE B . n 
B 1 11 ALA 11 11 11 ALA ALA B . n 
B 1 12 LYS 12 12 12 LYS LYS B . n 
B 1 13 ALA 13 13 13 ALA ALA B . n 
B 1 14 PHE 14 14 14 PHE PHE B . n 
B 1 15 LYS 15 15 15 LYS LYS B . n 
B 1 16 GLU 16 16 16 GLU GLU B . n 
B 1 17 ILE 17 17 17 ILE ILE B . n 
B 1 18 ALA 18 18 18 ALA ALA B . n 
B 1 19 LYS 19 19 19 LYS LYS B . n 
B 1 20 ALA 20 20 20 ALA ALA B . n 
B 1 21 PHE 21 21 21 PHE PHE B . n 
B 1 22 GLU 22 22 22 GLU GLU B . n 
B 1 23 PHI 23 23 23 PHI PHI B . n 
B 1 24 ILE 24 24 24 ILE ILE B . n 
B 1 25 ALA 25 25 25 ALA ALA B . n 
B 1 26 GLN 26 26 26 GLN GLN B . n 
B 1 27 ALA 27 27 27 ALA ALA B . n 
B 1 28 ILE 28 28 28 ILE ILE B . n 
B 1 29 GLU 29 29 29 GLU GLU B . n 
B 1 30 LYS 30 30 30 LYS LYA B . n 
B 1 31 NH2 31 31 30 NH2 LYA B . n 
# 
loop_
_pdbx_nonpoly_scheme.asym_id 
_pdbx_nonpoly_scheme.entity_id 
_pdbx_nonpoly_scheme.mon_id 
_pdbx_nonpoly_scheme.ndb_seq_num 
_pdbx_nonpoly_scheme.pdb_seq_num 
_pdbx_nonpoly_scheme.auth_seq_num 
_pdbx_nonpoly_scheme.pdb_mon_id 
_pdbx_nonpoly_scheme.auth_mon_id 
_pdbx_nonpoly_scheme.pdb_strand_id 
_pdbx_nonpoly_scheme.pdb_ins_code 
C 2 CL  1 101 1  CL  CL  A . 
D 3 HOH 1 201 9  HOH HOH A . 
D 3 HOH 2 202 3  HOH HOH A . 
D 3 HOH 3 203 2  HOH HOH A . 
D 3 HOH 4 204 1  HOH HOH A . 
D 3 HOH 5 205 11 HOH HOH A . 
E 3 HOH 1 201 7  HOH HOH B . 
E 3 HOH 2 202 6  HOH HOH B . 
E 3 HOH 3 203 8  HOH HOH B . 
E 3 HOH 4 204 4  HOH HOH B . 
E 3 HOH 5 205 5  HOH HOH B . 
E 3 HOH 6 206 10 HOH HOH B . 
# 
loop_
_pdbx_struct_assembly.id 
_pdbx_struct_assembly.details 
_pdbx_struct_assembly.method_details 
_pdbx_struct_assembly.oligomeric_details 
_pdbx_struct_assembly.oligomeric_count 
1 author_and_software_defined_assembly PISA hexameric 6 
2 author_and_software_defined_assembly PISA hexameric 6 
# 
loop_
_pdbx_struct_assembly_gen.assembly_id 
_pdbx_struct_assembly_gen.oper_expression 
_pdbx_struct_assembly_gen.asym_id_list 
1 1,2,4,9,10,11 A,C,D 
2 1,3,5,6,7,8   B,E   
# 
loop_
_pdbx_struct_assembly_prop.biol_id 
_pdbx_struct_assembly_prop.type 
_pdbx_struct_assembly_prop.value 
_pdbx_struct_assembly_prop.details 
1 'ABSA (A^2)' 12130 ? 
1 MORE         -158  ? 
1 'SSA (A^2)'  8770  ? 
2 'ABSA (A^2)' 11560 ? 
2 MORE         -109  ? 
2 'SSA (A^2)'  9130  ? 
# 
loop_
_pdbx_struct_oper_list.id 
_pdbx_struct_oper_list.type 
_pdbx_struct_oper_list.name 
_pdbx_struct_oper_list.symmetry_operation 
_pdbx_struct_oper_list.matrix[1][1] 
_pdbx_struct_oper_list.matrix[1][2] 
_pdbx_struct_oper_list.matrix[1][3] 
_pdbx_struct_oper_list.vector[1] 
_pdbx_struct_oper_list.matrix[2][1] 
_pdbx_struct_oper_list.matrix[2][2] 
_pdbx_struct_oper_list.matrix[2][3] 
_pdbx_struct_oper_list.vector[2] 
_pdbx_struct_oper_list.matrix[3][1] 
_pdbx_struct_oper_list.matrix[3][2] 
_pdbx_struct_oper_list.matrix[3][3] 
_pdbx_struct_oper_list.vector[3] 
1  'identity operation'         1_555  x,y,z                  1.0000000000  0.0000000000  0.0000000000  0.0000000000   0.0000000000  1.0000000000  0.0000000000  0.0000000000   0.0000000000  0.0000000000  1.0000000000  0.0000000000   
2  'crystal symmetry operation' 2_665  -y+1,x-y+1,z           0.2014408451  0.7892452368  -0.5800978729 -19.1503243901 0.7042155539  0.2949441314  0.6458238250  17.6855745001  0.6808098410  -0.5386092420 -0.4963849765 4.4972546924   
3  'crystal symmetry operation' 2_555  -y,x-y,z               0.2014408451  0.7892452368  -0.5800978729 18.9197100015  0.7042155539  0.2949441314  0.6458238250  -17.4872174064 0.6808098410  -0.5386092420 -0.4963849765 -4.2263220349  
4  'crystal symmetry operation' 3_565  -x+y,-x+1,z            0.2014408451  0.7042155539  0.6808098410  -11.6585743658 0.7892452368  0.2949441314  -0.5386092420 12.3203088397  -0.5800978729 0.6458238250  -0.4963849765 -20.2984581500 
5  'crystal symmetry operation' 3_555  -x+y,-x,z              0.2014408451  0.7042155539  0.6808098410  11.3808897525  0.7892452368  0.2949441314  -0.5386092420 -12.0508749590 -0.5800978729 0.6458238250  -0.4963849765 20.1710623980  
6  'crystal symmetry operation' 4_555  y,x,-z                 0.0492665327  -0.9694142387 -0.2404346949 14.1373578973  -0.9694142387 -0.1043610589 0.2221369018  11.3653826874  -0.2404346949 0.2221369018  -0.9449054738 15.8716390642  
7  'crystal symmetry operation' 5_555  x-y,-y,-z              -0.8364425995 -0.1175393156 -0.5353020521 33.0379784065  -0.1175393156 -0.9155312406 0.3846908588  -6.0894911375  -0.5353020521 0.3846908588  0.7519738401  11.4316028898  
8  'crystal symmetry operation' 6_555  -x,-x+y,-z             -0.6157056233 -0.4065072364 0.6750247789  21.5305214144  -0.4065072364 -0.5699959633 -0.7140423437 6.0709654908   0.6750247789  -0.7140423437 0.1857015867  -8.6014129907  
9  'crystal symmetry operation' 10_455 y-1/3,x+1/3,-z+1/3     0.0492665327  -0.9694142387 -0.2404346949 -9.7402064065  -0.9694142387 -0.1043610589 0.2221369018  -6.6886795361  -0.2404346949 0.2221369018  -0.9449054738 -15.5384039889 
10 'crystal symmetry operation' 11_565 x-y+2/3,-y+4/3,-z+1/3  -0.8364425995 -0.1175393156 -0.5353020521 -28.9096202889 -0.1175393156 -0.9155312406 0.3846908588  11.0292385456  -0.5353020521 0.3846908588  0.7519738401  -11.2548634359 
11 'crystal symmetry operation' 12_555 -x+2/3,-x+y+1/3,-z+1/3 -0.6157056233 -0.4065072364 0.6750247789  -17.3776131627 -0.4065072364 -0.5699959633 -0.7140423437 -1.1814886248  0.6750247789  -0.7140423437 0.1857015867  9.1816412316 
# 
loop_
_pdbx_struct_special_symmetry.id 
_pdbx_struct_special_symmetry.PDB_model_num 
_pdbx_struct_special_symmetry.auth_asym_id 
_pdbx_struct_special_symmetry.auth_comp_id 
_pdbx_struct_special_symmetry.auth_seq_id 
_pdbx_struct_special_symmetry.PDB_ins_code 
_pdbx_struct_special_symmetry.label_asym_id 
_pdbx_struct_special_symmetry.label_comp_id 
_pdbx_struct_special_symmetry.label_seq_id 
1 1 A CL  101 ? C CL  . 
2 1 B HOH 203 ? E HOH . 
# 
loop_
_pdbx_audit_revision_history.ordinal 
_pdbx_audit_revision_history.data_content_type 
_pdbx_audit_revision_history.major_revision 
_pdbx_audit_revision_history.minor_revision 
_pdbx_audit_revision_history.revision_date 
1 'Structure model' 1 0 2017-10-04 
2 'Structure model' 1 1 2017-10-11 
3 'Structure model' 1 2 2017-10-25 
4 'Structure model' 2 0 2022-12-14 
# 
_pdbx_audit_revision_details.ordinal             1 
_pdbx_audit_revision_details.revision_ordinal    1 
_pdbx_audit_revision_details.data_content_type   'Structure model' 
_pdbx_audit_revision_details.provider            repository 
_pdbx_audit_revision_details.type                'Initial release' 
_pdbx_audit_revision_details.description         ? 
_pdbx_audit_revision_details.details             ? 
# 
loop_
_pdbx_audit_revision_group.ordinal 
_pdbx_audit_revision_group.revision_ordinal 
_pdbx_audit_revision_group.data_content_type 
_pdbx_audit_revision_group.group 
1  2 'Structure model' 'Database references'     
2  3 'Structure model' 'Database references'     
3  4 'Structure model' 'Atomic model'            
4  4 'Structure model' 'Data collection'         
5  4 'Structure model' 'Database references'     
6  4 'Structure model' 'Derived calculations'    
7  4 'Structure model' 'Non-polymer description' 
8  4 'Structure model' 'Polymer sequence'        
9  4 'Structure model' 'Source and taxonomy'     
10 4 'Structure model' 'Structure summary'       
# 
loop_
_pdbx_audit_revision_category.ordinal 
_pdbx_audit_revision_category.revision_ordinal 
_pdbx_audit_revision_category.data_content_type 
_pdbx_audit_revision_category.category 
1  2 'Structure model' citation                     
2  3 'Structure model' citation                     
3  4 'Structure model' atom_site                    
4  4 'Structure model' atom_site_anisotrop          
5  4 'Structure model' chem_comp                    
6  4 'Structure model' database_2                   
7  4 'Structure model' entity                       
8  4 'Structure model' entity_poly                  
9  4 'Structure model' entity_poly_seq              
10 4 'Structure model' pdbx_entity_nonpoly          
11 4 'Structure model' pdbx_entity_src_syn          
12 4 'Structure model' pdbx_nonpoly_scheme          
13 4 'Structure model' pdbx_poly_seq_scheme         
14 4 'Structure model' pdbx_struct_assembly_gen     
15 4 'Structure model' pdbx_struct_special_symmetry 
16 4 'Structure model' pdbx_validate_rmsd_bond      
17 4 'Structure model' struct_asym                  
18 4 'Structure model' struct_conf                  
19 4 'Structure model' struct_conn                  
20 4 'Structure model' struct_ref_seq               
# 
loop_
_pdbx_audit_revision_item.ordinal 
_pdbx_audit_revision_item.revision_ordinal 
_pdbx_audit_revision_item.data_content_type 
_pdbx_audit_revision_item.item 
1  2 'Structure model' '_citation.title'                             
2  3 'Structure model' '_citation.journal_volume'                    
3  3 'Structure model' '_citation.page_first'                        
4  3 'Structure model' '_citation.page_last'                         
5  4 'Structure model' '_atom_site.B_iso_or_equiv'                   
6  4 'Structure model' '_atom_site.Cartn_x'                          
7  4 'Structure model' '_atom_site.Cartn_y'                          
8  4 'Structure model' '_atom_site.Cartn_z'                          
9  4 'Structure model' '_atom_site.auth_asym_id'                     
10 4 'Structure model' '_atom_site.auth_atom_id'                     
11 4 'Structure model' '_atom_site.auth_comp_id'                     
12 4 'Structure model' '_atom_site.auth_seq_id'                      
13 4 'Structure model' '_atom_site.group_PDB'                        
14 4 'Structure model' '_atom_site.label_alt_id'                     
15 4 'Structure model' '_atom_site.label_asym_id'                    
16 4 'Structure model' '_atom_site.label_atom_id'                    
17 4 'Structure model' '_atom_site.label_comp_id'                    
18 4 'Structure model' '_atom_site.label_entity_id'                  
19 4 'Structure model' '_atom_site.label_seq_id'                     
20 4 'Structure model' '_atom_site.occupancy'                        
21 4 'Structure model' '_atom_site.type_symbol'                      
22 4 'Structure model' '_atom_site_anisotrop.id'                     
23 4 'Structure model' '_chem_comp.formula'                          
24 4 'Structure model' '_chem_comp.formula_weight'                   
25 4 'Structure model' '_chem_comp.id'                               
26 4 'Structure model' '_chem_comp.mon_nstd_flag'                    
27 4 'Structure model' '_chem_comp.name'                             
28 4 'Structure model' '_chem_comp.type'                             
29 4 'Structure model' '_database_2.pdbx_DOI'                        
30 4 'Structure model' '_database_2.pdbx_database_accession'         
31 4 'Structure model' '_entity_poly.pdbx_seq_one_letter_code'       
32 4 'Structure model' '_entity_poly.pdbx_seq_one_letter_code_can'   
33 4 'Structure model' '_pdbx_entity_src_syn.pdbx_end_seq_num'       
34 4 'Structure model' '_pdbx_struct_assembly_gen.asym_id_list'      
35 4 'Structure model' '_pdbx_struct_special_symmetry.auth_seq_id'   
36 4 'Structure model' '_pdbx_struct_special_symmetry.label_asym_id' 
37 4 'Structure model' '_struct_conf.end_auth_comp_id'               
38 4 'Structure model' '_struct_conf.end_auth_seq_id'                
39 4 'Structure model' '_struct_conf.end_label_comp_id'              
40 4 'Structure model' '_struct_conf.end_label_seq_id'               
41 4 'Structure model' '_struct_conf.pdbx_PDB_helix_length'          
42 4 'Structure model' '_struct_conn.pdbx_dist_value'                
43 4 'Structure model' '_struct_conn.ptnr1_auth_comp_id'             
44 4 'Structure model' '_struct_conn.ptnr1_auth_seq_id'              
45 4 'Structure model' '_struct_conn.ptnr1_label_comp_id'            
46 4 'Structure model' '_struct_conn.ptnr1_label_seq_id'             
47 4 'Structure model' '_struct_conn.ptnr2_auth_comp_id'             
48 4 'Structure model' '_struct_conn.ptnr2_auth_seq_id'              
49 4 'Structure model' '_struct_conn.ptnr2_label_asym_id'            
50 4 'Structure model' '_struct_conn.ptnr2_label_comp_id'            
51 4 'Structure model' '_struct_conn.ptnr2_label_seq_id'             
52 4 'Structure model' '_struct_ref_seq.db_align_end'                
53 4 'Structure model' '_struct_ref_seq.pdbx_auth_seq_align_end'     
54 4 'Structure model' '_struct_ref_seq.seq_align_end'               
# 
loop_
_pdbx_refine_tls.pdbx_refine_id 
_pdbx_refine_tls.id 
_pdbx_refine_tls.details 
_pdbx_refine_tls.method 
_pdbx_refine_tls.origin_x 
_pdbx_refine_tls.origin_y 
_pdbx_refine_tls.origin_z 
_pdbx_refine_tls.T[1][1] 
_pdbx_refine_tls.T[2][2] 
_pdbx_refine_tls.T[3][3] 
_pdbx_refine_tls.T[1][2] 
_pdbx_refine_tls.T[1][3] 
_pdbx_refine_tls.T[2][3] 
_pdbx_refine_tls.L[1][1] 
_pdbx_refine_tls.L[2][2] 
_pdbx_refine_tls.L[3][3] 
_pdbx_refine_tls.L[1][2] 
_pdbx_refine_tls.L[1][3] 
_pdbx_refine_tls.L[2][3] 
_pdbx_refine_tls.S[1][1] 
_pdbx_refine_tls.S[1][2] 
_pdbx_refine_tls.S[1][3] 
_pdbx_refine_tls.S[2][1] 
_pdbx_refine_tls.S[2][2] 
_pdbx_refine_tls.S[2][3] 
_pdbx_refine_tls.S[3][1] 
_pdbx_refine_tls.S[3][2] 
_pdbx_refine_tls.S[3][3] 
'X-RAY DIFFRACTION' 1 ? refined -9.3536 -1.5833 -2.8722 0.4480 0.3538 0.4502 0.0899 -0.0968 0.0056 2.7166 5.9727 2.5325 1.0026 0.3074 0.3571 0.9926  -0.4082 -0.8569 1.0294  -0.5229 -0.8050 0.2582  -0.2101 -0.0504 
'X-RAY DIFFRACTION' 2 ? refined 10.0593 2.8388  2.9472  0.2226 0.3438 0.3954 0.1034 0.0309  0.1712 1.0109 3.2429 1.7020 0.8123 1.2948 1.4020 -0.5282 0.6259  1.0272  -0.5048 -0.1164 0.9878  -0.0444 -0.0335 -0.4361 
# 
loop_
_pdbx_refine_tls_group.pdbx_refine_id 
_pdbx_refine_tls_group.id 
_pdbx_refine_tls_group.refine_tls_id 
_pdbx_refine_tls_group.beg_auth_asym_id 
_pdbx_refine_tls_group.beg_auth_seq_id 
_pdbx_refine_tls_group.beg_label_asym_id 
_pdbx_refine_tls_group.beg_label_seq_id 
_pdbx_refine_tls_group.end_auth_asym_id 
_pdbx_refine_tls_group.end_auth_seq_id 
_pdbx_refine_tls_group.end_label_asym_id 
_pdbx_refine_tls_group.end_label_seq_id 
_pdbx_refine_tls_group.selection 
_pdbx_refine_tls_group.selection_details 
'X-RAY DIFFRACTION' 1 1 ? ? ? ? ? ? ? ? ? 
;chain 'A' and (resid 1 through 29 )
;
'X-RAY DIFFRACTION' 2 2 ? ? ? ? ? ? ? ? ? 
;chain 'B' and (resid 1 through 29 )
;
# 
loop_
_software.citation_id 
_software.classification 
_software.compiler_name 
_software.compiler_version 
_software.contact_author 
_software.contact_author_email 
_software.date 
_software.description 
_software.dependencies 
_software.hardware 
_software.language 
_software.location 
_software.mods 
_software.name 
_software.os 
_software.os_version 
_software.type 
_software.version 
_software.pdbx_ordinal 
? refinement       ? ? ? ? ? ? ? ? ? ? ? PHENIX  ? ? ? '(1.11.1_2575: ???)' 1 
? 'data reduction' ? ? ? ? ? ? ? ? ? ? ? iMOSFLM ? ? ? .                    2 
? 'data scaling'   ? ? ? ? ? ? ? ? ? ? ? Aimless ? ? ? .                    3 
? phasing          ? ? ? ? ? ? ? ? ? ? ? PHASER  ? ? ? .                    4 
# 
loop_
_pdbx_validate_close_contact.id 
_pdbx_validate_close_contact.PDB_model_num 
_pdbx_validate_close_contact.auth_atom_id_1 
_pdbx_validate_close_contact.auth_asym_id_1 
_pdbx_validate_close_contact.auth_comp_id_1 
_pdbx_validate_close_contact.auth_seq_id_1 
_pdbx_validate_close_contact.PDB_ins_code_1 
_pdbx_validate_close_contact.label_alt_id_1 
_pdbx_validate_close_contact.auth_atom_id_2 
_pdbx_validate_close_contact.auth_asym_id_2 
_pdbx_validate_close_contact.auth_comp_id_2 
_pdbx_validate_close_contact.auth_seq_id_2 
_pdbx_validate_close_contact.PDB_ins_code_2 
_pdbx_validate_close_contact.label_alt_id_2 
_pdbx_validate_close_contact.dist 
1 1 HZ3 A LYS 19  ? B O A HOH 201 ? ? 1.58 
2 1 O   A HOH 203 ? ? O A HOH 204 ? ? 2.07 
3 1 O   A HOH 205 ? ? O B HOH 206 ? ? 2.16 
# 
loop_
_pdbx_validate_rmsd_bond.id 
_pdbx_validate_rmsd_bond.PDB_model_num 
_pdbx_validate_rmsd_bond.auth_atom_id_1 
_pdbx_validate_rmsd_bond.auth_asym_id_1 
_pdbx_validate_rmsd_bond.auth_comp_id_1 
_pdbx_validate_rmsd_bond.auth_seq_id_1 
_pdbx_validate_rmsd_bond.PDB_ins_code_1 
_pdbx_validate_rmsd_bond.label_alt_id_1 
_pdbx_validate_rmsd_bond.auth_atom_id_2 
_pdbx_validate_rmsd_bond.auth_asym_id_2 
_pdbx_validate_rmsd_bond.auth_comp_id_2 
_pdbx_validate_rmsd_bond.auth_seq_id_2 
_pdbx_validate_rmsd_bond.PDB_ins_code_2 
_pdbx_validate_rmsd_bond.label_alt_id_2 
_pdbx_validate_rmsd_bond.bond_value 
_pdbx_validate_rmsd_bond.bond_target_value 
_pdbx_validate_rmsd_bond.bond_deviation 
_pdbx_validate_rmsd_bond.bond_standard_deviation 
_pdbx_validate_rmsd_bond.linker_flag 
1 1 N A LYS 30 ? ? CA A LYS 30 ? ? 1.297 1.459 -0.162 0.020 N 
2 1 N B LYS 30 ? ? CA B LYS 30 ? ? 1.293 1.459 -0.166 0.020 N 
# 
loop_
_pdbx_entity_nonpoly.entity_id 
_pdbx_entity_nonpoly.name 
_pdbx_entity_nonpoly.comp_id 
2 'CHLORIDE ION' CL  
3 water          HOH 
# 
_pdbx_struct_assembly_auth_evidence.id                     1 
_pdbx_struct_assembly_auth_evidence.assembly_id            1 
_pdbx_struct_assembly_auth_evidence.experimental_support   'gel filtration' 
_pdbx_struct_assembly_auth_evidence.details                'Hexamer by SEC' 
# 
